data_6S2D
#
_entry.id   6S2D
#
_cell.length_a   1.000
_cell.length_b   1.000
_cell.length_c   1.000
_cell.angle_alpha   90.00
_cell.angle_beta   90.00
_cell.angle_gamma   90.00
#
_symmetry.space_group_name_H-M   'P 1'
#
_entity_poly.entity_id   1
_entity_poly.type   'polypeptide(L)'
_entity_poly.pdbx_seq_one_letter_code
;GKGRWLERIGKAGGIIIGGALDHL
;
_entity_poly.pdbx_strand_id   A
#
# COMPACT_ATOMS: atom_id res chain seq x y z
N GLY A 1 -1.65 21.18 -14.95
CA GLY A 1 -0.40 20.49 -14.69
C GLY A 1 -0.61 19.12 -14.10
N LYS A 2 -0.42 18.08 -14.92
CA LYS A 2 -0.60 16.71 -14.46
C LYS A 2 0.59 16.27 -13.63
N GLY A 3 1.15 17.19 -12.86
CA GLY A 3 2.30 16.89 -12.02
C GLY A 3 2.14 15.83 -11.19
N ARG A 4 1.09 16.11 -10.47
CA ARG A 4 1.00 15.48 -9.31
C ARG A 4 0.95 13.98 -9.48
N TRP A 5 0.79 13.61 -10.73
CA TRP A 5 0.72 12.20 -11.12
C TRP A 5 1.78 11.40 -10.36
N LEU A 6 2.79 12.10 -9.84
CA LEU A 6 3.87 11.49 -9.07
C LEU A 6 3.79 11.89 -7.60
N GLU A 7 3.14 13.02 -7.31
CA GLU A 7 3.01 13.49 -5.93
C GLU A 7 1.77 12.89 -5.27
N ARG A 8 1.09 12.00 -6.00
CA ARG A 8 -0.11 11.36 -5.49
C ARG A 8 0.19 10.66 -4.17
N ILE A 9 1.21 9.82 -4.16
CA ILE A 9 1.59 9.10 -2.94
C ILE A 9 2.97 8.45 -3.12
N GLY A 10 3.14 7.74 -4.23
CA GLY A 10 4.39 7.07 -4.51
C GLY A 10 4.65 5.91 -3.57
N LYS A 11 4.92 6.22 -2.30
CA LYS A 11 5.16 5.18 -1.31
C LYS A 11 3.95 4.27 -1.18
N ALA A 12 4.09 3.05 -1.68
CA ALA A 12 2.99 2.09 -1.62
C ALA A 12 2.93 1.49 -0.23
N GLY A 13 2.98 2.35 0.78
CA GLY A 13 2.93 1.91 2.15
C GLY A 13 3.94 0.80 2.42
N GLY A 14 5.19 1.06 2.06
CA GLY A 14 6.24 0.07 2.25
C GLY A 14 6.09 -1.10 1.30
N ILE A 15 5.62 -0.82 0.10
CA ILE A 15 5.43 -1.86 -0.91
C ILE A 15 4.43 -2.89 -0.41
N ILE A 16 3.18 -2.47 -0.23
CA ILE A 16 2.12 -3.38 0.25
C ILE A 16 0.82 -3.13 -0.53
N ILE A 17 0.41 -1.88 -0.63
CA ILE A 17 -0.81 -1.57 -1.39
C ILE A 17 -0.47 -1.58 -2.88
N GLY A 18 0.81 -1.42 -3.16
CA GLY A 18 1.31 -1.44 -4.53
C GLY A 18 1.80 -2.82 -4.90
N GLY A 19 2.61 -3.41 -4.04
CA GLY A 19 3.14 -4.74 -4.29
C GLY A 19 2.02 -5.77 -4.39
N ALA A 20 1.01 -5.62 -3.55
CA ALA A 20 -0.12 -6.55 -3.57
C ALA A 20 -0.82 -6.52 -4.92
N LEU A 21 -0.80 -5.36 -5.56
CA LEU A 21 -1.43 -5.19 -6.87
C LEU A 21 -2.92 -5.52 -6.78
N ASP A 22 -3.75 -4.49 -6.90
CA ASP A 22 -5.19 -4.67 -6.85
C ASP A 22 -5.61 -5.42 -5.58
N HIS A 23 -4.76 -5.34 -4.56
CA HIS A 23 -5.04 -6.02 -3.30
C HIS A 23 -5.40 -7.48 -3.54
N LEU A 24 -4.65 -8.14 -4.41
CA LEU A 24 -4.89 -9.55 -4.72
C LEU A 24 -4.60 -10.40 -3.48
N GLY A 1 5.99 22.15 3.97
CA GLY A 1 4.57 22.10 3.61
C GLY A 1 4.17 20.73 3.10
N LYS A 2 3.82 19.84 4.01
CA LYS A 2 3.41 18.49 3.64
C LYS A 2 4.45 17.86 2.71
N GLY A 3 5.71 18.26 2.88
CA GLY A 3 6.78 17.72 2.07
C GLY A 3 6.86 16.38 2.00
N ARG A 4 6.99 15.98 3.23
CA ARG A 4 7.54 14.79 3.40
C ARG A 4 6.74 13.70 2.73
N TRP A 5 5.55 14.11 2.35
CA TRP A 5 4.61 13.21 1.67
C TRP A 5 5.34 12.36 0.63
N LEU A 6 6.54 12.82 0.24
CA LEU A 6 7.37 12.12 -0.74
C LEU A 6 8.71 11.71 -0.13
N GLU A 7 9.07 12.29 1.03
CA GLU A 7 10.33 11.94 1.67
C GLU A 7 10.16 10.70 2.55
N ARG A 8 8.91 10.35 2.83
CA ARG A 8 8.61 9.18 3.64
C ARG A 8 8.74 7.91 2.82
N ILE A 9 8.88 6.77 3.49
CA ILE A 9 9.01 5.48 2.81
C ILE A 9 7.63 4.96 2.40
N GLY A 10 6.67 5.87 2.30
CA GLY A 10 5.32 5.50 1.92
C GLY A 10 5.24 4.96 0.51
N LYS A 11 4.47 5.65 -0.34
CA LYS A 11 4.29 5.25 -1.73
C LYS A 11 3.42 4.01 -1.84
N ALA A 12 3.48 3.15 -0.84
CA ALA A 12 2.68 1.93 -0.83
C ALA A 12 2.77 1.24 0.53
N GLY A 13 2.88 2.05 1.58
CA GLY A 13 2.98 1.52 2.93
C GLY A 13 4.02 0.43 3.02
N GLY A 14 5.15 0.63 2.33
CA GLY A 14 6.21 -0.36 2.34
C GLY A 14 5.94 -1.48 1.35
N ILE A 15 5.53 -1.10 0.15
CA ILE A 15 5.23 -2.08 -0.90
C ILE A 15 4.12 -3.01 -0.44
N ILE A 16 2.92 -2.45 -0.35
CA ILE A 16 1.74 -3.20 0.06
C ILE A 16 0.60 -2.91 -0.91
N ILE A 17 0.29 -1.64 -1.10
CA ILE A 17 -0.78 -1.24 -2.02
C ILE A 17 -0.32 -1.53 -3.45
N GLY A 18 0.89 -1.06 -3.77
CA GLY A 18 1.45 -1.27 -5.09
C GLY A 18 1.87 -2.72 -5.30
N GLY A 19 2.64 -3.24 -4.36
CA GLY A 19 3.10 -4.61 -4.44
C GLY A 19 1.94 -5.59 -4.39
N ALA A 20 0.97 -5.30 -3.53
CA ALA A 20 -0.20 -6.16 -3.40
C ALA A 20 0.24 -7.59 -3.07
N LEU A 21 1.15 -7.73 -2.11
CA LEU A 21 1.64 -9.05 -1.70
C LEU A 21 0.79 -9.61 -0.58
N ASP A 22 0.14 -8.72 0.17
CA ASP A 22 -0.71 -9.13 1.28
C ASP A 22 -1.79 -10.10 0.81
N HIS A 23 -1.50 -11.40 0.92
CA HIS A 23 -2.45 -12.43 0.50
C HIS A 23 -2.85 -12.24 -0.95
N LEU A 24 -2.18 -11.31 -1.63
CA LEU A 24 -2.47 -11.02 -3.05
C LEU A 24 -1.17 -11.04 -3.86
N GLY A 1 3.22 -3.39 23.96
CA GLY A 1 3.02 -4.76 24.41
C GLY A 1 1.59 -5.22 24.18
N LYS A 2 0.74 -4.31 23.72
CA LYS A 2 -0.65 -4.65 23.46
C LYS A 2 -1.34 -3.50 22.72
N GLY A 3 -2.66 -3.60 22.59
CA GLY A 3 -3.43 -2.56 21.90
C GLY A 3 -3.64 -2.78 20.58
N ARG A 4 -2.45 -2.87 20.06
CA ARG A 4 -2.37 -2.62 18.76
C ARG A 4 -3.21 -3.57 17.94
N TRP A 5 -3.66 -4.58 18.66
CA TRP A 5 -4.50 -5.63 18.06
C TRP A 5 -5.54 -4.99 17.13
N LEU A 6 -5.78 -3.69 17.32
CA LEU A 6 -6.72 -2.93 16.50
C LEU A 6 -5.98 -1.94 15.62
N GLU A 7 -4.77 -1.53 16.03
CA GLU A 7 -3.98 -0.59 15.24
C GLU A 7 -3.08 -1.34 14.26
N ARG A 8 -3.28 -2.66 14.17
CA ARG A 8 -2.49 -3.48 13.26
C ARG A 8 -2.52 -2.90 11.85
N ILE A 9 -1.61 -1.99 11.57
CA ILE A 9 -1.55 -1.37 10.25
C ILE A 9 -1.02 -2.38 9.22
N GLY A 10 -1.90 -2.79 8.31
CA GLY A 10 -1.52 -3.75 7.28
C GLY A 10 -0.77 -3.08 6.14
N LYS A 11 -1.12 -1.83 5.87
CA LYS A 11 -0.48 -1.08 4.80
C LYS A 11 0.92 -0.65 5.22
N ALA A 12 1.91 -1.45 4.84
CA ALA A 12 3.30 -1.13 5.18
C ALA A 12 3.74 0.16 4.50
N GLY A 13 2.83 0.76 3.73
CA GLY A 13 3.14 1.99 3.03
C GLY A 13 4.43 1.89 2.25
N GLY A 14 4.56 0.84 1.45
CA GLY A 14 5.77 0.63 0.67
C GLY A 14 5.58 -0.43 -0.38
N ILE A 15 4.99 -1.57 0.01
CA ILE A 15 4.75 -2.67 -0.91
C ILE A 15 3.56 -3.51 -0.45
N ILE A 16 2.39 -2.86 -0.38
CA ILE A 16 1.16 -3.53 0.05
C ILE A 16 -0.02 -2.94 -0.73
N ILE A 17 -0.07 -1.62 -0.82
CA ILE A 17 -1.15 -0.94 -1.53
C ILE A 17 -0.86 -0.92 -3.03
N GLY A 18 0.13 -1.70 -3.45
CA GLY A 18 0.50 -1.77 -4.85
C GLY A 18 1.49 -2.88 -5.13
N GLY A 19 2.49 -3.00 -4.26
CA GLY A 19 3.50 -4.04 -4.43
C GLY A 19 2.90 -5.42 -4.37
N ALA A 20 1.71 -5.53 -3.79
CA ALA A 20 1.04 -6.82 -3.67
C ALA A 20 0.86 -7.45 -5.05
N LEU A 21 0.35 -6.66 -5.99
CA LEU A 21 0.13 -7.16 -7.35
C LEU A 21 -0.82 -8.35 -7.31
N ASP A 22 -2.08 -8.09 -7.64
CA ASP A 22 -3.09 -9.16 -7.65
C ASP A 22 -4.40 -8.66 -8.25
N HIS A 23 -4.94 -7.59 -7.67
CA HIS A 23 -6.19 -7.01 -8.16
C HIS A 23 -6.38 -5.61 -7.61
N LEU A 24 -5.29 -4.91 -7.35
CA LEU A 24 -5.34 -3.56 -6.81
C LEU A 24 -6.33 -2.70 -7.61
N GLY A 1 -2.04 0.89 26.15
CA GLY A 1 -2.19 -0.54 26.42
C GLY A 1 -2.27 -1.34 25.14
N LYS A 2 -2.54 -2.64 25.28
CA LYS A 2 -2.66 -3.52 24.12
C LYS A 2 -3.86 -3.12 23.27
N GLY A 3 -4.66 -4.11 22.86
CA GLY A 3 -5.83 -3.84 22.04
C GLY A 3 -5.62 -2.92 21.04
N ARG A 4 -4.83 -3.56 20.26
CA ARG A 4 -4.68 -3.22 18.99
C ARG A 4 -3.45 -3.91 18.40
N TRP A 5 -2.65 -4.47 19.28
CA TRP A 5 -1.43 -5.16 18.86
C TRP A 5 -1.71 -6.03 17.63
N LEU A 6 -2.99 -6.32 17.41
CA LEU A 6 -3.44 -7.13 16.28
C LEU A 6 -4.29 -6.30 15.30
N GLU A 7 -4.76 -5.11 15.72
CA GLU A 7 -5.58 -4.26 14.85
C GLU A 7 -4.78 -3.07 14.34
N ARG A 8 -3.46 -3.24 14.25
CA ARG A 8 -2.59 -2.17 13.76
C ARG A 8 -2.79 -1.97 12.27
N ILE A 9 -2.22 -0.89 11.73
CA ILE A 9 -2.34 -0.61 10.30
C ILE A 9 -1.63 -1.69 9.49
N GLY A 10 -2.42 -2.48 8.77
CA GLY A 10 -1.88 -3.55 7.95
C GLY A 10 -1.00 -3.02 6.84
N LYS A 11 -1.35 -1.86 6.32
CA LYS A 11 -0.58 -1.26 5.23
C LYS A 11 0.78 -0.79 5.74
N ALA A 12 1.82 -1.58 5.48
CA ALA A 12 3.16 -1.24 5.91
C ALA A 12 3.64 0.02 5.19
N GLY A 13 2.79 0.55 4.32
CA GLY A 13 3.16 1.74 3.57
C GLY A 13 4.40 1.50 2.73
N GLY A 14 4.87 0.24 2.74
CA GLY A 14 6.05 -0.14 1.99
C GLY A 14 5.71 -0.50 0.56
N ILE A 15 5.05 -1.65 0.38
CA ILE A 15 4.66 -2.11 -0.95
C ILE A 15 3.47 -3.05 -0.87
N ILE A 16 2.49 -2.66 -0.06
CA ILE A 16 1.27 -3.46 0.10
C ILE A 16 0.22 -2.99 -0.90
N ILE A 17 -0.03 -1.67 -0.91
CA ILE A 17 -1.01 -1.09 -1.83
C ILE A 17 -0.38 -0.90 -3.21
N GLY A 18 0.74 -1.59 -3.45
CA GLY A 18 1.44 -1.49 -4.72
C GLY A 18 1.99 -2.84 -5.16
N GLY A 19 2.80 -3.43 -4.30
CA GLY A 19 3.40 -4.72 -4.59
C GLY A 19 2.36 -5.83 -4.56
N ALA A 20 1.43 -5.73 -3.61
CA ALA A 20 0.38 -6.73 -3.47
C ALA A 20 0.97 -8.13 -3.48
N LEU A 21 2.04 -8.33 -2.71
CA LEU A 21 2.69 -9.63 -2.63
C LEU A 21 1.74 -10.66 -1.99
N ASP A 22 1.12 -11.48 -2.83
CA ASP A 22 0.19 -12.49 -2.33
C ASP A 22 -0.85 -11.86 -1.41
N HIS A 23 -1.60 -10.92 -1.95
CA HIS A 23 -2.63 -10.24 -1.16
C HIS A 23 -2.06 -9.74 0.17
N LEU A 24 -0.85 -9.20 0.12
CA LEU A 24 -0.20 -8.70 1.32
C LEU A 24 1.00 -7.84 0.95
N GLY A 1 3.88 -5.09 23.58
CA GLY A 1 3.82 -4.60 22.22
C GLY A 1 2.51 -4.93 21.55
N LYS A 2 1.62 -5.60 22.29
CA LYS A 2 0.32 -5.98 21.76
C LYS A 2 -0.60 -4.77 21.70
N GLY A 3 -1.86 -5.00 21.33
CA GLY A 3 -2.84 -3.93 21.24
C GLY A 3 -3.48 -3.83 20.05
N ARG A 4 -2.52 -3.65 19.17
CA ARG A 4 -2.88 -3.07 18.04
C ARG A 4 -3.91 -3.88 17.30
N TRP A 5 -4.09 -5.07 17.81
CA TRP A 5 -5.05 -6.02 17.24
C TRP A 5 -6.33 -5.29 16.84
N LEU A 6 -6.58 -4.16 17.50
CA LEU A 6 -7.75 -3.33 17.24
C LEU A 6 -7.38 -2.19 16.29
N GLU A 7 -6.13 -1.72 16.34
CA GLU A 7 -5.66 -0.64 15.48
C GLU A 7 -4.60 -1.16 14.51
N ARG A 8 -4.95 -2.21 13.77
CA ARG A 8 -4.03 -2.80 12.81
C ARG A 8 -3.96 -1.95 11.54
N ILE A 9 -2.83 -1.30 11.35
CA ILE A 9 -2.64 -0.46 10.17
C ILE A 9 -2.52 -1.33 8.91
N GLY A 10 -1.75 -2.40 9.01
CA GLY A 10 -1.57 -3.30 7.89
C GLY A 10 -0.65 -2.73 6.82
N LYS A 11 -1.04 -1.59 6.26
CA LYS A 11 -0.25 -0.95 5.22
C LYS A 11 1.12 -0.55 5.77
N ALA A 12 2.12 -1.37 5.48
CA ALA A 12 3.47 -1.08 5.94
C ALA A 12 4.02 0.15 5.22
N GLY A 13 3.18 0.75 4.37
CA GLY A 13 3.59 1.92 3.62
C GLY A 13 4.80 1.62 2.76
N GLY A 14 5.21 0.36 2.75
CA GLY A 14 6.36 -0.07 1.96
C GLY A 14 5.96 -0.46 0.55
N ILE A 15 5.34 -1.63 0.41
CA ILE A 15 4.90 -2.11 -0.89
C ILE A 15 3.78 -3.12 -0.73
N ILE A 16 2.76 -2.70 0.01
CA ILE A 16 1.59 -3.53 0.26
C ILE A 16 0.49 -3.18 -0.74
N ILE A 17 0.09 -1.90 -0.72
CA ILE A 17 -0.94 -1.43 -1.64
C ILE A 17 -0.42 -1.46 -3.06
N GLY A 18 0.87 -1.19 -3.22
CA GLY A 18 1.51 -1.19 -4.52
C GLY A 18 1.94 -2.57 -4.94
N GLY A 19 2.65 -3.27 -4.05
CA GLY A 19 3.12 -4.61 -4.34
C GLY A 19 1.98 -5.61 -4.40
N ALA A 20 0.94 -5.36 -3.60
CA ALA A 20 -0.21 -6.25 -3.57
C ALA A 20 0.23 -7.68 -3.35
N LEU A 21 0.86 -7.95 -2.20
CA LEU A 21 1.33 -9.29 -1.88
C LEU A 21 0.15 -10.22 -1.62
N ASP A 22 -0.31 -10.90 -2.66
CA ASP A 22 -1.44 -11.81 -2.52
C ASP A 22 -2.63 -11.10 -1.88
N HIS A 23 -2.88 -9.87 -2.29
CA HIS A 23 -3.98 -9.07 -1.76
C HIS A 23 -4.08 -9.23 -0.23
N LEU A 24 -2.93 -9.36 0.41
CA LEU A 24 -2.89 -9.52 1.86
C LEU A 24 -3.46 -8.29 2.54
N GLY A 1 0.09 1.60 -20.45
CA GLY A 1 0.84 2.81 -20.72
C GLY A 1 1.74 3.19 -19.55
N LYS A 2 1.14 3.30 -18.37
CA LYS A 2 1.91 3.65 -17.18
C LYS A 2 2.66 4.95 -17.39
N GLY A 3 3.99 4.91 -17.36
CA GLY A 3 4.78 6.11 -17.52
C GLY A 3 4.31 7.17 -16.76
N ARG A 4 4.61 6.78 -15.59
CA ARG A 4 4.69 7.59 -14.55
C ARG A 4 4.49 6.79 -13.28
N TRP A 5 4.07 5.57 -13.44
CA TRP A 5 3.82 4.68 -12.30
C TRP A 5 4.91 4.84 -11.23
N LEU A 6 6.07 5.35 -11.68
CA LEU A 6 7.21 5.58 -10.80
C LEU A 6 7.31 7.05 -10.40
N GLU A 7 6.75 7.95 -11.23
CA GLU A 7 6.80 9.37 -10.91
C GLU A 7 5.96 9.67 -9.67
N ARG A 8 5.07 8.74 -9.33
CA ARG A 8 4.21 8.90 -8.16
C ARG A 8 5.06 9.15 -6.91
N ILE A 9 4.39 9.22 -5.76
CA ILE A 9 5.09 9.44 -4.51
C ILE A 9 6.14 8.37 -4.28
N GLY A 10 6.09 7.32 -5.11
CA GLY A 10 7.06 6.23 -4.99
C GLY A 10 7.10 5.66 -3.59
N LYS A 11 5.92 5.51 -2.98
CA LYS A 11 5.83 4.95 -1.63
C LYS A 11 4.48 4.25 -1.44
N ALA A 12 4.40 3.01 -1.91
CA ALA A 12 3.17 2.23 -1.79
C ALA A 12 3.08 1.64 -0.39
N GLY A 13 2.93 2.51 0.61
CA GLY A 13 2.84 2.06 1.99
C GLY A 13 3.86 0.98 2.29
N GLY A 14 5.02 1.11 1.66
CA GLY A 14 6.09 0.13 1.84
C GLY A 14 5.81 -1.12 1.04
N ILE A 15 5.78 -0.97 -0.29
CA ILE A 15 5.50 -2.07 -1.20
C ILE A 15 4.49 -3.05 -0.61
N ILE A 16 3.26 -2.56 -0.38
CA ILE A 16 2.21 -3.40 0.20
C ILE A 16 0.87 -3.14 -0.49
N ILE A 17 0.45 -1.87 -0.59
CA ILE A 17 -0.81 -1.55 -1.25
C ILE A 17 -0.64 -1.64 -2.76
N GLY A 18 0.51 -1.18 -3.24
CA GLY A 18 0.82 -1.22 -4.66
C GLY A 18 1.49 -2.52 -5.05
N GLY A 19 2.32 -3.03 -4.15
CA GLY A 19 3.02 -4.28 -4.40
C GLY A 19 2.08 -5.47 -4.41
N ALA A 20 1.08 -5.44 -3.53
CA ALA A 20 0.12 -6.54 -3.46
C ALA A 20 -0.50 -6.79 -4.84
N LEU A 21 -0.98 -5.72 -5.47
CA LEU A 21 -1.58 -5.83 -6.80
C LEU A 21 -2.64 -6.94 -6.80
N ASP A 22 -3.89 -6.55 -6.53
CA ASP A 22 -4.98 -7.51 -6.51
C ASP A 22 -6.33 -6.78 -6.48
N HIS A 23 -6.66 -6.22 -5.32
CA HIS A 23 -7.92 -5.49 -5.17
C HIS A 23 -7.83 -4.11 -5.81
N LEU A 24 -6.60 -3.59 -5.87
CA LEU A 24 -6.38 -2.27 -6.46
C LEU A 24 -6.75 -2.28 -7.94
N GLY A 1 -19.38 8.50 -5.42
CA GLY A 1 -19.87 9.44 -4.44
C GLY A 1 -18.87 10.55 -4.17
N LYS A 2 -18.38 10.59 -2.93
CA LYS A 2 -17.40 11.61 -2.55
C LYS A 2 -16.82 11.29 -1.17
N GLY A 3 -15.90 12.15 -0.72
CA GLY A 3 -15.26 11.96 0.58
C GLY A 3 -13.92 11.84 0.55
N ARG A 4 -13.68 10.82 -0.21
CA ARG A 4 -12.51 10.22 -0.03
C ARG A 4 -11.36 11.16 -0.29
N TRP A 5 -11.74 12.29 -0.86
CA TRP A 5 -10.77 13.34 -1.20
C TRP A 5 -9.77 13.52 -0.06
N LEU A 6 -10.13 13.04 1.13
CA LEU A 6 -9.27 13.11 2.31
C LEU A 6 -8.90 11.71 2.78
N GLU A 7 -9.66 10.69 2.36
CA GLU A 7 -9.37 9.30 2.76
C GLU A 7 -8.48 8.63 1.73
N ARG A 8 -7.71 9.44 1.00
CA ARG A 8 -6.82 8.90 -0.02
C ARG A 8 -5.85 7.88 0.59
N ILE A 9 -5.34 6.98 -0.24
CA ILE A 9 -4.40 5.97 0.23
C ILE A 9 -3.74 5.28 -0.96
N GLY A 10 -2.40 5.26 -0.97
CA GLY A 10 -1.67 4.65 -2.04
C GLY A 10 -0.18 4.93 -1.94
N LYS A 11 0.29 5.14 -0.71
CA LYS A 11 1.70 5.42 -0.48
C LYS A 11 2.51 4.13 -0.44
N ALA A 12 1.88 3.04 -0.86
CA ALA A 12 2.53 1.72 -0.88
C ALA A 12 2.71 1.18 0.54
N GLY A 13 2.88 2.07 1.51
CA GLY A 13 3.07 1.65 2.89
C GLY A 13 4.12 0.56 2.99
N GLY A 14 5.23 0.75 2.29
CA GLY A 14 6.31 -0.22 2.30
C GLY A 14 6.03 -1.37 1.36
N ILE A 15 5.59 -1.03 0.15
CA ILE A 15 5.28 -2.04 -0.86
C ILE A 15 4.19 -2.96 -0.36
N ILE A 16 2.97 -2.43 -0.32
CA ILE A 16 1.79 -3.18 0.13
C ILE A 16 0.66 -2.97 -0.85
N ILE A 17 0.32 -1.70 -1.09
CA ILE A 17 -0.74 -1.38 -2.04
C ILE A 17 -0.28 -1.72 -3.45
N GLY A 18 0.93 -1.25 -3.79
CA GLY A 18 1.51 -1.53 -5.08
C GLY A 18 1.99 -2.95 -5.16
N GLY A 19 2.63 -3.41 -4.09
CA GLY A 19 3.14 -4.77 -4.04
C GLY A 19 2.03 -5.79 -4.21
N ALA A 20 0.95 -5.63 -3.43
CA ALA A 20 -0.18 -6.54 -3.52
C ALA A 20 -0.81 -6.47 -4.91
N LEU A 21 -1.45 -5.34 -5.20
CA LEU A 21 -2.10 -5.16 -6.50
C LEU A 21 -3.00 -6.35 -6.81
N ASP A 22 -4.30 -6.20 -6.52
CA ASP A 22 -5.26 -7.27 -6.78
C ASP A 22 -4.77 -8.58 -6.16
N HIS A 23 -4.00 -8.47 -5.09
CA HIS A 23 -3.47 -9.65 -4.41
C HIS A 23 -2.68 -10.52 -5.40
N LEU A 24 -1.93 -9.85 -6.28
CA LEU A 24 -1.13 -10.56 -7.27
C LEU A 24 0.08 -11.22 -6.60
N GLY A 1 -17.95 -2.01 13.79
CA GLY A 1 -17.45 -2.75 12.65
C GLY A 1 -16.08 -2.25 12.20
N LYS A 2 -15.79 -0.99 12.51
CA LYS A 2 -14.51 -0.40 12.13
C LYS A 2 -13.37 -1.09 12.87
N GLY A 3 -12.43 -0.30 13.39
CA GLY A 3 -11.29 -0.88 14.07
C GLY A 3 -10.64 -1.84 13.32
N ARG A 4 -10.12 -1.12 12.40
CA ARG A 4 -9.11 -1.53 11.67
C ARG A 4 -9.02 -0.73 10.38
N TRP A 5 -10.07 0.01 10.10
CA TRP A 5 -10.10 0.83 8.88
C TRP A 5 -8.77 1.56 8.73
N LEU A 6 -8.03 1.65 9.83
CA LEU A 6 -6.71 2.29 9.89
C LEU A 6 -5.61 1.23 10.05
N GLU A 7 -5.98 0.01 10.52
CA GLU A 7 -5.00 -1.06 10.72
C GLU A 7 -5.41 -2.31 9.92
N ARG A 8 -5.91 -2.09 8.72
CA ARG A 8 -6.33 -3.22 7.87
C ARG A 8 -5.12 -3.93 7.28
N ILE A 9 -4.14 -3.14 6.82
CA ILE A 9 -2.92 -3.69 6.24
C ILE A 9 -1.74 -2.75 6.51
N GLY A 10 -1.26 -2.07 5.46
CA GLY A 10 -0.15 -1.15 5.59
C GLY A 10 1.10 -1.84 6.12
N LYS A 11 1.40 -3.01 5.57
CA LYS A 11 2.59 -3.76 5.99
C LYS A 11 3.79 -2.83 5.97
N ALA A 12 3.77 -1.86 5.07
CA ALA A 12 4.87 -0.90 4.95
C ALA A 12 4.44 0.30 4.11
N GLY A 13 3.20 0.27 3.65
CA GLY A 13 2.68 1.36 2.83
C GLY A 13 3.64 1.73 1.72
N GLY A 14 4.48 0.76 1.32
CA GLY A 14 5.46 0.98 0.26
C GLY A 14 5.56 -0.23 -0.65
N ILE A 15 5.01 -1.35 -0.19
CA ILE A 15 5.03 -2.58 -0.96
C ILE A 15 3.87 -3.47 -0.54
N ILE A 16 2.70 -2.87 -0.38
CA ILE A 16 1.50 -3.60 0.02
C ILE A 16 0.26 -2.91 -0.52
N ILE A 17 0.31 -1.57 -0.60
CA ILE A 17 -0.81 -0.80 -1.11
C ILE A 17 -0.89 -0.94 -2.64
N GLY A 18 -0.02 -1.77 -3.18
CA GLY A 18 0.02 -1.99 -4.63
C GLY A 18 1.12 -2.95 -5.01
N GLY A 19 2.01 -3.24 -4.07
CA GLY A 19 3.11 -4.14 -4.34
C GLY A 19 2.65 -5.58 -4.50
N ALA A 20 1.70 -5.98 -3.65
CA ALA A 20 1.17 -7.33 -3.72
C ALA A 20 0.27 -7.50 -4.94
N LEU A 21 -0.96 -7.02 -4.83
CA LEU A 21 -1.91 -7.11 -5.93
C LEU A 21 -2.07 -8.57 -6.37
N ASP A 22 -2.96 -9.30 -5.68
CA ASP A 22 -3.22 -10.70 -5.99
C ASP A 22 -1.95 -11.54 -5.93
N HIS A 23 -1.12 -11.43 -6.97
CA HIS A 23 0.14 -12.18 -7.05
C HIS A 23 0.78 -12.33 -5.67
N LEU A 24 0.76 -11.25 -4.89
CA LEU A 24 1.32 -11.27 -3.55
C LEU A 24 2.72 -11.90 -3.56
N GLY A 1 -14.35 11.61 -15.96
CA GLY A 1 -14.79 11.22 -14.64
C GLY A 1 -14.07 11.98 -13.55
N LYS A 2 -14.24 11.53 -12.31
CA LYS A 2 -13.59 12.17 -11.17
C LYS A 2 -13.59 11.25 -9.97
N GLY A 3 -13.19 11.78 -8.82
CA GLY A 3 -13.14 11.00 -7.59
C GLY A 3 -11.95 11.04 -6.93
N ARG A 4 -11.07 10.61 -7.79
CA ARG A 4 -9.95 10.13 -7.28
C ARG A 4 -9.22 11.15 -6.46
N TRP A 5 -9.70 12.36 -6.60
CA TRP A 5 -9.14 13.52 -5.90
C TRP A 5 -8.78 13.15 -4.46
N LEU A 6 -9.37 12.04 -3.96
CA LEU A 6 -9.12 11.56 -2.60
C LEU A 6 -8.54 10.14 -2.61
N GLU A 7 -8.64 9.44 -3.76
CA GLU A 7 -8.11 8.08 -3.83
C GLU A 7 -6.61 8.09 -4.07
N ARG A 8 -6.10 9.25 -4.49
CA ARG A 8 -4.68 9.39 -4.76
C ARG A 8 -3.85 8.94 -3.56
N ILE A 9 -2.82 8.15 -3.83
CA ILE A 9 -1.95 7.66 -2.77
C ILE A 9 -0.71 6.99 -3.35
N GLY A 10 0.46 7.55 -3.08
CA GLY A 10 1.71 7.03 -3.59
C GLY A 10 2.41 6.15 -2.56
N LYS A 11 2.21 6.46 -1.28
CA LYS A 11 2.83 5.69 -0.22
C LYS A 11 2.18 4.32 -0.09
N ALA A 12 2.79 3.32 -0.71
CA ALA A 12 2.27 1.96 -0.65
C ALA A 12 2.64 1.30 0.68
N GLY A 13 2.89 2.13 1.68
CA GLY A 13 3.25 1.66 3.01
C GLY A 13 4.21 0.47 2.95
N GLY A 14 5.30 0.64 2.21
CA GLY A 14 6.28 -0.43 2.08
C GLY A 14 5.78 -1.48 1.11
N ILE A 15 5.59 -1.07 -0.14
CA ILE A 15 5.10 -1.96 -1.20
C ILE A 15 4.02 -2.91 -0.68
N ILE A 16 2.84 -2.34 -0.42
CA ILE A 16 1.68 -3.10 0.05
C ILE A 16 0.52 -2.86 -0.91
N ILE A 17 0.16 -1.60 -1.09
CA ILE A 17 -0.92 -1.24 -1.99
C ILE A 17 -0.51 -1.48 -3.44
N GLY A 18 0.65 -0.93 -3.81
CA GLY A 18 1.16 -1.08 -5.15
C GLY A 18 1.78 -2.46 -5.35
N GLY A 19 2.49 -2.93 -4.33
CA GLY A 19 3.13 -4.23 -4.40
C GLY A 19 2.13 -5.36 -4.30
N ALA A 20 1.12 -5.19 -3.45
CA ALA A 20 0.10 -6.23 -3.28
C ALA A 20 0.76 -7.57 -2.94
N LEU A 21 1.84 -7.52 -2.17
CA LEU A 21 2.54 -8.73 -1.78
C LEU A 21 2.87 -9.57 -3.02
N ASP A 22 3.89 -9.14 -3.77
CA ASP A 22 4.30 -9.87 -4.97
C ASP A 22 3.09 -10.18 -5.86
N HIS A 23 2.30 -9.15 -6.15
CA HIS A 23 1.11 -9.32 -6.99
C HIS A 23 0.38 -10.62 -6.67
N LEU A 24 0.14 -10.86 -5.39
CA LEU A 24 -0.56 -12.07 -4.98
C LEU A 24 -0.88 -12.00 -3.49
N GLY A 1 -14.97 13.63 -4.11
CA GLY A 1 -13.75 12.84 -4.04
C GLY A 1 -12.78 13.19 -5.14
N LYS A 2 -11.83 14.07 -4.83
CA LYS A 2 -10.84 14.49 -5.81
C LYS A 2 -9.76 15.33 -5.15
N GLY A 3 -8.92 15.96 -5.97
CA GLY A 3 -7.84 16.81 -5.46
C GLY A 3 -6.62 16.22 -5.42
N ARG A 4 -6.76 15.19 -4.64
CA ARG A 4 -5.66 14.73 -4.08
C ARG A 4 -4.64 14.29 -5.10
N TRP A 5 -5.13 14.24 -6.32
CA TRP A 5 -4.31 13.85 -7.47
C TRP A 5 -2.91 14.46 -7.36
N LEU A 6 -2.80 15.54 -6.57
CA LEU A 6 -1.53 16.23 -6.35
C LEU A 6 -1.06 16.04 -4.91
N GLU A 7 -1.99 15.73 -4.00
CA GLU A 7 -1.65 15.53 -2.58
C GLU A 7 -1.42 14.05 -2.29
N ARG A 8 -1.30 13.25 -3.35
CA ARG A 8 -1.08 11.82 -3.19
C ARG A 8 0.21 11.56 -2.42
N ILE A 9 0.15 10.65 -1.45
CA ILE A 9 1.31 10.31 -0.64
C ILE A 9 2.28 9.45 -1.44
N GLY A 10 1.73 8.63 -2.34
CA GLY A 10 2.57 7.76 -3.16
C GLY A 10 3.13 6.60 -2.35
N LYS A 11 3.09 6.72 -1.03
CA LYS A 11 3.61 5.68 -0.15
C LYS A 11 2.65 4.48 -0.12
N ALA A 12 3.07 3.39 -0.76
CA ALA A 12 2.25 2.18 -0.80
C ALA A 12 2.37 1.42 0.52
N GLY A 13 2.54 2.15 1.61
CA GLY A 13 2.65 1.53 2.91
C GLY A 13 3.84 0.58 2.98
N GLY A 14 4.89 0.90 2.23
CA GLY A 14 6.08 0.08 2.20
C GLY A 14 5.93 -1.11 1.27
N ILE A 15 5.47 -0.83 0.05
CA ILE A 15 5.29 -1.87 -0.95
C ILE A 15 4.27 -2.88 -0.46
N ILE A 16 3.03 -2.42 -0.35
CA ILE A 16 1.91 -3.24 0.10
C ILE A 16 0.74 -3.02 -0.85
N ILE A 17 0.39 -1.75 -1.07
CA ILE A 17 -0.70 -1.42 -1.98
C ILE A 17 -0.28 -1.77 -3.41
N GLY A 18 0.92 -1.31 -3.78
CA GLY A 18 1.45 -1.59 -5.09
C GLY A 18 1.87 -3.04 -5.20
N GLY A 19 2.64 -3.50 -4.21
CA GLY A 19 3.08 -4.88 -4.20
C GLY A 19 1.92 -5.85 -4.31
N ALA A 20 0.89 -5.62 -3.51
CA ALA A 20 -0.29 -6.49 -3.54
C ALA A 20 -1.15 -6.17 -4.75
N LEU A 21 -1.84 -5.03 -4.71
CA LEU A 21 -2.69 -4.62 -5.81
C LEU A 21 -3.66 -5.75 -6.16
N ASP A 22 -4.88 -5.66 -5.63
CA ASP A 22 -5.90 -6.68 -5.90
C ASP A 22 -7.26 -6.23 -5.36
N HIS A 23 -7.28 -5.78 -4.12
CA HIS A 23 -8.52 -5.34 -3.51
C HIS A 23 -8.25 -4.62 -2.19
N LEU A 24 -7.00 -4.63 -1.75
CA LEU A 24 -6.62 -3.98 -0.50
C LEU A 24 -6.68 -2.46 -0.68
N GLY A 1 17.14 21.84 8.23
CA GLY A 1 15.75 21.40 8.31
C GLY A 1 15.50 20.19 7.43
N LYS A 2 14.24 19.99 7.06
CA LYS A 2 13.88 18.85 6.23
C LYS A 2 14.41 17.55 6.82
N GLY A 3 14.70 16.59 5.95
CA GLY A 3 15.23 15.30 6.38
C GLY A 3 14.54 14.23 5.93
N ARG A 4 13.32 14.38 6.38
CA ARG A 4 12.60 13.29 6.48
C ARG A 4 12.41 12.62 5.15
N TRP A 5 12.80 13.36 4.13
CA TRP A 5 12.70 12.90 2.75
C TRP A 5 13.12 11.43 2.66
N LEU A 6 13.92 10.99 3.64
CA LEU A 6 14.41 9.61 3.72
C LEU A 6 13.63 8.82 4.77
N GLU A 7 13.08 9.52 5.77
CA GLU A 7 12.32 8.83 6.84
C GLU A 7 10.86 8.68 6.42
N ARG A 8 10.48 9.30 5.30
CA ARG A 8 9.12 9.22 4.80
C ARG A 8 8.93 7.94 3.99
N ILE A 9 7.68 7.48 3.91
CA ILE A 9 7.37 6.27 3.14
C ILE A 9 5.86 6.06 3.11
N GLY A 10 5.30 5.98 1.91
CA GLY A 10 3.87 5.77 1.76
C GLY A 10 3.47 5.56 0.32
N LYS A 11 4.44 5.62 -0.59
CA LYS A 11 4.17 5.43 -2.01
C LYS A 11 3.35 4.16 -2.21
N ALA A 12 3.45 3.24 -1.25
CA ALA A 12 2.72 1.99 -1.32
C ALA A 12 2.60 1.38 0.08
N GLY A 13 2.84 2.20 1.09
CA GLY A 13 2.77 1.73 2.46
C GLY A 13 3.75 0.61 2.72
N GLY A 14 4.98 0.77 2.22
CA GLY A 14 6.00 -0.25 2.38
C GLY A 14 5.86 -1.35 1.36
N ILE A 15 5.46 -0.98 0.14
CA ILE A 15 5.28 -1.95 -0.93
C ILE A 15 4.23 -2.97 -0.53
N ILE A 16 3.03 -2.44 -0.27
CA ILE A 16 1.88 -3.26 0.12
C ILE A 16 0.72 -3.00 -0.83
N ILE A 17 0.40 -1.71 -1.00
CA ILE A 17 -0.69 -1.34 -1.91
C ILE A 17 -0.22 -1.55 -3.34
N GLY A 18 0.96 -1.03 -3.65
CA GLY A 18 1.51 -1.18 -4.97
C GLY A 18 1.87 -2.62 -5.26
N GLY A 19 2.61 -3.24 -4.33
CA GLY A 19 2.99 -4.63 -4.50
C GLY A 19 1.78 -5.55 -4.45
N ALA A 20 0.84 -5.23 -3.58
CA ALA A 20 -0.37 -6.04 -3.44
C ALA A 20 0.00 -7.51 -3.23
N LEU A 21 1.24 -7.75 -2.82
CA LEU A 21 1.70 -9.12 -2.58
C LEU A 21 1.62 -9.93 -3.88
N ASP A 22 1.27 -9.26 -4.96
CA ASP A 22 1.15 -9.92 -6.26
C ASP A 22 2.53 -10.20 -6.84
N HIS A 23 3.55 -10.14 -6.00
CA HIS A 23 4.91 -10.39 -6.44
C HIS A 23 5.27 -9.46 -7.61
N LEU A 24 4.52 -8.38 -7.74
CA LEU A 24 4.77 -7.42 -8.81
C LEU A 24 4.00 -6.12 -8.56
N GLY A 1 -8.45 -16.30 12.77
CA GLY A 1 -9.02 -17.06 11.68
C GLY A 1 -8.75 -16.42 10.32
N LYS A 2 -9.39 -16.95 9.28
CA LYS A 2 -9.20 -16.41 7.94
C LYS A 2 -9.76 -15.00 7.85
N GLY A 3 -9.36 -14.28 6.80
CA GLY A 3 -9.82 -12.91 6.59
C GLY A 3 -8.83 -12.00 6.48
N ARG A 4 -8.14 -12.10 7.57
CA ARG A 4 -7.42 -11.05 7.91
C ARG A 4 -6.40 -10.69 6.86
N TRP A 5 -6.28 -11.61 5.94
CA TRP A 5 -5.35 -11.47 4.83
C TRP A 5 -5.35 -10.03 4.30
N LEU A 6 -6.47 -9.34 4.55
CA LEU A 6 -6.64 -7.95 4.10
C LEU A 6 -6.44 -6.97 5.26
N GLU A 7 -6.63 -7.43 6.50
CA GLU A 7 -6.46 -6.55 7.65
C GLU A 7 -5.00 -6.11 7.77
N ARG A 8 -4.10 -6.89 7.18
CA ARG A 8 -2.67 -6.58 7.23
C ARG A 8 -2.35 -5.40 6.33
N ILE A 9 -3.38 -4.73 5.83
CA ILE A 9 -3.17 -3.58 4.95
C ILE A 9 -2.21 -2.58 5.61
N GLY A 10 -1.09 -2.32 4.93
CA GLY A 10 -0.08 -1.41 5.44
C GLY A 10 1.12 -2.14 6.00
N LYS A 11 1.41 -3.30 5.41
CA LYS A 11 2.55 -4.11 5.84
C LYS A 11 3.80 -3.22 5.94
N ALA A 12 3.85 -2.20 5.10
CA ALA A 12 4.98 -1.29 5.09
C ALA A 12 4.61 0.01 4.38
N GLY A 13 3.38 0.07 3.87
CA GLY A 13 2.93 1.26 3.17
C GLY A 13 3.89 1.66 2.07
N GLY A 14 4.54 0.67 1.46
CA GLY A 14 5.49 0.91 0.39
C GLY A 14 5.56 -0.26 -0.58
N ILE A 15 4.96 -1.37 -0.17
CA ILE A 15 4.93 -2.58 -1.00
C ILE A 15 3.75 -3.46 -0.62
N ILE A 16 2.61 -2.82 -0.42
CA ILE A 16 1.39 -3.54 -0.05
C ILE A 16 0.16 -2.81 -0.58
N ILE A 17 0.23 -1.49 -0.59
CA ILE A 17 -0.89 -0.69 -1.08
C ILE A 17 -1.02 -0.84 -2.60
N GLY A 18 -0.20 -1.71 -3.18
CA GLY A 18 -0.23 -1.94 -4.60
C GLY A 18 0.86 -2.92 -5.05
N GLY A 19 1.91 -3.03 -4.25
CA GLY A 19 3.00 -3.92 -4.58
C GLY A 19 2.53 -5.36 -4.75
N ALA A 20 1.41 -5.68 -4.09
CA ALA A 20 0.84 -7.03 -4.17
C ALA A 20 1.72 -8.04 -3.43
N LEU A 21 2.93 -7.62 -3.07
CA LEU A 21 3.86 -8.50 -2.36
C LEU A 21 3.97 -9.85 -3.06
N ASP A 22 4.54 -9.84 -4.27
CA ASP A 22 4.69 -11.07 -5.04
C ASP A 22 5.64 -10.85 -6.21
N HIS A 23 6.80 -10.27 -5.93
CA HIS A 23 7.79 -10.00 -6.97
C HIS A 23 7.14 -9.33 -8.18
N LEU A 24 6.45 -8.22 -7.93
CA LEU A 24 5.78 -7.48 -9.00
C LEU A 24 6.75 -7.21 -10.14
N GLY A 1 20.81 12.04 12.88
CA GLY A 1 20.07 13.21 12.42
C GLY A 1 18.79 12.81 11.72
N LYS A 2 18.34 11.59 11.96
CA LYS A 2 17.11 11.06 11.36
C LYS A 2 16.95 11.56 9.91
N GLY A 3 15.72 11.53 9.41
CA GLY A 3 15.46 11.97 8.05
C GLY A 3 14.73 11.10 7.30
N ARG A 4 15.41 9.98 7.32
CA ARG A 4 15.17 9.15 6.33
C ARG A 4 13.73 8.70 6.30
N TRP A 5 13.06 9.05 7.38
CA TRP A 5 11.66 8.72 7.56
C TRP A 5 10.88 9.00 6.27
N LEU A 6 11.50 9.81 5.40
CA LEU A 6 10.90 10.18 4.11
C LEU A 6 11.68 9.54 2.95
N GLU A 7 12.93 9.15 3.21
CA GLU A 7 13.73 8.53 2.15
C GLU A 7 12.96 7.40 1.48
N ARG A 8 12.10 6.75 2.26
CA ARG A 8 11.30 5.65 1.73
C ARG A 8 10.38 6.13 0.62
N ILE A 9 10.02 5.24 -0.29
CA ILE A 9 9.14 5.59 -1.40
C ILE A 9 7.73 5.85 -0.89
N GLY A 10 7.35 5.16 0.19
CA GLY A 10 6.03 5.32 0.76
C GLY A 10 4.93 5.03 -0.25
N LYS A 11 4.15 6.06 -0.57
CA LYS A 11 3.07 5.91 -1.54
C LYS A 11 2.09 4.83 -1.09
N ALA A 12 2.46 3.57 -1.31
CA ALA A 12 1.60 2.44 -0.94
C ALA A 12 1.67 2.22 0.57
N GLY A 13 2.88 2.22 1.11
CA GLY A 13 3.11 2.01 2.54
C GLY A 13 4.18 0.97 2.78
N GLY A 14 5.28 1.08 2.02
CA GLY A 14 6.37 0.14 2.15
C GLY A 14 6.17 -1.08 1.27
N ILE A 15 5.69 -0.85 0.05
CA ILE A 15 5.45 -1.93 -0.90
C ILE A 15 4.39 -2.88 -0.34
N ILE A 16 3.13 -2.43 -0.37
CA ILE A 16 2.03 -3.26 0.13
C ILE A 16 0.79 -3.05 -0.76
N ILE A 17 0.30 -1.82 -0.87
CA ILE A 17 -0.84 -1.56 -1.75
C ILE A 17 -0.36 -1.70 -3.19
N GLY A 18 0.90 -1.35 -3.40
CA GLY A 18 1.50 -1.45 -4.73
C GLY A 18 1.92 -2.87 -5.03
N GLY A 19 2.69 -3.46 -4.12
CA GLY A 19 3.14 -4.83 -4.30
C GLY A 19 1.98 -5.79 -4.43
N ALA A 20 0.96 -5.60 -3.59
CA ALA A 20 -0.21 -6.48 -3.63
C ALA A 20 -0.73 -6.63 -5.05
N LEU A 21 -1.00 -5.50 -5.69
CA LEU A 21 -1.51 -5.51 -7.06
C LEU A 21 -2.81 -6.33 -7.14
N ASP A 22 -2.77 -7.48 -7.82
CA ASP A 22 -3.95 -8.32 -7.95
C ASP A 22 -5.14 -7.50 -8.42
N HIS A 23 -4.87 -6.28 -8.91
CA HIS A 23 -5.93 -5.41 -9.38
C HIS A 23 -6.97 -5.17 -8.29
N LEU A 24 -6.49 -5.01 -7.06
CA LEU A 24 -7.38 -4.78 -5.93
C LEU A 24 -7.96 -3.36 -6.00
N GLY A 1 -20.28 1.06 5.15
CA GLY A 1 -19.89 0.43 3.91
C GLY A 1 -18.94 1.29 3.10
N LYS A 2 -18.49 2.38 3.69
CA LYS A 2 -17.58 3.29 3.01
C LYS A 2 -16.92 4.23 4.02
N GLY A 3 -16.73 5.50 3.64
CA GLY A 3 -16.08 6.42 4.54
C GLY A 3 -14.85 5.96 4.97
N ARG A 4 -14.17 6.07 3.90
CA ARG A 4 -12.85 6.10 3.87
C ARG A 4 -12.35 5.66 2.50
N TRP A 5 -13.24 5.13 1.72
CA TRP A 5 -12.91 4.67 0.38
C TRP A 5 -12.00 5.68 -0.32
N LEU A 6 -12.04 6.92 0.19
CA LEU A 6 -11.24 8.02 -0.35
C LEU A 6 -10.03 8.29 0.55
N GLU A 7 -10.10 7.88 1.82
CA GLU A 7 -8.99 8.10 2.74
C GLU A 7 -7.79 7.25 2.33
N ARG A 8 -7.94 6.51 1.23
CA ARG A 8 -6.86 5.66 0.74
C ARG A 8 -5.56 6.44 0.64
N ILE A 9 -4.49 5.73 0.27
CA ILE A 9 -3.19 6.36 0.14
C ILE A 9 -2.23 5.43 -0.61
N GLY A 10 -1.64 5.95 -1.68
CA GLY A 10 -0.71 5.17 -2.49
C GLY A 10 0.70 5.17 -1.94
N LYS A 11 0.84 5.33 -0.63
CA LYS A 11 2.16 5.33 -0.01
C LYS A 11 2.79 3.95 -0.09
N ALA A 12 1.96 2.96 -0.41
CA ALA A 12 2.42 1.58 -0.54
C ALA A 12 2.73 0.99 0.84
N GLY A 13 2.81 1.85 1.85
CA GLY A 13 3.11 1.40 3.20
C GLY A 13 4.22 0.36 3.22
N GLY A 14 5.22 0.59 2.37
CA GLY A 14 6.34 -0.33 2.27
C GLY A 14 6.05 -1.47 1.31
N ILE A 15 5.59 -1.11 0.11
CA ILE A 15 5.26 -2.09 -0.91
C ILE A 15 4.13 -3.00 -0.42
N ILE A 16 2.92 -2.44 -0.40
CA ILE A 16 1.73 -3.16 0.03
C ILE A 16 0.62 -2.91 -0.97
N ILE A 17 0.28 -1.64 -1.18
CA ILE A 17 -0.76 -1.28 -2.13
C ILE A 17 -0.25 -1.50 -3.55
N GLY A 18 0.95 -1.03 -3.81
CA GLY A 18 1.57 -1.19 -5.12
C GLY A 18 1.96 -2.63 -5.36
N GLY A 19 2.66 -3.21 -4.39
CA GLY A 19 3.10 -4.59 -4.51
C GLY A 19 1.92 -5.56 -4.49
N ALA A 20 0.98 -5.32 -3.57
CA ALA A 20 -0.20 -6.16 -3.45
C ALA A 20 0.19 -7.57 -2.98
N LEU A 21 1.49 -7.81 -2.85
CA LEU A 21 1.98 -9.10 -2.41
C LEU A 21 1.52 -10.20 -3.35
N ASP A 22 0.85 -9.81 -4.44
CA ASP A 22 0.37 -10.78 -5.41
C ASP A 22 1.54 -11.42 -6.15
N HIS A 23 1.47 -11.46 -7.48
CA HIS A 23 2.54 -12.04 -8.27
C HIS A 23 3.84 -11.26 -8.08
N LEU A 24 3.72 -10.05 -7.52
CA LEU A 24 4.88 -9.20 -7.28
C LEU A 24 5.51 -9.53 -5.93
N GLY A 1 -7.60 -2.53 27.29
CA GLY A 1 -8.80 -2.05 26.65
C GLY A 1 -8.67 -1.97 25.14
N LYS A 2 -9.77 -2.16 24.43
CA LYS A 2 -9.76 -2.09 22.98
C LYS A 2 -9.55 -0.67 22.50
N GLY A 3 -10.29 -0.25 21.48
CA GLY A 3 -10.13 1.07 20.93
C GLY A 3 -8.81 1.36 20.62
N ARG A 4 -8.65 0.61 19.60
CA ARG A 4 -7.70 0.77 18.72
C ARG A 4 -7.43 -0.55 18.01
N TRP A 5 -7.97 -1.61 18.57
CA TRP A 5 -7.80 -2.95 18.01
C TRP A 5 -7.99 -2.90 16.49
N LEU A 6 -8.63 -1.82 16.03
CA LEU A 6 -8.90 -1.61 14.60
C LEU A 6 -8.09 -0.42 14.07
N GLU A 7 -7.53 0.41 14.97
CA GLU A 7 -6.74 1.55 14.51
C GLU A 7 -5.50 1.08 13.78
N ARG A 8 -5.01 -0.10 14.14
CA ARG A 8 -3.82 -0.66 13.51
C ARG A 8 -4.01 -0.74 12.00
N ILE A 9 -3.33 0.14 11.28
CA ILE A 9 -3.43 0.16 9.82
C ILE A 9 -2.56 -0.96 9.23
N GLY A 10 -3.20 -1.82 8.43
CA GLY A 10 -2.49 -2.92 7.81
C GLY A 10 -1.59 -2.45 6.69
N LYS A 11 -1.78 -1.20 6.26
CA LYS A 11 -0.97 -0.64 5.19
C LYS A 11 0.45 -0.38 5.68
N ALA A 12 1.33 -1.35 5.44
CA ALA A 12 2.73 -1.21 5.86
C ALA A 12 3.35 0.04 5.26
N GLY A 13 2.61 0.70 4.37
CA GLY A 13 3.10 1.90 3.73
C GLY A 13 4.46 1.67 3.07
N GLY A 14 4.62 0.47 2.50
CA GLY A 14 5.87 0.10 1.82
C GLY A 14 5.62 -0.39 0.41
N ILE A 15 5.02 -1.57 0.29
CA ILE A 15 4.72 -2.13 -1.02
C ILE A 15 3.56 -3.11 -0.92
N ILE A 16 2.53 -2.70 -0.19
CA ILE A 16 1.33 -3.51 0.00
C ILE A 16 0.25 -3.06 -1.00
N ILE A 17 -0.07 -1.77 -0.95
CA ILE A 17 -1.08 -1.21 -1.84
C ILE A 17 -0.53 -1.06 -3.26
N GLY A 18 0.56 -1.78 -3.55
CA GLY A 18 1.17 -1.73 -4.87
C GLY A 18 1.89 -3.02 -5.20
N GLY A 19 2.71 -3.50 -4.27
CA GLY A 19 3.45 -4.73 -4.49
C GLY A 19 2.54 -5.95 -4.46
N ALA A 20 1.58 -5.94 -3.55
CA ALA A 20 0.65 -7.06 -3.43
C ALA A 20 -0.25 -7.13 -4.65
N LEU A 21 -1.20 -6.20 -4.76
CA LEU A 21 -2.11 -6.18 -5.88
C LEU A 21 -2.78 -7.54 -6.05
N ASP A 22 -3.78 -7.81 -5.20
CA ASP A 22 -4.49 -9.08 -5.25
C ASP A 22 -5.71 -9.04 -4.34
N HIS A 23 -6.35 -7.88 -4.25
CA HIS A 23 -7.53 -7.73 -3.40
C HIS A 23 -7.22 -8.15 -1.97
N LEU A 24 -6.02 -7.79 -1.50
CA LEU A 24 -5.61 -8.13 -0.14
C LEU A 24 -6.53 -7.46 0.88
N GLY A 1 -16.32 7.03 2.13
CA GLY A 1 -15.88 6.75 0.77
C GLY A 1 -14.67 7.57 0.38
N LYS A 2 -14.90 8.75 -0.16
CA LYS A 2 -13.81 9.63 -0.58
C LYS A 2 -12.96 10.01 0.62
N GLY A 3 -12.62 11.30 0.73
CA GLY A 3 -11.78 11.75 1.82
C GLY A 3 -10.63 11.00 1.96
N ARG A 4 -9.99 11.36 0.91
CA ARG A 4 -8.68 11.21 0.78
C ARG A 4 -8.30 11.21 -0.69
N TRP A 5 -9.29 11.13 -1.54
CA TRP A 5 -9.07 11.11 -2.98
C TRP A 5 -8.02 12.16 -3.35
N LEU A 6 -7.82 13.13 -2.44
CA LEU A 6 -6.84 14.21 -2.62
C LEU A 6 -5.67 14.04 -1.63
N GLU A 7 -5.88 13.25 -0.55
CA GLU A 7 -4.83 13.02 0.46
C GLU A 7 -4.37 11.57 0.42
N ARG A 8 -4.39 10.98 -0.78
CA ARG A 8 -3.98 9.59 -0.95
C ARG A 8 -2.63 9.36 -0.28
N ILE A 9 -2.42 8.14 0.20
CA ILE A 9 -1.16 7.79 0.86
C ILE A 9 -0.01 7.78 -0.15
N GLY A 10 -0.24 7.13 -1.29
CA GLY A 10 0.78 7.05 -2.32
C GLY A 10 2.15 6.71 -1.76
N LYS A 11 2.31 5.49 -1.27
CA LYS A 11 3.58 5.06 -0.69
C LYS A 11 3.62 3.54 -0.59
N ALA A 12 2.47 2.90 -0.79
CA ALA A 12 2.39 1.45 -0.72
C ALA A 12 2.76 0.96 0.68
N GLY A 13 2.84 1.90 1.63
CA GLY A 13 3.18 1.55 3.01
C GLY A 13 4.27 0.50 3.08
N GLY A 14 5.33 0.72 2.29
CA GLY A 14 6.44 -0.23 2.25
C GLY A 14 6.13 -1.38 1.33
N ILE A 15 5.64 -1.05 0.14
CA ILE A 15 5.28 -2.05 -0.86
C ILE A 15 4.17 -2.94 -0.35
N ILE A 16 2.96 -2.37 -0.32
CA ILE A 16 1.77 -3.09 0.15
C ILE A 16 0.64 -2.92 -0.86
N ILE A 17 0.26 -1.67 -1.12
CA ILE A 17 -0.79 -1.40 -2.09
C ILE A 17 -0.27 -1.67 -3.48
N GLY A 18 0.95 -1.21 -3.75
CA GLY A 18 1.58 -1.43 -5.03
C GLY A 18 2.06 -2.86 -5.15
N GLY A 19 2.62 -3.38 -4.06
CA GLY A 19 3.11 -4.74 -4.05
C GLY A 19 1.98 -5.75 -4.21
N ALA A 20 0.94 -5.61 -3.41
CA ALA A 20 -0.19 -6.52 -3.48
C ALA A 20 -0.60 -6.79 -4.93
N LEU A 21 -0.92 -5.71 -5.64
CA LEU A 21 -1.31 -5.83 -7.05
C LEU A 21 -2.40 -6.91 -7.21
N ASP A 22 -3.06 -7.23 -6.11
CA ASP A 22 -4.12 -8.24 -6.14
C ASP A 22 -5.19 -7.86 -7.15
N HIS A 23 -6.28 -7.27 -6.66
CA HIS A 23 -7.38 -6.87 -7.54
C HIS A 23 -6.99 -5.62 -8.33
N LEU A 24 -5.97 -4.91 -7.84
CA LEU A 24 -5.51 -3.71 -8.51
C LEU A 24 -4.78 -4.04 -9.80
N GLY A 1 -7.69 2.74 21.40
CA GLY A 1 -7.64 2.35 22.80
C GLY A 1 -7.47 0.85 22.96
N LYS A 2 -6.26 0.37 22.65
CA LYS A 2 -5.97 -1.06 22.78
C LYS A 2 -6.95 -1.88 21.93
N GLY A 3 -6.54 -3.10 21.60
CA GLY A 3 -7.37 -3.98 20.79
C GLY A 3 -6.87 -4.27 19.56
N ARG A 4 -6.68 -3.12 19.00
CA ARG A 4 -6.65 -3.13 17.67
C ARG A 4 -5.52 -3.98 17.15
N TRP A 5 -4.69 -4.37 18.08
CA TRP A 5 -3.53 -5.20 17.77
C TRP A 5 -3.91 -6.28 16.77
N LEU A 6 -5.21 -6.61 16.75
CA LEU A 6 -5.75 -7.62 15.84
C LEU A 6 -6.34 -6.93 14.60
N GLU A 7 -6.85 -5.70 14.76
CA GLU A 7 -7.44 -4.96 13.64
C GLU A 7 -6.39 -4.08 12.97
N ARG A 8 -5.13 -4.31 13.31
CA ARG A 8 -4.04 -3.53 12.73
C ARG A 8 -4.14 -3.52 11.21
N ILE A 9 -3.75 -2.41 10.59
CA ILE A 9 -3.79 -2.30 9.15
C ILE A 9 -2.67 -3.14 8.53
N GLY A 10 -3.06 -4.18 7.81
CA GLY A 10 -2.10 -5.06 7.16
C GLY A 10 -1.20 -4.32 6.19
N LYS A 11 -1.56 -3.07 5.90
CA LYS A 11 -0.76 -2.26 4.98
C LYS A 11 0.58 -1.90 5.60
N ALA A 12 1.62 -2.64 5.23
CA ALA A 12 2.95 -2.37 5.76
C ALA A 12 3.45 -1.01 5.30
N GLY A 13 2.62 -0.31 4.54
CA GLY A 13 2.99 0.99 4.03
C GLY A 13 4.24 0.91 3.17
N GLY A 14 4.71 -0.32 2.96
CA GLY A 14 5.90 -0.55 2.14
C GLY A 14 5.57 -0.65 0.68
N ILE A 15 4.90 -1.74 0.29
CA ILE A 15 4.53 -1.96 -1.10
C ILE A 15 3.33 -2.88 -1.20
N ILE A 16 2.36 -2.66 -0.32
CA ILE A 16 1.14 -3.47 -0.30
C ILE A 16 0.10 -2.83 -1.21
N ILE A 17 0.02 -1.49 -1.16
CA ILE A 17 -0.93 -0.76 -1.99
C ILE A 17 -0.38 -0.64 -3.41
N GLY A 18 0.55 -1.52 -3.76
CA GLY A 18 1.15 -1.52 -5.08
C GLY A 18 1.80 -2.85 -5.40
N GLY A 19 2.69 -3.30 -4.52
CA GLY A 19 3.38 -4.56 -4.72
C GLY A 19 2.52 -5.75 -4.34
N ALA A 20 1.65 -5.55 -3.34
CA ALA A 20 0.75 -6.60 -2.89
C ALA A 20 1.54 -7.70 -2.16
N LEU A 21 2.86 -7.64 -2.26
CA LEU A 21 3.70 -8.64 -1.61
C LEU A 21 3.25 -10.05 -1.98
N ASP A 22 2.39 -10.14 -2.99
CA ASP A 22 1.88 -11.43 -3.44
C ASP A 22 2.93 -12.17 -4.27
N HIS A 23 3.55 -11.44 -5.20
CA HIS A 23 4.57 -12.03 -6.05
C HIS A 23 5.33 -10.93 -6.80
N LEU A 24 4.99 -9.68 -6.49
CA LEU A 24 5.64 -8.54 -7.13
C LEU A 24 5.36 -7.26 -6.35
N GLY A 1 -9.98 -13.52 16.95
CA GLY A 1 -9.43 -13.03 18.20
C GLY A 1 -8.77 -11.67 18.02
N LYS A 2 -9.50 -10.62 18.39
CA LYS A 2 -8.97 -9.27 18.28
C LYS A 2 -7.78 -9.07 19.21
N GLY A 3 -7.64 -7.86 19.74
CA GLY A 3 -6.52 -7.56 20.61
C GLY A 3 -5.29 -7.89 20.09
N ARG A 4 -5.18 -7.04 19.14
CA ARG A 4 -4.01 -6.71 18.63
C ARG A 4 -4.21 -5.95 17.33
N TRP A 5 -5.42 -5.97 16.83
CA TRP A 5 -5.76 -5.29 15.58
C TRP A 5 -5.12 -3.90 15.56
N LEU A 6 -4.73 -3.43 16.75
CA LEU A 6 -4.09 -2.12 16.91
C LEU A 6 -2.63 -2.28 17.35
N GLU A 7 -2.25 -3.46 17.86
CA GLU A 7 -0.87 -3.70 18.29
C GLU A 7 -0.12 -4.49 17.23
N ARG A 8 -0.44 -4.22 15.97
CA ARG A 8 0.19 -4.90 14.83
C ARG A 8 0.28 -3.95 13.65
N ILE A 9 1.19 -4.24 12.72
CA ILE A 9 1.36 -3.41 11.54
C ILE A 9 2.07 -4.18 10.43
N GLY A 10 1.28 -4.71 9.49
CA GLY A 10 1.83 -5.48 8.38
C GLY A 10 2.03 -4.63 7.15
N LYS A 11 1.20 -3.60 7.00
CA LYS A 11 1.30 -2.72 5.85
C LYS A 11 2.69 -2.08 5.80
N ALA A 12 3.49 -2.50 4.84
CA ALA A 12 4.84 -1.96 4.70
C ALA A 12 4.77 -0.53 4.17
N GLY A 13 3.54 -0.03 4.01
CA GLY A 13 3.34 1.32 3.51
C GLY A 13 4.30 1.69 2.40
N GLY A 14 4.65 0.71 1.58
CA GLY A 14 5.58 0.94 0.47
C GLY A 14 5.54 -0.19 -0.54
N ILE A 15 4.99 -1.32 -0.13
CA ILE A 15 4.90 -2.49 -1.02
C ILE A 15 3.75 -3.38 -0.57
N ILE A 16 2.58 -2.77 -0.39
CA ILE A 16 1.39 -3.50 0.03
C ILE A 16 0.14 -2.89 -0.61
N ILE A 17 0.10 -1.56 -0.68
CA ILE A 17 -1.04 -0.86 -1.28
C ILE A 17 -1.04 -1.09 -2.78
N GLY A 18 -0.08 -1.86 -3.26
CA GLY A 18 0.02 -2.15 -4.69
C GLY A 18 1.15 -3.10 -4.99
N GLY A 19 2.08 -3.24 -4.05
CA GLY A 19 3.21 -4.13 -4.22
C GLY A 19 2.77 -5.57 -4.40
N ALA A 20 1.65 -5.92 -3.77
CA ALA A 20 1.13 -7.28 -3.87
C ALA A 20 0.52 -7.52 -5.25
N LEU A 21 -0.56 -6.81 -5.54
CA LEU A 21 -1.24 -6.96 -6.82
C LEU A 21 -1.51 -8.44 -7.12
N ASP A 22 -1.89 -9.19 -6.08
CA ASP A 22 -2.17 -10.61 -6.24
C ASP A 22 -3.51 -10.82 -6.93
N HIS A 23 -4.46 -9.95 -6.63
CA HIS A 23 -5.79 -10.04 -7.23
C HIS A 23 -6.57 -8.75 -7.02
N LEU A 24 -5.90 -7.74 -6.46
CA LEU A 24 -6.54 -6.46 -6.21
C LEU A 24 -6.69 -5.68 -7.52
N GLY A 1 -4.85 21.36 5.49
CA GLY A 1 -4.75 19.94 5.23
C GLY A 1 -4.77 19.63 3.75
N LYS A 2 -5.30 18.46 3.40
CA LYS A 2 -5.37 18.05 2.01
C LYS A 2 -4.01 18.21 1.33
N GLY A 3 -4.03 18.46 0.02
CA GLY A 3 -2.81 18.63 -0.73
C GLY A 3 -2.67 17.79 -1.81
N ARG A 4 -2.71 16.59 -1.31
CA ARG A 4 -2.15 15.65 -2.04
C ARG A 4 -2.84 15.51 -3.39
N TRP A 5 -3.95 16.20 -3.48
CA TRP A 5 -4.76 16.21 -4.70
C TRP A 5 -3.88 16.27 -5.94
N LEU A 6 -2.63 16.72 -5.75
CA LEU A 6 -1.66 16.83 -6.84
C LEU A 6 -0.52 15.81 -6.64
N GLU A 7 -0.30 15.38 -5.39
CA GLU A 7 0.76 14.41 -5.11
C GLU A 7 0.24 12.99 -5.24
N ARG A 8 -1.07 12.86 -5.48
CA ARG A 8 -1.68 11.54 -5.63
C ARG A 8 -1.29 10.64 -4.45
N ILE A 9 -0.77 9.45 -4.75
CA ILE A 9 -0.35 8.51 -3.69
C ILE A 9 0.77 7.61 -4.22
N GLY A 10 1.92 7.69 -3.56
CA GLY A 10 3.08 6.89 -3.93
C GLY A 10 3.53 5.99 -2.79
N LYS A 11 3.16 6.38 -1.57
CA LYS A 11 3.53 5.60 -0.39
C LYS A 11 2.66 4.34 -0.30
N ALA A 12 3.14 3.27 -0.92
CA ALA A 12 2.40 2.01 -0.90
C ALA A 12 2.54 1.32 0.46
N GLY A 13 2.55 2.12 1.52
CA GLY A 13 2.68 1.57 2.86
C GLY A 13 3.82 0.59 2.96
N GLY A 14 4.90 0.88 2.24
CA GLY A 14 6.08 0.02 2.25
C GLY A 14 5.93 -1.14 1.27
N ILE A 15 5.48 -0.83 0.06
CA ILE A 15 5.29 -1.87 -0.96
C ILE A 15 4.27 -2.88 -0.50
N ILE A 16 3.04 -2.41 -0.37
CA ILE A 16 1.91 -3.23 0.06
C ILE A 16 0.73 -2.99 -0.88
N ILE A 17 0.38 -1.72 -1.07
CA ILE A 17 -0.71 -1.36 -1.96
C ILE A 17 -0.31 -1.71 -3.39
N GLY A 18 0.91 -1.33 -3.76
CA GLY A 18 1.43 -1.62 -5.08
C GLY A 18 1.88 -3.05 -5.16
N GLY A 19 2.61 -3.50 -4.15
CA GLY A 19 3.08 -4.88 -4.11
C GLY A 19 1.94 -5.87 -4.23
N ALA A 20 0.85 -5.60 -3.50
CA ALA A 20 -0.31 -6.48 -3.54
C ALA A 20 -1.01 -6.38 -4.89
N LEU A 21 -1.53 -5.20 -5.20
CA LEU A 21 -2.22 -4.98 -6.46
C LEU A 21 -3.32 -6.03 -6.64
N ASP A 22 -4.34 -5.96 -5.80
CA ASP A 22 -5.46 -6.91 -5.88
C ASP A 22 -6.59 -6.49 -4.96
N HIS A 23 -7.08 -5.27 -5.15
CA HIS A 23 -8.18 -4.76 -4.33
C HIS A 23 -7.80 -4.81 -2.85
N LEU A 24 -6.65 -4.23 -2.52
CA LEU A 24 -6.18 -4.21 -1.14
C LEU A 24 -4.98 -3.28 -1.00
N GLY A 1 9.17 10.70 -23.89
CA GLY A 1 9.25 9.53 -23.05
C GLY A 1 8.94 9.85 -21.60
N LYS A 2 8.16 10.90 -21.38
CA LYS A 2 7.80 11.31 -20.03
C LYS A 2 6.87 10.28 -19.39
N GLY A 3 6.26 10.64 -18.26
CA GLY A 3 5.35 9.75 -17.57
C GLY A 3 5.70 9.42 -16.30
N ARG A 4 6.89 8.89 -16.41
CA ARG A 4 7.26 8.10 -15.41
C ARG A 4 7.28 8.82 -14.09
N TRP A 5 7.15 10.12 -14.20
CA TRP A 5 7.14 11.00 -13.04
C TRP A 5 6.28 10.39 -11.94
N LEU A 6 5.38 9.48 -12.34
CA LEU A 6 4.48 8.80 -11.39
C LEU A 6 4.95 7.37 -11.14
N GLU A 7 5.69 6.78 -12.09
CA GLU A 7 6.17 5.41 -11.89
C GLU A 7 6.97 5.32 -10.60
N ARG A 8 7.27 6.47 -10.00
CA ARG A 8 8.03 6.51 -8.77
C ARG A 8 7.25 5.85 -7.63
N ILE A 9 5.96 5.65 -7.84
CA ILE A 9 5.11 5.04 -6.83
C ILE A 9 5.72 3.72 -6.37
N GLY A 10 6.07 3.66 -5.09
CA GLY A 10 6.65 2.46 -4.52
C GLY A 10 6.68 2.54 -3.01
N LYS A 11 6.52 3.74 -2.49
CA LYS A 11 6.51 3.98 -1.04
C LYS A 11 5.08 4.18 -0.54
N ALA A 12 4.15 3.51 -1.20
CA ALA A 12 2.73 3.61 -0.83
C ALA A 12 2.57 3.49 0.68
N GLY A 13 3.48 2.75 1.30
CA GLY A 13 3.45 2.56 2.74
C GLY A 13 4.38 1.46 3.18
N GLY A 14 4.92 0.74 2.20
CA GLY A 14 5.86 -0.35 2.46
C GLY A 14 5.75 -1.44 1.42
N ILE A 15 5.31 -1.05 0.22
CA ILE A 15 5.16 -2.01 -0.87
C ILE A 15 4.11 -3.04 -0.50
N ILE A 16 2.90 -2.56 -0.33
CA ILE A 16 1.76 -3.39 0.04
C ILE A 16 0.60 -3.08 -0.91
N ILE A 17 0.27 -1.80 -1.04
CA ILE A 17 -0.80 -1.39 -1.94
C ILE A 17 -0.35 -1.59 -3.38
N GLY A 18 0.88 -1.15 -3.66
CA GLY A 18 1.44 -1.29 -4.98
C GLY A 18 1.83 -2.73 -5.25
N GLY A 19 2.54 -3.33 -4.30
CA GLY A 19 2.96 -4.71 -4.44
C GLY A 19 1.78 -5.65 -4.57
N ALA A 20 0.80 -5.49 -3.68
CA ALA A 20 -0.38 -6.33 -3.69
C ALA A 20 0.01 -7.81 -3.73
N LEU A 21 1.02 -8.16 -2.94
CA LEU A 21 1.48 -9.54 -2.89
C LEU A 21 0.44 -10.43 -2.20
N ASP A 22 -0.37 -11.11 -3.01
CA ASP A 22 -1.40 -12.01 -2.48
C ASP A 22 -2.27 -11.26 -1.47
N HIS A 23 -2.77 -10.10 -1.86
CA HIS A 23 -3.63 -9.31 -0.99
C HIS A 23 -2.97 -9.12 0.38
N LEU A 24 -1.73 -8.65 0.38
CA LEU A 24 -1.00 -8.43 1.62
C LEU A 24 0.32 -7.71 1.34
N GLY A 1 -0.49 15.45 -18.44
CA GLY A 1 0.44 14.33 -18.33
C GLY A 1 1.51 14.59 -17.30
N LYS A 2 2.12 15.77 -17.35
CA LYS A 2 3.17 16.12 -16.41
C LYS A 2 2.57 16.41 -15.03
N GLY A 3 1.28 16.10 -14.89
CA GLY A 3 0.60 16.31 -13.63
C GLY A 3 1.23 15.83 -12.53
N ARG A 4 1.41 14.56 -12.76
CA ARG A 4 1.57 13.81 -11.68
C ARG A 4 2.78 14.22 -10.87
N TRP A 5 3.55 15.08 -11.51
CA TRP A 5 4.77 15.62 -10.91
C TRP A 5 4.54 15.94 -9.43
N LEU A 6 3.27 16.09 -9.05
CA LEU A 6 2.89 16.40 -7.67
C LEU A 6 2.13 15.23 -7.04
N GLU A 7 1.56 14.34 -7.86
CA GLU A 7 0.81 13.20 -7.34
C GLU A 7 1.75 12.02 -7.04
N ARG A 8 3.06 12.28 -7.09
CA ARG A 8 4.04 11.24 -6.81
C ARG A 8 3.99 10.87 -5.34
N ILE A 9 4.72 9.82 -4.96
CA ILE A 9 4.76 9.39 -3.58
C ILE A 9 5.87 8.36 -3.37
N GLY A 10 6.01 7.45 -4.32
CA GLY A 10 7.04 6.42 -4.23
C GLY A 10 7.13 5.82 -2.85
N LYS A 11 5.97 5.46 -2.28
CA LYS A 11 5.93 4.88 -0.94
C LYS A 11 4.59 4.18 -0.73
N ALA A 12 4.42 3.04 -1.39
CA ALA A 12 3.18 2.28 -1.27
C ALA A 12 3.16 1.51 0.05
N GLY A 13 3.04 2.25 1.16
CA GLY A 13 3.02 1.64 2.47
C GLY A 13 4.08 0.56 2.61
N GLY A 14 5.27 0.85 2.10
CA GLY A 14 6.37 -0.12 2.16
C GLY A 14 6.12 -1.27 1.21
N ILE A 15 5.61 -0.96 0.03
CA ILE A 15 5.32 -1.99 -0.96
C ILE A 15 4.29 -2.96 -0.42
N ILE A 16 3.07 -2.46 -0.18
CA ILE A 16 1.98 -3.29 0.35
C ILE A 16 0.71 -3.10 -0.47
N ILE A 17 0.37 -1.84 -0.74
CA ILE A 17 -0.82 -1.53 -1.55
C ILE A 17 -0.42 -1.46 -3.02
N GLY A 18 0.85 -1.15 -3.25
CA GLY A 18 1.37 -1.06 -4.61
C GLY A 18 1.73 -2.43 -5.14
N GLY A 19 2.55 -3.14 -4.39
CA GLY A 19 2.97 -4.48 -4.79
C GLY A 19 1.87 -5.50 -4.57
N ALA A 20 1.12 -5.32 -3.48
CA ALA A 20 0.02 -6.24 -3.17
C ALA A 20 0.45 -7.69 -3.33
N LEU A 21 1.48 -8.09 -2.58
CA LEU A 21 2.01 -9.47 -2.64
C LEU A 21 2.01 -10.09 -1.24
N ASP A 22 1.45 -9.38 -0.27
CA ASP A 22 1.38 -9.87 1.11
C ASP A 22 0.19 -10.82 1.27
N HIS A 23 -0.75 -10.46 2.14
CA HIS A 23 -1.93 -11.29 2.38
C HIS A 23 -2.87 -11.21 1.19
N LEU A 24 -2.64 -10.25 0.31
CA LEU A 24 -3.48 -10.08 -0.87
C LEU A 24 -3.20 -11.19 -1.88
N GLY A 1 0.55 -7.80 26.39
CA GLY A 1 -0.75 -7.17 26.24
C GLY A 1 -1.24 -7.25 24.81
N LYS A 2 -0.31 -7.25 23.86
CA LYS A 2 -0.67 -7.32 22.46
C LYS A 2 -1.65 -6.20 22.10
N GLY A 3 -1.24 -4.97 22.34
CA GLY A 3 -2.09 -3.82 22.05
C GLY A 3 -2.61 -3.79 20.80
N ARG A 4 -1.59 -3.82 19.99
CA ARG A 4 -1.80 -3.35 18.77
C ARG A 4 -2.88 -4.11 18.05
N TRP A 5 -3.24 -5.21 18.67
CA TRP A 5 -4.28 -6.09 18.14
C TRP A 5 -5.46 -5.27 17.61
N LEU A 6 -5.54 -4.01 18.07
CA LEU A 6 -6.59 -3.09 17.66
C LEU A 6 -6.00 -1.97 16.78
N GLU A 7 -4.69 -1.70 16.94
CA GLU A 7 -4.01 -0.66 16.16
C GLU A 7 -3.07 -1.28 15.14
N ARG A 8 -3.30 -2.56 14.83
CA ARG A 8 -2.45 -3.27 13.87
C ARG A 8 -2.53 -2.60 12.50
N ILE A 9 -1.38 -2.11 12.03
CA ILE A 9 -1.31 -1.45 10.72
C ILE A 9 -0.92 -2.46 9.64
N GLY A 10 -1.89 -2.84 8.82
CA GLY A 10 -1.65 -3.81 7.76
C GLY A 10 -0.85 -3.20 6.62
N LYS A 11 -1.25 -2.00 6.20
CA LYS A 11 -0.56 -1.33 5.12
C LYS A 11 0.85 -0.94 5.57
N ALA A 12 1.84 -1.67 5.08
CA ALA A 12 3.23 -1.40 5.44
C ALA A 12 3.69 -0.09 4.80
N GLY A 13 2.78 0.58 4.10
CA GLY A 13 3.09 1.83 3.45
C GLY A 13 4.42 1.77 2.72
N GLY A 14 4.58 0.75 1.87
CA GLY A 14 5.81 0.59 1.11
C GLY A 14 5.62 -0.30 -0.11
N ILE A 15 5.00 -1.47 0.10
CA ILE A 15 4.75 -2.40 -1.00
C ILE A 15 3.59 -3.31 -0.67
N ILE A 16 2.43 -2.69 -0.41
CA ILE A 16 1.21 -3.43 -0.08
C ILE A 16 0.04 -2.79 -0.83
N ILE A 17 0.01 -1.47 -0.86
CA ILE A 17 -1.04 -0.74 -1.55
C ILE A 17 -0.80 -0.80 -3.05
N GLY A 18 0.22 -1.56 -3.45
CA GLY A 18 0.57 -1.70 -4.85
C GLY A 18 1.45 -2.91 -5.08
N GLY A 19 2.29 -3.23 -4.10
CA GLY A 19 3.19 -4.36 -4.22
C GLY A 19 2.43 -5.66 -4.42
N ALA A 20 1.35 -5.83 -3.66
CA ALA A 20 0.54 -7.04 -3.77
C ALA A 20 1.40 -8.28 -3.58
N LEU A 21 2.25 -8.25 -2.55
CA LEU A 21 3.12 -9.38 -2.26
C LEU A 21 3.89 -9.80 -3.51
N ASP A 22 4.74 -8.91 -4.00
CA ASP A 22 5.53 -9.19 -5.20
C ASP A 22 4.63 -9.65 -6.34
N HIS A 23 3.48 -9.01 -6.48
CA HIS A 23 2.54 -9.36 -7.54
C HIS A 23 2.19 -10.84 -7.48
N LEU A 24 1.65 -11.27 -6.34
CA LEU A 24 1.27 -12.66 -6.16
C LEU A 24 0.03 -12.98 -6.99
N GLY A 1 -17.79 10.67 6.59
CA GLY A 1 -16.47 10.89 6.03
C GLY A 1 -15.84 9.60 5.56
N LYS A 2 -16.61 8.78 4.85
CA LYS A 2 -16.11 7.50 4.34
C LYS A 2 -15.13 7.73 3.20
N GLY A 3 -14.70 6.64 2.57
CA GLY A 3 -13.76 6.73 1.46
C GLY A 3 -12.60 6.04 1.64
N ARG A 4 -12.07 6.55 2.70
CA ARG A 4 -10.76 6.37 2.82
C ARG A 4 -10.38 4.92 2.86
N TRP A 5 -11.41 4.12 2.99
CA TRP A 5 -11.26 2.66 3.06
C TRP A 5 -10.25 2.20 2.01
N LEU A 6 -9.99 3.06 1.01
CA LEU A 6 -9.04 2.77 -0.06
C LEU A 6 -7.90 3.78 -0.02
N GLU A 7 -8.12 4.93 0.65
CA GLU A 7 -7.09 5.98 0.76
C GLU A 7 -6.70 6.17 2.23
N ARG A 8 -6.47 5.06 2.92
CA ARG A 8 -6.10 5.13 4.32
C ARG A 8 -4.67 5.63 4.48
N ILE A 9 -3.80 5.21 3.57
CA ILE A 9 -2.39 5.62 3.60
C ILE A 9 -1.78 5.55 2.21
N GLY A 10 -2.23 4.57 1.42
CA GLY A 10 -1.72 4.41 0.08
C GLY A 10 -0.20 4.52 0.02
N LYS A 11 0.29 5.30 -0.94
CA LYS A 11 1.73 5.49 -1.07
C LYS A 11 2.46 4.15 -1.08
N ALA A 12 1.71 3.05 -1.18
CA ALA A 12 2.33 1.74 -1.17
C ALA A 12 3.21 1.59 0.06
N GLY A 13 2.69 2.10 1.19
CA GLY A 13 3.40 2.04 2.47
C GLY A 13 4.23 0.78 2.62
N GLY A 14 5.46 0.83 2.13
CA GLY A 14 6.34 -0.32 2.19
C GLY A 14 5.86 -1.41 1.25
N ILE A 15 5.64 -1.02 -0.01
CA ILE A 15 5.15 -1.93 -1.05
C ILE A 15 4.10 -2.89 -0.50
N ILE A 16 2.87 -2.39 -0.41
CA ILE A 16 1.74 -3.17 0.09
C ILE A 16 0.55 -3.00 -0.87
N ILE A 17 0.08 -1.76 -1.01
CA ILE A 17 -1.03 -1.49 -1.90
C ILE A 17 -0.57 -1.70 -3.35
N GLY A 18 0.59 -1.13 -3.67
CA GLY A 18 1.16 -1.28 -5.00
C GLY A 18 1.88 -2.60 -5.14
N GLY A 19 2.55 -3.02 -4.07
CA GLY A 19 3.27 -4.28 -4.08
C GLY A 19 2.33 -5.47 -4.22
N ALA A 20 1.23 -5.45 -3.48
CA ALA A 20 0.26 -6.55 -3.54
C ALA A 20 -0.39 -6.61 -4.91
N LEU A 21 -0.26 -5.52 -5.66
CA LEU A 21 -0.85 -5.46 -7.00
C LEU A 21 -2.37 -5.58 -6.92
N ASP A 22 -3.06 -4.44 -7.02
CA ASP A 22 -4.52 -4.43 -6.96
C ASP A 22 -5.02 -5.24 -5.77
N HIS A 23 -4.20 -5.34 -4.74
CA HIS A 23 -4.58 -6.09 -3.54
C HIS A 23 -5.05 -7.48 -3.91
N LEU A 24 -4.37 -8.11 -4.86
CA LEU A 24 -4.73 -9.45 -5.31
C LEU A 24 -3.60 -10.05 -6.13
N GLY A 1 -15.59 17.08 0.29
CA GLY A 1 -14.90 16.25 1.26
C GLY A 1 -13.72 15.51 0.66
N LYS A 2 -13.15 16.10 -0.39
CA LYS A 2 -12.01 15.50 -1.06
C LYS A 2 -10.73 15.72 -0.26
N GLY A 3 -10.83 15.57 1.06
CA GLY A 3 -9.68 15.75 1.93
C GLY A 3 -8.59 15.03 1.60
N ARG A 4 -8.98 13.79 1.61
CA ARG A 4 -8.03 12.88 1.78
C ARG A 4 -7.00 12.93 0.67
N TRP A 5 -7.37 13.70 -0.33
CA TRP A 5 -6.52 13.87 -1.51
C TRP A 5 -5.07 14.03 -1.10
N LEU A 6 -4.85 14.40 0.17
CA LEU A 6 -3.51 14.58 0.72
C LEU A 6 -3.18 13.44 1.69
N GLU A 7 -4.22 12.83 2.29
CA GLU A 7 -4.04 11.74 3.24
C GLU A 7 -4.27 10.40 2.54
N ARG A 8 -3.76 10.27 1.32
CA ARG A 8 -3.93 9.05 0.55
C ARG A 8 -3.14 7.90 1.17
N ILE A 9 -3.73 6.71 1.18
CA ILE A 9 -3.09 5.52 1.75
C ILE A 9 -2.26 4.82 0.68
N GLY A 10 -2.46 5.22 -0.58
CA GLY A 10 -1.73 4.63 -1.68
C GLY A 10 -0.24 4.90 -1.64
N LYS A 11 0.27 5.27 -0.48
CA LYS A 11 1.69 5.56 -0.33
C LYS A 11 2.51 4.26 -0.36
N ALA A 12 1.85 3.17 -0.73
CA ALA A 12 2.50 1.86 -0.80
C ALA A 12 2.74 1.30 0.59
N GLY A 13 2.93 2.18 1.57
CA GLY A 13 3.18 1.77 2.94
C GLY A 13 4.09 0.56 3.01
N GLY A 14 5.17 0.59 2.23
CA GLY A 14 6.12 -0.51 2.18
C GLY A 14 5.66 -1.55 1.17
N ILE A 15 5.51 -1.11 -0.08
CA ILE A 15 5.06 -1.98 -1.17
C ILE A 15 3.98 -2.94 -0.72
N ILE A 16 2.84 -2.36 -0.34
CA ILE A 16 1.68 -3.13 0.11
C ILE A 16 0.50 -2.88 -0.83
N ILE A 17 0.17 -1.61 -1.06
CA ILE A 17 -0.93 -1.28 -1.96
C ILE A 17 -0.52 -1.60 -3.39
N GLY A 18 0.49 -0.90 -3.89
CA GLY A 18 0.97 -1.11 -5.24
C GLY A 18 1.62 -2.49 -5.39
N GLY A 19 2.48 -2.83 -4.44
CA GLY A 19 3.15 -4.12 -4.48
C GLY A 19 2.16 -5.27 -4.40
N ALA A 20 1.26 -5.20 -3.43
CA ALA A 20 0.26 -6.25 -3.26
C ALA A 20 0.93 -7.62 -3.19
N LEU A 21 2.25 -7.63 -3.07
CA LEU A 21 2.99 -8.89 -3.00
C LEU A 21 2.58 -9.81 -4.15
N ASP A 22 1.90 -9.25 -5.14
CA ASP A 22 1.46 -10.02 -6.30
C ASP A 22 2.62 -10.24 -7.27
N HIS A 23 3.72 -10.77 -6.75
CA HIS A 23 4.89 -11.02 -7.58
C HIS A 23 5.31 -9.75 -8.32
N LEU A 24 4.72 -8.63 -7.93
CA LEU A 24 5.04 -7.35 -8.55
C LEU A 24 4.43 -6.20 -7.75
N GLY A 1 -16.62 1.57 14.66
CA GLY A 1 -16.85 0.20 15.09
C GLY A 1 -15.69 -0.34 15.89
N LYS A 2 -16.01 -0.91 17.05
CA LYS A 2 -14.97 -1.46 17.92
C LYS A 2 -14.15 -2.51 17.17
N GLY A 3 -13.10 -3.01 17.82
CA GLY A 3 -12.24 -4.01 17.21
C GLY A 3 -11.16 -3.53 16.56
N ARG A 4 -11.63 -2.73 15.65
CA ARG A 4 -10.83 -2.50 14.61
C ARG A 4 -9.54 -1.86 15.04
N TRP A 5 -9.53 -1.47 16.28
CA TRP A 5 -8.37 -0.83 16.87
C TRP A 5 -7.09 -1.55 16.44
N LEU A 6 -7.26 -2.83 16.09
CA LEU A 6 -6.15 -3.67 15.65
C LEU A 6 -6.07 -3.68 14.11
N GLU A 7 -7.21 -3.49 13.44
CA GLU A 7 -7.22 -3.50 11.98
C GLU A 7 -6.11 -2.62 11.42
N ARG A 8 -5.89 -1.47 12.07
CA ARG A 8 -4.85 -0.54 11.63
C ARG A 8 -5.02 -0.23 10.14
N ILE A 9 -4.14 0.63 9.62
CA ILE A 9 -4.21 1.00 8.22
C ILE A 9 -3.77 -0.16 7.33
N GLY A 10 -2.93 -1.04 7.87
CA GLY A 10 -2.45 -2.19 7.13
C GLY A 10 -1.43 -1.80 6.08
N LYS A 11 -1.61 -0.62 5.50
CA LYS A 11 -0.68 -0.13 4.48
C LYS A 11 0.67 0.21 5.09
N ALA A 12 1.64 -0.70 4.93
CA ALA A 12 2.97 -0.47 5.47
C ALA A 12 3.67 0.65 4.71
N GLY A 13 2.95 1.24 3.77
CA GLY A 13 3.51 2.33 2.98
C GLY A 13 4.87 1.98 2.42
N GLY A 14 4.92 0.94 1.59
CA GLY A 14 6.17 0.52 0.99
C GLY A 14 5.97 -0.45 -0.15
N ILE A 15 5.39 -1.62 0.16
CA ILE A 15 5.13 -2.64 -0.85
C ILE A 15 3.98 -3.54 -0.41
N ILE A 16 2.81 -2.93 -0.24
CA ILE A 16 1.62 -3.65 0.18
C ILE A 16 0.47 -3.29 -0.75
N ILE A 17 0.02 -2.04 -0.69
CA ILE A 17 -1.07 -1.58 -1.54
C ILE A 17 -0.58 -1.48 -2.98
N GLY A 18 0.65 -0.99 -3.14
CA GLY A 18 1.24 -0.84 -4.46
C GLY A 18 1.79 -2.16 -4.98
N GLY A 19 2.51 -2.87 -4.11
CA GLY A 19 3.09 -4.15 -4.49
C GLY A 19 2.04 -5.24 -4.58
N ALA A 20 1.06 -5.20 -3.67
CA ALA A 20 0.00 -6.21 -3.66
C ALA A 20 0.58 -7.62 -3.73
N LEU A 21 1.89 -7.73 -3.47
CA LEU A 21 2.55 -9.02 -3.52
C LEU A 21 2.37 -9.66 -4.89
N ASP A 22 1.80 -8.91 -5.82
CA ASP A 22 1.57 -9.41 -7.17
C ASP A 22 2.87 -9.37 -7.97
N HIS A 23 3.99 -9.35 -7.27
CA HIS A 23 5.30 -9.32 -7.93
C HIS A 23 5.34 -8.19 -8.96
N LEU A 24 4.61 -7.12 -8.69
CA LEU A 24 4.57 -5.98 -9.60
C LEU A 24 5.89 -5.20 -9.54
N GLY A 1 -5.34 4.18 -18.56
CA GLY A 1 -4.35 5.21 -18.33
C GLY A 1 -3.56 4.96 -17.05
N LYS A 2 -3.75 5.82 -16.06
CA LYS A 2 -3.04 5.68 -14.80
C LYS A 2 -1.54 5.68 -15.02
N GLY A 3 -0.83 4.75 -14.37
CA GLY A 3 0.61 4.71 -14.50
C GLY A 3 1.20 5.94 -14.23
N ARG A 4 1.03 6.01 -12.98
CA ARG A 4 1.71 6.81 -12.18
C ARG A 4 0.93 7.08 -10.91
N TRP A 5 -0.32 6.70 -10.94
CA TRP A 5 -1.19 6.90 -9.78
C TRP A 5 -0.46 6.52 -8.49
N LEU A 6 0.61 5.73 -8.67
CA LEU A 6 1.43 5.27 -7.55
C LEU A 6 2.77 6.00 -7.52
N GLU A 7 3.17 6.60 -8.65
CA GLU A 7 4.44 7.32 -8.69
C GLU A 7 4.40 8.53 -7.76
N ARG A 8 3.20 9.06 -7.54
CA ARG A 8 3.05 10.22 -6.66
C ARG A 8 3.48 9.88 -5.24
N ILE A 9 2.74 8.97 -4.61
CA ILE A 9 3.05 8.56 -3.24
C ILE A 9 4.41 7.87 -3.17
N GLY A 10 4.69 7.02 -4.16
CA GLY A 10 5.97 6.31 -4.21
C GLY A 10 6.28 5.61 -2.90
N LYS A 11 5.27 5.46 -2.05
CA LYS A 11 5.43 4.79 -0.76
C LYS A 11 4.17 4.01 -0.41
N ALA A 12 3.99 2.88 -1.06
CA ALA A 12 2.83 2.04 -0.83
C ALA A 12 2.91 1.36 0.54
N GLY A 13 2.75 2.14 1.60
CA GLY A 13 2.80 1.63 2.95
C GLY A 13 3.93 0.62 3.15
N GLY A 14 4.90 0.63 2.23
CA GLY A 14 6.03 -0.29 2.29
C GLY A 14 5.87 -1.43 1.31
N ILE A 15 5.34 -1.11 0.14
CA ILE A 15 5.11 -2.08 -0.92
C ILE A 15 4.02 -3.08 -0.54
N ILE A 16 2.77 -2.60 -0.58
CA ILE A 16 1.61 -3.42 -0.28
C ILE A 16 0.45 -2.97 -1.18
N ILE A 17 0.20 -1.66 -1.19
CA ILE A 17 -0.87 -1.12 -2.03
C ILE A 17 -0.44 -1.21 -3.48
N GLY A 18 0.87 -1.11 -3.70
CA GLY A 18 1.43 -1.18 -5.04
C GLY A 18 1.79 -2.60 -5.40
N GLY A 19 2.60 -3.25 -4.55
CA GLY A 19 3.00 -4.62 -4.80
C GLY A 19 1.92 -5.62 -4.44
N ALA A 20 1.29 -5.44 -3.28
CA ALA A 20 0.24 -6.34 -2.85
C ALA A 20 0.69 -7.80 -2.97
N LEU A 21 1.84 -8.09 -2.37
CA LEU A 21 2.39 -9.45 -2.40
C LEU A 21 1.41 -10.43 -1.76
N ASP A 22 1.00 -11.44 -2.53
CA ASP A 22 0.07 -12.43 -2.02
C ASP A 22 -1.20 -11.78 -1.48
N HIS A 23 -1.70 -10.80 -2.23
CA HIS A 23 -2.92 -10.09 -1.83
C HIS A 23 -2.73 -9.39 -0.49
N LEU A 24 -1.51 -9.43 0.05
CA LEU A 24 -1.20 -8.79 1.33
C LEU A 24 0.08 -7.97 1.21
N GLY A 1 -4.77 22.02 -1.40
CA GLY A 1 -3.57 21.96 -2.21
C GLY A 1 -3.50 20.68 -3.02
N LYS A 2 -4.34 20.59 -4.05
CA LYS A 2 -4.37 19.41 -4.91
C LYS A 2 -3.12 19.37 -5.80
N GLY A 3 -3.12 18.43 -6.75
CA GLY A 3 -2.00 18.28 -7.66
C GLY A 3 -1.33 17.10 -7.57
N ARG A 4 -0.90 17.04 -6.35
CA ARG A 4 0.12 16.24 -6.13
C ARG A 4 -0.19 14.80 -6.47
N TRP A 5 -1.46 14.61 -6.71
CA TRP A 5 -1.98 13.29 -7.07
C TRP A 5 -1.06 12.62 -8.09
N LEU A 6 -0.29 13.47 -8.79
CA LEU A 6 0.66 12.99 -9.80
C LEU A 6 2.07 12.92 -9.21
N GLU A 7 2.34 13.75 -8.20
CA GLU A 7 3.67 13.76 -7.59
C GLU A 7 4.10 12.33 -7.22
N ARG A 8 3.12 11.46 -7.06
CA ARG A 8 3.41 10.07 -6.71
C ARG A 8 4.26 10.01 -5.44
N ILE A 9 3.61 9.94 -4.29
CA ILE A 9 4.32 9.87 -3.02
C ILE A 9 5.36 8.77 -3.05
N GLY A 10 5.11 7.74 -3.84
CA GLY A 10 6.04 6.63 -3.96
C GLY A 10 6.30 5.97 -2.62
N LYS A 11 5.24 5.46 -1.99
CA LYS A 11 5.38 4.81 -0.69
C LYS A 11 4.11 4.03 -0.35
N ALA A 12 3.88 2.93 -1.07
CA ALA A 12 2.70 2.11 -0.83
C ALA A 12 2.87 1.31 0.45
N GLY A 13 2.84 2.00 1.59
CA GLY A 13 2.99 1.36 2.89
C GLY A 13 3.98 0.22 2.86
N GLY A 14 5.09 0.43 2.14
CA GLY A 14 6.10 -0.60 2.03
C GLY A 14 5.69 -1.66 1.04
N ILE A 15 5.59 -1.26 -0.23
CA ILE A 15 5.17 -2.16 -1.31
C ILE A 15 4.02 -3.06 -0.86
N ILE A 16 2.81 -2.49 -0.88
CA ILE A 16 1.59 -3.20 -0.49
C ILE A 16 0.42 -2.77 -1.36
N ILE A 17 -0.04 -1.54 -1.16
CA ILE A 17 -1.17 -1.02 -1.96
C ILE A 17 -0.85 -1.22 -3.44
N GLY A 18 0.37 -0.87 -3.82
CA GLY A 18 0.82 -1.01 -5.21
C GLY A 18 1.58 -2.31 -5.40
N GLY A 19 2.30 -2.73 -4.36
CA GLY A 19 3.07 -3.95 -4.40
C GLY A 19 2.24 -5.17 -4.06
N ALA A 20 1.71 -5.21 -2.84
CA ALA A 20 0.90 -6.36 -2.42
C ALA A 20 1.67 -7.66 -2.64
N LEU A 21 2.97 -7.61 -2.39
CA LEU A 21 3.81 -8.79 -2.56
C LEU A 21 3.38 -9.90 -1.61
N ASP A 22 2.83 -10.98 -2.18
CA ASP A 22 2.37 -12.11 -1.39
C ASP A 22 1.41 -11.66 -0.30
N HIS A 23 0.43 -10.86 -0.68
CA HIS A 23 -0.57 -10.37 0.27
C HIS A 23 0.11 -9.72 1.46
N LEU A 24 1.41 -9.41 1.31
CA LEU A 24 2.16 -8.78 2.39
C LEU A 24 3.50 -8.28 1.88
N GLY A 1 -21.60 5.21 -1.87
CA GLY A 1 -21.05 6.52 -1.59
C GLY A 1 -19.78 6.44 -0.77
N LYS A 2 -19.86 5.84 0.40
CA LYS A 2 -18.70 5.70 1.28
C LYS A 2 -17.77 4.61 0.76
N GLY A 3 -16.79 4.25 1.59
CA GLY A 3 -15.83 3.22 1.22
C GLY A 3 -14.54 3.62 1.23
N ARG A 4 -14.48 4.58 0.36
CA ARG A 4 -13.28 4.84 -0.15
C ARG A 4 -12.28 5.23 0.92
N TRP A 5 -12.84 5.46 2.08
CA TRP A 5 -12.06 5.85 3.24
C TRP A 5 -10.76 5.05 3.31
N LEU A 6 -10.79 3.86 2.70
CA LEU A 6 -9.64 2.97 2.66
C LEU A 6 -8.83 3.19 1.37
N GLU A 7 -9.50 3.60 0.30
CA GLU A 7 -8.81 3.82 -0.97
C GLU A 7 -7.66 4.82 -0.78
N ARG A 8 -7.75 5.65 0.26
CA ARG A 8 -6.72 6.63 0.53
C ARG A 8 -5.33 6.00 0.50
N ILE A 9 -5.21 4.81 1.09
CA ILE A 9 -3.94 4.12 1.13
C ILE A 9 -3.28 4.10 -0.26
N GLY A 10 -2.12 4.75 -0.36
CA GLY A 10 -1.41 4.83 -1.62
C GLY A 10 0.07 5.11 -1.41
N LYS A 11 0.47 5.26 -0.15
CA LYS A 11 1.86 5.53 0.18
C LYS A 11 2.70 4.26 0.00
N ALA A 12 2.06 3.19 -0.45
CA ALA A 12 2.74 1.92 -0.66
C ALA A 12 3.04 1.24 0.68
N GLY A 13 2.92 2.01 1.77
CA GLY A 13 3.18 1.50 3.11
C GLY A 13 4.31 0.49 3.14
N GLY A 14 5.30 0.70 2.26
CA GLY A 14 6.43 -0.21 2.16
C GLY A 14 6.14 -1.36 1.24
N ILE A 15 5.58 -1.05 0.07
CA ILE A 15 5.23 -2.06 -0.93
C ILE A 15 4.12 -2.98 -0.40
N ILE A 16 2.96 -2.39 -0.10
CA ILE A 16 1.80 -3.15 0.39
C ILE A 16 0.69 -3.06 -0.66
N ILE A 17 0.12 -1.87 -0.81
CA ILE A 17 -0.95 -1.67 -1.79
C ILE A 17 -0.34 -1.58 -3.19
N GLY A 18 0.87 -1.04 -3.26
CA GLY A 18 1.56 -0.92 -4.54
C GLY A 18 1.85 -2.28 -5.12
N GLY A 19 2.51 -3.13 -4.32
CA GLY A 19 2.84 -4.48 -4.76
C GLY A 19 1.68 -5.43 -4.59
N ALA A 20 1.08 -5.42 -3.39
CA ALA A 20 -0.05 -6.29 -3.11
C ALA A 20 0.32 -7.75 -3.40
N LEU A 21 1.41 -8.21 -2.79
CA LEU A 21 1.86 -9.58 -2.99
C LEU A 21 0.89 -10.56 -2.32
N ASP A 22 0.27 -10.11 -1.22
CA ASP A 22 -0.68 -10.95 -0.51
C ASP A 22 -2.00 -11.06 -1.26
N HIS A 23 -2.69 -9.93 -1.39
CA HIS A 23 -3.97 -9.92 -2.11
C HIS A 23 -3.79 -10.46 -3.53
N LEU A 24 -2.55 -10.70 -3.91
CA LEU A 24 -2.25 -11.21 -5.24
C LEU A 24 -3.16 -12.39 -5.58
N GLY A 1 15.05 1.78 15.72
CA GLY A 1 16.32 2.14 15.11
C GLY A 1 16.26 2.09 13.60
N LYS A 2 16.93 1.09 13.02
CA LYS A 2 16.95 0.94 11.57
C LYS A 2 15.63 0.36 11.07
N GLY A 3 15.62 -0.07 9.81
CA GLY A 3 14.42 -0.65 9.21
C GLY A 3 13.95 0.02 8.13
N ARG A 4 13.68 1.21 8.56
CA ARG A 4 12.79 1.90 7.84
C ARG A 4 13.27 2.12 6.43
N TRP A 5 14.53 1.78 6.25
CA TRP A 5 15.18 1.92 4.95
C TRP A 5 14.23 1.50 3.83
N LEU A 6 13.25 0.66 4.18
CA LEU A 6 12.25 0.17 3.24
C LEU A 6 10.93 0.95 3.42
N GLU A 7 10.67 1.41 4.65
CA GLU A 7 9.43 2.15 4.94
C GLU A 7 9.67 3.64 4.79
N ARG A 8 10.84 4.02 4.27
CA ARG A 8 11.17 5.42 4.08
C ARG A 8 10.36 6.02 2.95
N ILE A 9 10.27 5.29 1.84
CA ILE A 9 9.51 5.77 0.68
C ILE A 9 8.06 6.05 1.06
N GLY A 10 7.54 5.26 2.01
CA GLY A 10 6.17 5.44 2.44
C GLY A 10 5.21 5.61 1.29
N LYS A 11 5.59 5.08 0.13
CA LYS A 11 4.75 5.19 -1.07
C LYS A 11 3.32 4.74 -0.75
N ALA A 12 3.19 3.86 0.24
CA ALA A 12 1.88 3.36 0.64
C ALA A 12 1.95 2.76 2.04
N GLY A 13 3.05 2.06 2.32
CA GLY A 13 3.23 1.43 3.62
C GLY A 13 4.29 0.34 3.57
N GLY A 14 5.11 0.36 2.52
CA GLY A 14 6.17 -0.64 2.33
C GLY A 14 5.89 -1.53 1.14
N ILE A 15 5.33 -0.96 0.09
CA ILE A 15 5.02 -1.72 -1.11
C ILE A 15 3.93 -2.74 -0.81
N ILE A 16 2.88 -2.29 -0.11
CA ILE A 16 1.75 -3.14 0.25
C ILE A 16 0.66 -2.96 -0.82
N ILE A 17 0.33 -1.71 -1.12
CA ILE A 17 -0.66 -1.42 -2.14
C ILE A 17 -0.03 -1.59 -3.51
N GLY A 18 1.22 -1.16 -3.63
CA GLY A 18 1.94 -1.30 -4.88
C GLY A 18 2.24 -2.76 -5.15
N GLY A 19 2.76 -3.45 -4.14
CA GLY A 19 3.08 -4.86 -4.28
C GLY A 19 1.83 -5.71 -4.31
N ALA A 20 0.91 -5.43 -3.39
CA ALA A 20 -0.35 -6.18 -3.33
C ALA A 20 -0.10 -7.67 -3.14
N LEU A 21 1.18 -8.04 -2.97
CA LEU A 21 1.53 -9.44 -2.78
C LEU A 21 0.97 -10.28 -3.93
N ASP A 22 0.14 -11.26 -3.60
CA ASP A 22 -0.45 -12.13 -4.62
C ASP A 22 0.64 -12.69 -5.54
N HIS A 23 1.89 -12.57 -5.10
CA HIS A 23 3.02 -13.07 -5.89
C HIS A 23 2.99 -12.46 -7.29
N LEU A 24 2.61 -11.19 -7.36
CA LEU A 24 2.55 -10.49 -8.64
C LEU A 24 3.89 -10.62 -9.38
N GLY A 1 3.37 13.54 -19.36
CA GLY A 1 3.13 12.12 -19.56
C GLY A 1 3.52 11.31 -18.33
N LYS A 2 4.68 10.68 -18.39
CA LYS A 2 5.16 9.87 -17.27
C LYS A 2 5.65 10.76 -16.13
N GLY A 3 6.77 10.38 -15.52
CA GLY A 3 7.33 11.15 -14.42
C GLY A 3 6.95 10.75 -13.18
N ARG A 4 5.65 10.91 -13.16
CA ARG A 4 5.11 11.03 -11.96
C ARG A 4 5.35 9.80 -11.11
N TRP A 5 5.85 8.79 -11.79
CA TRP A 5 6.17 7.51 -11.15
C TRP A 5 6.84 7.74 -9.80
N LEU A 6 7.36 8.95 -9.59
CA LEU A 6 8.03 9.33 -8.35
C LEU A 6 7.24 10.42 -7.63
N GLU A 7 6.38 11.15 -8.36
CA GLU A 7 5.59 12.22 -7.75
C GLU A 7 4.25 11.67 -7.26
N ARG A 8 4.24 10.39 -6.88
CA ARG A 8 3.03 9.74 -6.38
C ARG A 8 3.36 8.87 -5.17
N ILE A 9 3.36 9.48 -3.99
CA ILE A 9 3.66 8.77 -2.75
C ILE A 9 5.08 8.22 -2.79
N GLY A 10 5.27 7.12 -3.53
CA GLY A 10 6.59 6.51 -3.64
C GLY A 10 6.93 5.69 -2.41
N LYS A 11 5.92 5.39 -1.60
CA LYS A 11 6.11 4.60 -0.39
C LYS A 11 4.81 3.89 -0.03
N ALA A 12 4.34 3.06 -0.95
CA ALA A 12 3.10 2.31 -0.74
C ALA A 12 3.17 1.48 0.54
N GLY A 13 2.95 2.12 1.67
CA GLY A 13 2.98 1.44 2.96
C GLY A 13 4.08 0.40 3.04
N GLY A 14 5.17 0.63 2.30
CA GLY A 14 6.28 -0.30 2.28
C GLY A 14 6.02 -1.44 1.33
N ILE A 15 5.56 -1.10 0.12
CA ILE A 15 5.26 -2.10 -0.90
C ILE A 15 4.16 -3.01 -0.43
N ILE A 16 2.95 -2.46 -0.37
CA ILE A 16 1.76 -3.19 0.05
C ILE A 16 0.64 -2.92 -0.93
N ILE A 17 0.33 -1.64 -1.13
CA ILE A 17 -0.73 -1.25 -2.08
C ILE A 17 -0.24 -1.48 -3.51
N GLY A 18 0.99 -1.05 -3.77
CA GLY A 18 1.58 -1.22 -5.08
C GLY A 18 1.97 -2.66 -5.33
N GLY A 19 2.66 -3.26 -4.38
CA GLY A 19 3.07 -4.64 -4.50
C GLY A 19 1.89 -5.59 -4.44
N ALA A 20 0.98 -5.34 -3.51
CA ALA A 20 -0.19 -6.19 -3.36
C ALA A 20 0.21 -7.65 -3.19
N LEU A 21 1.51 -7.89 -3.04
CA LEU A 21 2.01 -9.25 -2.88
C LEU A 21 1.46 -10.15 -3.98
N ASP A 22 0.58 -11.08 -3.61
CA ASP A 22 -0.01 -12.00 -4.59
C ASP A 22 1.07 -12.58 -5.51
N HIS A 23 1.14 -12.07 -6.73
CA HIS A 23 2.13 -12.53 -7.70
C HIS A 23 3.50 -11.94 -7.40
N LEU A 24 3.52 -10.66 -7.04
CA LEU A 24 4.77 -9.97 -6.73
C LEU A 24 5.21 -10.29 -5.30
N GLY A 1 -18.23 12.63 -5.44
CA GLY A 1 -18.18 12.28 -4.02
C GLY A 1 -17.47 10.96 -3.79
N LYS A 2 -18.09 9.87 -4.24
CA LYS A 2 -17.50 8.54 -4.07
C LYS A 2 -16.13 8.48 -4.74
N GLY A 3 -15.56 7.27 -4.79
CA GLY A 3 -14.25 7.07 -5.39
C GLY A 3 -13.27 6.71 -4.54
N ARG A 4 -13.20 7.67 -3.67
CA ARG A 4 -12.05 7.79 -3.02
C ARG A 4 -11.71 6.55 -2.24
N TRP A 5 -12.72 5.70 -2.16
CA TRP A 5 -12.61 4.44 -1.45
C TRP A 5 -11.24 3.78 -1.74
N LEU A 6 -10.65 4.19 -2.87
CA LEU A 6 -9.34 3.68 -3.29
C LEU A 6 -8.25 4.75 -3.08
N GLU A 7 -8.65 6.03 -3.07
CA GLU A 7 -7.67 7.12 -2.89
C GLU A 7 -7.49 7.45 -1.41
N ARG A 8 -7.87 6.51 -0.55
CA ARG A 8 -7.73 6.72 0.89
C ARG A 8 -6.26 6.92 1.25
N ILE A 9 -5.38 6.21 0.55
CA ILE A 9 -3.94 6.31 0.79
C ILE A 9 -3.18 6.00 -0.51
N GLY A 10 -2.60 4.80 -0.60
CA GLY A 10 -1.85 4.39 -1.79
C GLY A 10 -0.38 4.74 -1.67
N LYS A 11 0.06 5.06 -0.47
CA LYS A 11 1.45 5.40 -0.23
C LYS A 11 2.31 4.14 -0.30
N ALA A 12 1.70 3.03 -0.70
CA ALA A 12 2.41 1.75 -0.82
C ALA A 12 2.69 1.16 0.57
N GLY A 13 2.68 2.02 1.59
CA GLY A 13 2.93 1.57 2.95
C GLY A 13 4.06 0.56 3.02
N GLY A 14 5.11 0.81 2.24
CA GLY A 14 6.26 -0.09 2.21
C GLY A 14 6.02 -1.26 1.26
N ILE A 15 5.53 -0.96 0.07
CA ILE A 15 5.26 -2.00 -0.92
C ILE A 15 4.19 -2.94 -0.41
N ILE A 16 2.97 -2.42 -0.34
CA ILE A 16 1.82 -3.18 0.12
C ILE A 16 0.66 -2.98 -0.86
N ILE A 17 0.30 -1.73 -1.09
CA ILE A 17 -0.76 -1.40 -2.04
C ILE A 17 -0.21 -1.55 -3.46
N GLY A 18 1.00 -1.03 -3.67
CA GLY A 18 1.63 -1.11 -4.96
C GLY A 18 1.94 -2.54 -5.31
N GLY A 19 2.64 -3.23 -4.41
CA GLY A 19 2.99 -4.62 -4.64
C GLY A 19 1.77 -5.52 -4.58
N ALA A 20 0.95 -5.35 -3.54
CA ALA A 20 -0.24 -6.15 -3.38
C ALA A 20 0.09 -7.64 -3.44
N LEU A 21 1.39 -7.95 -3.42
CA LEU A 21 1.84 -9.34 -3.48
C LEU A 21 1.11 -10.08 -4.60
N ASP A 22 0.17 -10.96 -4.24
CA ASP A 22 -0.58 -11.72 -5.22
C ASP A 22 0.35 -12.49 -6.16
N HIS A 23 0.87 -11.79 -7.17
CA HIS A 23 1.78 -12.42 -8.14
C HIS A 23 2.66 -11.37 -8.80
N LEU A 24 2.59 -10.13 -8.32
CA LEU A 24 3.39 -9.05 -8.87
C LEU A 24 4.85 -9.21 -8.45
N GLY A 1 3.11 2.67 -17.43
CA GLY A 1 2.60 3.71 -18.31
C GLY A 1 2.59 5.07 -17.62
N LYS A 2 1.99 6.05 -18.28
CA LYS A 2 1.91 7.40 -17.73
C LYS A 2 0.86 7.46 -16.62
N GLY A 3 0.26 6.32 -16.32
CA GLY A 3 -0.76 6.25 -15.29
C GLY A 3 -0.43 6.84 -14.11
N ARG A 4 0.68 6.26 -13.74
CA ARG A 4 0.96 6.32 -12.45
C ARG A 4 1.11 7.74 -11.97
N TRP A 5 1.14 8.61 -12.95
CA TRP A 5 1.27 10.04 -12.69
C TRP A 5 0.39 10.44 -11.50
N LEU A 6 -0.62 9.61 -11.22
CA LEU A 6 -1.54 9.84 -10.11
C LEU A 6 -1.26 8.84 -8.98
N GLU A 7 -0.68 7.68 -9.32
CA GLU A 7 -0.35 6.66 -8.33
C GLU A 7 1.10 6.80 -7.86
N ARG A 8 1.76 7.85 -8.34
CA ARG A 8 3.15 8.09 -7.97
C ARG A 8 3.25 8.66 -6.56
N ILE A 9 4.22 8.17 -5.79
CA ILE A 9 4.41 8.63 -4.42
C ILE A 9 5.69 8.03 -3.84
N GLY A 10 6.12 6.91 -4.40
CA GLY A 10 7.33 6.25 -3.93
C GLY A 10 7.23 5.86 -2.47
N LYS A 11 6.07 5.33 -2.07
CA LYS A 11 5.86 4.93 -0.69
C LYS A 11 4.54 4.17 -0.56
N ALA A 12 4.46 3.03 -1.24
CA ALA A 12 3.25 2.20 -1.20
C ALA A 12 3.18 1.43 0.12
N GLY A 13 3.09 2.17 1.23
CA GLY A 13 3.02 1.54 2.54
C GLY A 13 4.03 0.41 2.69
N GLY A 14 5.25 0.66 2.25
CA GLY A 14 6.29 -0.35 2.33
C GLY A 14 6.05 -1.47 1.34
N ILE A 15 5.63 -1.12 0.14
CA ILE A 15 5.34 -2.10 -0.90
C ILE A 15 4.25 -3.04 -0.44
N ILE A 16 3.04 -2.50 -0.30
CA ILE A 16 1.88 -3.28 0.14
C ILE A 16 0.70 -2.99 -0.78
N ILE A 17 0.26 -1.72 -0.78
CA ILE A 17 -0.86 -1.32 -1.62
C ILE A 17 -0.43 -1.34 -3.09
N GLY A 18 0.87 -1.14 -3.31
CA GLY A 18 1.42 -1.14 -4.66
C GLY A 18 1.81 -2.54 -5.10
N GLY A 19 2.58 -3.22 -4.27
CA GLY A 19 3.02 -4.56 -4.58
C GLY A 19 1.89 -5.57 -4.45
N ALA A 20 0.96 -5.29 -3.55
CA ALA A 20 -0.17 -6.18 -3.32
C ALA A 20 0.31 -7.61 -3.08
N LEU A 21 1.59 -7.75 -2.74
CA LEU A 21 2.17 -9.06 -2.49
C LEU A 21 1.91 -10.00 -3.66
N ASP A 22 2.87 -10.07 -4.58
CA ASP A 22 2.74 -10.93 -5.75
C ASP A 22 1.36 -10.79 -6.38
N HIS A 23 0.87 -9.57 -6.46
CA HIS A 23 -0.45 -9.32 -7.05
C HIS A 23 -1.52 -10.16 -6.36
N LEU A 24 -1.40 -10.28 -5.04
CA LEU A 24 -2.36 -11.07 -4.27
C LEU A 24 -2.15 -10.86 -2.77
N GLY A 1 12.02 -7.41 22.71
CA GLY A 1 11.34 -6.16 22.93
C GLY A 1 9.83 -6.30 22.80
N LYS A 2 9.41 -7.27 22.00
CA LYS A 2 7.97 -7.49 21.80
C LYS A 2 7.28 -6.20 21.35
N GLY A 3 8.05 -5.32 20.71
CA GLY A 3 7.50 -4.07 20.23
C GLY A 3 6.39 -4.17 19.48
N ARG A 4 6.72 -4.92 18.47
CA ARG A 4 5.98 -4.80 17.38
C ARG A 4 4.53 -5.13 17.64
N TRP A 5 4.34 -5.70 18.81
CA TRP A 5 3.01 -6.10 19.27
C TRP A 5 1.98 -5.02 18.90
N LEU A 6 2.48 -3.80 18.66
CA LEU A 6 1.64 -2.67 18.29
C LEU A 6 1.82 -2.33 16.80
N GLU A 7 2.99 -2.68 16.25
CA GLU A 7 3.27 -2.41 14.83
C GLU A 7 3.05 -3.67 14.01
N ARG A 8 2.23 -4.58 14.53
CA ARG A 8 1.95 -5.83 13.83
C ARG A 8 1.39 -5.55 12.44
N ILE A 9 1.04 -4.30 12.18
CA ILE A 9 0.48 -3.93 10.87
C ILE A 9 1.34 -4.50 9.74
N GLY A 10 0.76 -5.43 9.00
CA GLY A 10 1.46 -6.06 7.89
C GLY A 10 1.68 -5.10 6.74
N LYS A 11 1.01 -3.95 6.79
CA LYS A 11 1.16 -2.96 5.73
C LYS A 11 2.58 -2.41 5.70
N ALA A 12 3.35 -2.83 4.71
CA ALA A 12 4.72 -2.37 4.58
C ALA A 12 4.74 -0.88 4.24
N GLY A 13 3.55 -0.30 4.09
CA GLY A 13 3.43 1.10 3.76
C GLY A 13 4.40 1.53 2.68
N GLY A 14 4.62 0.64 1.71
CA GLY A 14 5.54 0.93 0.62
C GLY A 14 5.49 -0.12 -0.47
N ILE A 15 4.98 -1.30 -0.12
CA ILE A 15 4.88 -2.40 -1.08
C ILE A 15 3.73 -3.32 -0.69
N ILE A 16 2.55 -2.73 -0.50
CA ILE A 16 1.36 -3.48 -0.13
C ILE A 16 0.13 -2.88 -0.80
N ILE A 17 0.06 -1.56 -0.81
CA ILE A 17 -1.07 -0.86 -1.43
C ILE A 17 -1.00 -1.04 -2.95
N GLY A 18 -0.03 -1.81 -3.41
CA GLY A 18 0.14 -2.05 -4.83
C GLY A 18 1.26 -3.03 -5.11
N GLY A 19 2.18 -3.16 -4.15
CA GLY A 19 3.30 -4.08 -4.31
C GLY A 19 2.86 -5.52 -4.21
N ALA A 20 1.64 -5.74 -3.73
CA ALA A 20 1.10 -7.08 -3.59
C ALA A 20 0.72 -7.66 -4.95
N LEU A 21 0.42 -6.77 -5.90
CA LEU A 21 0.02 -7.21 -7.23
C LEU A 21 -1.12 -8.20 -7.16
N ASP A 22 -2.26 -7.75 -6.61
CA ASP A 22 -3.43 -8.60 -6.48
C ASP A 22 -4.69 -7.76 -6.33
N HIS A 23 -4.84 -6.76 -7.20
CA HIS A 23 -6.00 -5.89 -7.15
C HIS A 23 -6.16 -5.27 -5.76
N LEU A 24 -5.05 -5.18 -5.03
CA LEU A 24 -5.08 -4.62 -3.69
C LEU A 24 -5.34 -3.11 -3.77
N GLY A 1 -12.87 16.52 -4.31
CA GLY A 1 -11.49 16.94 -4.47
C GLY A 1 -10.55 15.76 -4.61
N LYS A 2 -10.31 15.35 -5.86
CA LYS A 2 -9.42 14.22 -6.11
C LYS A 2 -7.98 14.61 -5.82
N GLY A 3 -7.04 14.05 -6.60
CA GLY A 3 -5.64 14.33 -6.38
C GLY A 3 -5.25 14.21 -5.05
N ARG A 4 -5.35 12.95 -4.89
CA ARG A 4 -4.73 12.30 -3.93
C ARG A 4 -5.37 10.93 -3.73
N TRP A 5 -6.51 10.75 -4.33
CA TRP A 5 -7.24 9.48 -4.22
C TRP A 5 -6.27 8.31 -4.40
N LEU A 6 -5.09 8.62 -4.96
CA LEU A 6 -4.05 7.62 -5.19
C LEU A 6 -2.82 7.91 -4.33
N GLU A 7 -2.73 9.13 -3.75
CA GLU A 7 -1.59 9.50 -2.90
C GLU A 7 -2.06 9.82 -1.48
N ARG A 8 -3.32 9.47 -1.19
CA ARG A 8 -3.88 9.72 0.13
C ARG A 8 -3.47 8.61 1.10
N ILE A 9 -3.19 7.44 0.56
CA ILE A 9 -2.78 6.29 1.37
C ILE A 9 -2.10 5.26 0.49
N GLY A 10 -2.32 5.35 -0.81
CA GLY A 10 -1.71 4.44 -1.75
C GLY A 10 -0.23 4.70 -1.95
N LYS A 11 0.42 5.18 -0.90
CA LYS A 11 1.85 5.47 -0.96
C LYS A 11 2.67 4.18 -0.86
N ALA A 12 2.03 3.06 -1.21
CA ALA A 12 2.68 1.75 -1.16
C ALA A 12 2.83 1.28 0.27
N GLY A 13 2.98 2.22 1.21
CA GLY A 13 3.13 1.87 2.62
C GLY A 13 4.06 0.69 2.81
N GLY A 14 5.24 0.77 2.22
CA GLY A 14 6.23 -0.30 2.32
C GLY A 14 5.91 -1.43 1.37
N ILE A 15 5.44 -1.08 0.17
CA ILE A 15 5.10 -2.06 -0.84
C ILE A 15 4.03 -3.00 -0.32
N ILE A 16 2.81 -2.49 -0.30
CA ILE A 16 1.64 -3.25 0.15
C ILE A 16 0.47 -2.98 -0.79
N ILE A 17 0.22 -1.70 -1.07
CA ILE A 17 -0.86 -1.32 -1.98
C ILE A 17 -0.38 -1.48 -3.42
N GLY A 18 0.83 -1.00 -3.69
CA GLY A 18 1.41 -1.08 -5.01
C GLY A 18 1.81 -2.50 -5.35
N GLY A 19 2.64 -3.11 -4.50
CA GLY A 19 3.09 -4.47 -4.73
C GLY A 19 1.97 -5.47 -4.60
N ALA A 20 1.11 -5.29 -3.60
CA ALA A 20 0.00 -6.21 -3.38
C ALA A 20 0.51 -7.63 -3.20
N LEU A 21 1.45 -7.79 -2.27
CA LEU A 21 2.03 -9.10 -2.00
C LEU A 21 0.92 -10.13 -1.76
N ASP A 22 0.56 -10.87 -2.80
CA ASP A 22 -0.48 -11.88 -2.70
C ASP A 22 -1.72 -11.30 -2.02
N HIS A 23 -2.30 -10.28 -2.63
CA HIS A 23 -3.49 -9.64 -2.08
C HIS A 23 -3.26 -9.24 -0.63
N LEU A 24 -2.03 -8.82 -0.32
CA LEU A 24 -1.70 -8.41 1.04
C LEU A 24 -0.33 -7.72 1.04
N GLY A 1 -15.36 -10.87 14.97
CA GLY A 1 -14.77 -9.55 15.01
C GLY A 1 -15.52 -8.56 14.16
N LYS A 2 -15.28 -8.62 12.85
CA LYS A 2 -15.95 -7.72 11.92
C LYS A 2 -15.66 -6.26 12.29
N GLY A 3 -15.81 -5.37 11.30
CA GLY A 3 -15.55 -3.96 11.52
C GLY A 3 -14.57 -3.44 10.75
N ARG A 4 -13.53 -4.16 11.00
CA ARG A 4 -12.35 -3.61 10.73
C ARG A 4 -12.22 -3.25 9.27
N TRP A 5 -13.17 -3.77 8.53
CA TRP A 5 -13.23 -3.55 7.09
C TRP A 5 -12.91 -2.09 6.76
N LEU A 6 -13.03 -1.23 7.78
CA LEU A 6 -12.75 0.21 7.64
C LEU A 6 -11.54 0.60 8.49
N GLU A 7 -11.19 -0.22 9.49
CA GLU A 7 -10.04 0.07 10.35
C GLU A 7 -8.77 -0.53 9.75
N ARG A 8 -8.75 -0.64 8.42
CA ARG A 8 -7.61 -1.20 7.72
C ARG A 8 -6.34 -0.43 8.06
N ILE A 9 -5.20 -1.10 7.96
CA ILE A 9 -3.91 -0.47 8.26
C ILE A 9 -2.77 -1.43 7.93
N GLY A 10 -3.10 -2.72 7.82
CA GLY A 10 -2.10 -3.73 7.49
C GLY A 10 -1.12 -3.25 6.43
N LYS A 11 -1.55 -2.26 5.66
CA LYS A 11 -0.69 -1.72 4.61
C LYS A 11 0.57 -1.11 5.24
N ALA A 12 1.71 -1.74 4.96
CA ALA A 12 2.98 -1.27 5.51
C ALA A 12 3.48 -0.04 4.76
N GLY A 13 2.55 0.65 4.07
CA GLY A 13 2.89 1.84 3.32
C GLY A 13 4.24 1.74 2.64
N GLY A 14 4.51 0.58 2.03
CA GLY A 14 5.78 0.35 1.33
C GLY A 14 5.60 -0.42 0.04
N ILE A 15 5.01 -1.62 0.15
CA ILE A 15 4.78 -2.45 -1.03
C ILE A 15 3.60 -3.39 -0.80
N ILE A 16 2.45 -2.79 -0.56
CA ILE A 16 1.21 -3.54 -0.32
C ILE A 16 0.08 -2.87 -1.10
N ILE A 17 -0.01 -1.55 -0.96
CA ILE A 17 -1.04 -0.79 -1.66
C ILE A 17 -0.66 -0.65 -3.14
N GLY A 18 0.39 -1.38 -3.52
CA GLY A 18 0.86 -1.35 -4.90
C GLY A 18 1.66 -2.60 -5.23
N GLY A 19 2.44 -3.08 -4.26
CA GLY A 19 3.25 -4.27 -4.47
C GLY A 19 2.39 -5.52 -4.45
N ALA A 20 1.66 -5.73 -3.36
CA ALA A 20 0.79 -6.89 -3.21
C ALA A 20 1.61 -8.18 -3.11
N LEU A 21 2.91 -8.09 -3.36
CA LEU A 21 3.78 -9.26 -3.28
C LEU A 21 3.16 -10.45 -4.04
N ASP A 22 3.19 -10.37 -5.37
CA ASP A 22 2.64 -11.43 -6.19
C ASP A 22 3.06 -11.26 -7.65
N HIS A 23 2.19 -10.66 -8.45
CA HIS A 23 2.48 -10.44 -9.86
C HIS A 23 3.59 -9.40 -10.02
N LEU A 24 3.68 -8.48 -9.06
CA LEU A 24 4.70 -7.45 -9.10
C LEU A 24 6.08 -8.04 -8.83
N GLY A 1 -10.76 12.28 13.44
CA GLY A 1 -11.30 10.95 13.67
C GLY A 1 -10.40 10.11 14.55
N LYS A 2 -10.75 8.84 14.71
CA LYS A 2 -9.96 7.94 15.54
C LYS A 2 -10.36 6.49 15.28
N GLY A 3 -10.92 6.24 14.09
CA GLY A 3 -11.34 4.90 13.74
C GLY A 3 -10.38 3.93 13.87
N ARG A 4 -9.40 4.33 13.12
CA ARG A 4 -8.57 3.37 12.72
C ARG A 4 -7.92 2.67 13.88
N TRP A 5 -8.10 3.30 15.02
CA TRP A 5 -7.55 2.77 16.28
C TRP A 5 -7.78 1.26 16.35
N LEU A 6 -8.73 0.77 15.55
CA LEU A 6 -9.07 -0.65 15.48
C LEU A 6 -8.70 -1.23 14.11
N GLU A 7 -8.54 -0.36 13.09
CA GLU A 7 -8.20 -0.85 11.75
C GLU A 7 -6.68 -1.04 11.61
N ARG A 8 -5.94 -0.47 12.55
CA ARG A 8 -4.49 -0.60 12.52
C ARG A 8 -3.91 0.05 11.26
N ILE A 9 -2.68 0.54 11.35
CA ILE A 9 -2.05 1.19 10.20
C ILE A 9 -2.02 0.22 9.01
N GLY A 10 -1.68 -1.03 9.28
CA GLY A 10 -1.62 -2.04 8.23
C GLY A 10 -0.68 -1.65 7.11
N LYS A 11 -1.15 -0.77 6.23
CA LYS A 11 -0.35 -0.31 5.10
C LYS A 11 1.03 0.13 5.57
N ALA A 12 2.01 -0.74 5.44
CA ALA A 12 3.37 -0.42 5.84
C ALA A 12 3.90 0.73 5.00
N GLY A 13 3.07 1.21 4.06
CA GLY A 13 3.46 2.29 3.19
C GLY A 13 4.70 1.93 2.39
N GLY A 14 5.14 0.67 2.54
CA GLY A 14 6.32 0.19 1.83
C GLY A 14 5.96 -0.35 0.46
N ILE A 15 5.38 -1.55 0.43
CA ILE A 15 4.99 -2.17 -0.84
C ILE A 15 3.87 -3.18 -0.60
N ILE A 16 2.78 -2.69 -0.04
CA ILE A 16 1.61 -3.52 0.24
C ILE A 16 0.54 -3.23 -0.80
N ILE A 17 0.18 -1.95 -0.93
CA ILE A 17 -0.81 -1.54 -1.92
C ILE A 17 -0.19 -1.63 -3.30
N GLY A 18 1.10 -1.31 -3.38
CA GLY A 18 1.84 -1.36 -4.63
C GLY A 18 2.29 -2.77 -4.94
N GLY A 19 2.77 -3.47 -3.90
CA GLY A 19 3.24 -4.83 -4.07
C GLY A 19 2.10 -5.78 -4.35
N ALA A 20 1.00 -5.65 -3.61
CA ALA A 20 -0.15 -6.51 -3.80
C ALA A 20 -0.69 -6.39 -5.23
N LEU A 21 -0.71 -5.16 -5.74
CA LEU A 21 -1.20 -4.91 -7.08
C LEU A 21 -2.69 -5.23 -7.17
N ASP A 22 -3.52 -4.19 -7.26
CA ASP A 22 -4.96 -4.37 -7.35
C ASP A 22 -5.47 -5.21 -6.19
N HIS A 23 -4.90 -4.99 -5.02
CA HIS A 23 -5.30 -5.74 -3.82
C HIS A 23 -5.30 -7.25 -4.11
N LEU A 24 -4.61 -7.63 -5.17
CA LEU A 24 -4.54 -9.05 -5.55
C LEU A 24 -3.80 -9.84 -4.48
N GLY A 1 -0.31 15.38 -17.23
CA GLY A 1 0.66 15.58 -16.17
C GLY A 1 0.55 14.52 -15.09
N LYS A 2 -0.40 13.60 -15.26
CA LYS A 2 -0.60 12.54 -14.29
C LYS A 2 0.62 11.65 -14.22
N GLY A 3 0.41 10.35 -13.97
CA GLY A 3 1.52 9.43 -13.85
C GLY A 3 2.48 9.86 -12.95
N ARG A 4 1.87 9.73 -11.85
CA ARG A 4 2.49 9.66 -10.69
C ARG A 4 1.55 9.99 -9.55
N TRP A 5 0.40 10.49 -9.91
CA TRP A 5 -0.60 10.88 -8.91
C TRP A 5 -0.71 9.80 -7.82
N LEU A 6 -0.21 8.60 -8.15
CA LEU A 6 -0.21 7.47 -7.23
C LEU A 6 1.24 7.12 -6.82
N GLU A 7 2.23 7.58 -7.59
CA GLU A 7 3.64 7.30 -7.29
C GLU A 7 4.37 8.60 -6.92
N ARG A 8 3.59 9.60 -6.51
CA ARG A 8 4.16 10.89 -6.14
C ARG A 8 4.88 10.78 -4.80
N ILE A 9 4.13 10.43 -3.75
CA ILE A 9 4.70 10.29 -2.42
C ILE A 9 5.68 9.11 -2.39
N GLY A 10 5.49 8.16 -3.31
CA GLY A 10 6.35 7.00 -3.37
C GLY A 10 6.41 6.25 -2.06
N LYS A 11 5.25 6.07 -1.44
CA LYS A 11 5.16 5.36 -0.15
C LYS A 11 3.92 4.47 -0.12
N ALA A 12 3.98 3.35 -0.84
CA ALA A 12 2.86 2.42 -0.89
C ALA A 12 2.80 1.58 0.39
N GLY A 13 2.65 2.25 1.52
CA GLY A 13 2.59 1.56 2.80
C GLY A 13 3.73 0.56 2.94
N GLY A 14 4.83 0.83 2.23
CA GLY A 14 5.99 -0.05 2.27
C GLY A 14 5.87 -1.18 1.27
N ILE A 15 5.44 -0.85 0.06
CA ILE A 15 5.29 -1.84 -0.99
C ILE A 15 4.25 -2.87 -0.57
N ILE A 16 3.04 -2.39 -0.38
CA ILE A 16 1.91 -3.22 0.03
C ILE A 16 0.72 -2.94 -0.89
N ILE A 17 0.42 -1.66 -1.06
CA ILE A 17 -0.68 -1.27 -1.94
C ILE A 17 -0.32 -1.63 -3.37
N GLY A 18 0.90 -1.29 -3.76
CA GLY A 18 1.39 -1.61 -5.09
C GLY A 18 1.85 -3.05 -5.17
N GLY A 19 2.57 -3.48 -4.13
CA GLY A 19 3.05 -4.85 -4.08
C GLY A 19 1.92 -5.86 -4.17
N ALA A 20 0.82 -5.58 -3.46
CA ALA A 20 -0.32 -6.48 -3.46
C ALA A 20 -0.72 -6.84 -4.90
N LEU A 21 -0.96 -5.83 -5.71
CA LEU A 21 -1.34 -6.06 -7.10
C LEU A 21 -2.65 -6.83 -7.16
N ASP A 22 -3.73 -6.20 -6.73
CA ASP A 22 -5.05 -6.83 -6.72
C ASP A 22 -6.14 -5.80 -6.46
N HIS A 23 -6.79 -5.35 -7.53
CA HIS A 23 -7.86 -4.36 -7.40
C HIS A 23 -7.35 -3.12 -6.67
N LEU A 24 -6.02 -2.98 -6.61
CA LEU A 24 -5.42 -1.83 -5.94
C LEU A 24 -6.10 -0.53 -6.37
N GLY A 1 14.41 17.66 -16.56
CA GLY A 1 14.50 17.45 -15.12
C GLY A 1 13.79 16.18 -14.69
N LYS A 2 13.86 15.15 -15.53
CA LYS A 2 13.23 13.88 -15.23
C LYS A 2 13.90 13.21 -14.04
N GLY A 3 14.14 11.90 -14.14
CA GLY A 3 14.74 11.18 -13.03
C GLY A 3 14.13 11.46 -11.82
N ARG A 4 13.01 10.88 -12.00
CA ARG A 4 12.19 10.55 -11.02
C ARG A 4 10.77 10.48 -11.53
N TRP A 5 10.58 10.97 -12.74
CA TRP A 5 9.27 10.98 -13.37
C TRP A 5 8.53 9.66 -13.11
N LEU A 6 9.31 8.63 -12.76
CA LEU A 6 8.75 7.30 -12.49
C LEU A 6 8.77 7.02 -10.98
N GLU A 7 9.62 7.73 -10.22
CA GLU A 7 9.69 7.51 -8.79
C GLU A 7 8.38 7.91 -8.11
N ARG A 8 7.82 9.03 -8.56
CA ARG A 8 6.55 9.52 -8.00
C ARG A 8 6.61 9.52 -6.47
N ILE A 9 5.44 9.32 -5.85
CA ILE A 9 5.36 9.31 -4.40
C ILE A 9 6.40 8.35 -3.82
N GLY A 10 6.52 7.18 -4.42
CA GLY A 10 7.46 6.18 -3.95
C GLY A 10 7.20 5.78 -2.51
N LYS A 11 5.97 5.38 -2.23
CA LYS A 11 5.61 4.97 -0.88
C LYS A 11 4.26 4.26 -0.87
N ALA A 12 4.22 3.08 -1.49
CA ALA A 12 2.98 2.30 -1.56
C ALA A 12 2.75 1.57 -0.24
N GLY A 13 2.96 2.27 0.86
CA GLY A 13 2.78 1.67 2.18
C GLY A 13 3.72 0.51 2.40
N GLY A 14 5.02 0.77 2.27
CA GLY A 14 6.01 -0.27 2.46
C GLY A 14 5.87 -1.37 1.43
N ILE A 15 5.45 -0.99 0.22
CA ILE A 15 5.27 -1.94 -0.85
C ILE A 15 4.22 -2.98 -0.47
N ILE A 16 2.99 -2.48 -0.31
CA ILE A 16 1.85 -3.32 0.06
C ILE A 16 0.69 -2.99 -0.87
N ILE A 17 0.40 -1.70 -1.00
CA ILE A 17 -0.68 -1.25 -1.87
C ILE A 17 -0.27 -1.52 -3.32
N GLY A 18 1.02 -1.32 -3.60
CA GLY A 18 1.56 -1.56 -4.92
C GLY A 18 2.07 -2.98 -5.05
N GLY A 19 2.64 -3.49 -3.97
CA GLY A 19 3.16 -4.84 -3.96
C GLY A 19 2.05 -5.88 -4.03
N ALA A 20 0.89 -5.55 -3.46
CA ALA A 20 -0.24 -6.48 -3.47
C ALA A 20 -0.63 -6.83 -4.91
N LEU A 21 -0.27 -5.97 -5.85
CA LEU A 21 -0.60 -6.19 -7.26
C LEU A 21 0.44 -7.13 -7.91
N ASP A 22 1.56 -7.31 -7.23
CA ASP A 22 2.62 -8.18 -7.76
C ASP A 22 2.05 -9.51 -8.21
N HIS A 23 1.27 -10.15 -7.33
CA HIS A 23 0.68 -11.44 -7.65
C HIS A 23 -0.28 -11.88 -6.53
N LEU A 24 -0.99 -10.92 -5.96
CA LEU A 24 -1.92 -11.21 -4.89
C LEU A 24 -2.82 -10.01 -4.62
N GLY A 1 -9.32 16.34 -14.88
CA GLY A 1 -9.57 15.00 -15.41
C GLY A 1 -9.77 13.99 -14.31
N LYS A 2 -9.99 12.73 -14.71
CA LYS A 2 -10.19 11.65 -13.75
C LYS A 2 -8.85 11.07 -13.31
N GLY A 3 -7.94 11.95 -12.89
CA GLY A 3 -6.63 11.52 -12.46
C GLY A 3 -6.61 10.51 -11.54
N ARG A 4 -7.30 10.95 -10.53
CA ARG A 4 -7.05 10.37 -9.37
C ARG A 4 -7.33 8.89 -9.40
N TRP A 5 -7.97 8.52 -10.49
CA TRP A 5 -8.35 7.12 -10.73
C TRP A 5 -7.20 6.20 -10.32
N LEU A 6 -5.99 6.76 -10.23
CA LEU A 6 -4.80 6.00 -9.85
C LEU A 6 -4.29 6.48 -8.48
N GLU A 7 -4.65 7.71 -8.09
CA GLU A 7 -4.21 8.25 -6.81
C GLU A 7 -5.25 7.97 -5.72
N ARG A 8 -5.94 6.85 -5.85
CA ARG A 8 -6.97 6.48 -4.88
C ARG A 8 -6.36 6.37 -3.49
N ILE A 9 -5.05 6.17 -3.42
CA ILE A 9 -4.37 6.04 -2.13
C ILE A 9 -2.87 6.28 -2.30
N GLY A 10 -2.21 5.49 -3.16
CA GLY A 10 -0.79 5.65 -3.39
C GLY A 10 -0.02 5.90 -2.11
N LYS A 11 -0.25 5.06 -1.09
CA LYS A 11 0.44 5.20 0.19
C LYS A 11 1.84 4.65 0.11
N ALA A 12 1.98 3.48 -0.49
CA ALA A 12 3.28 2.84 -0.58
C ALA A 12 3.82 2.63 0.82
N GLY A 13 2.90 2.44 1.77
CA GLY A 13 3.27 2.23 3.17
C GLY A 13 4.51 1.38 3.31
N GLY A 14 4.76 0.57 2.28
CA GLY A 14 5.93 -0.30 2.26
C GLY A 14 5.78 -1.40 1.25
N ILE A 15 5.44 -1.02 0.02
CA ILE A 15 5.26 -1.99 -1.05
C ILE A 15 4.27 -3.05 -0.60
N ILE A 16 3.07 -2.59 -0.25
CA ILE A 16 2.00 -3.47 0.21
C ILE A 16 0.73 -3.21 -0.59
N ILE A 17 0.42 -1.93 -0.78
CA ILE A 17 -0.76 -1.54 -1.56
C ILE A 17 -0.42 -1.57 -3.04
N GLY A 18 0.82 -1.19 -3.36
CA GLY A 18 1.27 -1.18 -4.74
C GLY A 18 1.68 -2.57 -5.19
N GLY A 19 2.51 -3.24 -4.39
CA GLY A 19 2.96 -4.57 -4.74
C GLY A 19 1.82 -5.58 -4.66
N ALA A 20 0.96 -5.42 -3.66
CA ALA A 20 -0.17 -6.33 -3.48
C ALA A 20 0.30 -7.78 -3.52
N LEU A 21 1.60 -7.99 -3.32
CA LEU A 21 2.16 -9.33 -3.33
C LEU A 21 1.79 -10.06 -4.63
N ASP A 22 1.23 -9.31 -5.58
CA ASP A 22 0.84 -9.88 -6.86
C ASP A 22 2.04 -10.00 -7.78
N HIS A 23 3.23 -10.03 -7.20
CA HIS A 23 4.46 -10.14 -7.97
C HIS A 23 4.49 -9.08 -9.07
N LEU A 24 3.96 -7.90 -8.76
CA LEU A 24 3.93 -6.81 -9.73
C LEU A 24 5.35 -6.36 -10.06
N GLY A 1 -15.17 5.56 6.94
CA GLY A 1 -16.32 5.56 6.05
C GLY A 1 -15.92 5.46 4.60
N LYS A 2 -16.87 5.09 3.76
CA LYS A 2 -16.60 4.95 2.33
C LYS A 2 -15.96 6.23 1.78
N GLY A 3 -15.71 6.25 0.47
CA GLY A 3 -15.10 7.40 -0.17
C GLY A 3 -13.91 7.16 -0.78
N ARG A 4 -13.13 6.71 0.15
CA ARG A 4 -11.83 6.82 -0.07
C ARG A 4 -11.40 6.07 -1.31
N TRP A 5 -12.33 5.28 -1.78
CA TRP A 5 -12.13 4.46 -2.97
C TRP A 5 -11.37 5.25 -4.04
N LEU A 6 -11.39 6.58 -3.90
CA LEU A 6 -10.71 7.48 -4.84
C LEU A 6 -9.56 8.22 -4.13
N GLU A 7 -9.62 8.31 -2.80
CA GLU A 7 -8.57 8.99 -2.04
C GLU A 7 -7.48 8.01 -1.62
N ARG A 8 -7.36 6.92 -2.37
CA ARG A 8 -6.35 5.91 -2.08
C ARG A 8 -4.96 6.53 -2.04
N ILE A 9 -4.22 6.27 -0.96
CA ILE A 9 -2.88 6.82 -0.81
C ILE A 9 -1.93 6.23 -1.86
N GLY A 10 -2.09 4.94 -2.14
CA GLY A 10 -1.25 4.27 -3.12
C GLY A 10 0.22 4.58 -2.92
N LYS A 11 0.57 5.02 -1.71
CA LYS A 11 1.96 5.34 -1.40
C LYS A 11 2.80 4.07 -1.26
N ALA A 12 2.19 2.94 -1.61
CA ALA A 12 2.88 1.65 -1.53
C ALA A 12 2.99 1.18 -0.07
N GLY A 13 3.01 2.15 0.86
CA GLY A 13 3.11 1.84 2.28
C GLY A 13 4.03 0.65 2.55
N GLY A 14 5.26 0.74 2.06
CA GLY A 14 6.22 -0.32 2.24
C GLY A 14 5.96 -1.45 1.27
N ILE A 15 5.41 -1.10 0.10
CA ILE A 15 5.10 -2.09 -0.92
C ILE A 15 4.06 -3.08 -0.41
N ILE A 16 2.82 -2.61 -0.30
CA ILE A 16 1.71 -3.46 0.17
C ILE A 16 0.43 -3.08 -0.59
N ILE A 17 0.44 -1.88 -1.17
CA ILE A 17 -0.69 -1.39 -1.97
C ILE A 17 -0.28 -1.37 -3.43
N GLY A 18 0.96 -0.93 -3.68
CA GLY A 18 1.48 -0.88 -5.03
C GLY A 18 1.87 -2.25 -5.53
N GLY A 19 2.70 -2.94 -4.75
CA GLY A 19 3.13 -4.29 -5.12
C GLY A 19 2.11 -5.34 -4.72
N ALA A 20 1.28 -5.01 -3.73
CA ALA A 20 0.25 -5.93 -3.25
C ALA A 20 0.86 -7.04 -2.38
N LEU A 21 1.97 -7.62 -2.86
CA LEU A 21 2.64 -8.68 -2.12
C LEU A 21 4.03 -8.93 -2.72
N ASP A 22 4.94 -8.00 -2.49
CA ASP A 22 6.30 -8.14 -3.02
C ASP A 22 6.27 -8.44 -4.52
N HIS A 23 5.30 -7.87 -5.22
CA HIS A 23 5.16 -8.08 -6.66
C HIS A 23 5.41 -9.55 -7.02
N LEU A 24 4.77 -10.45 -6.27
CA LEU A 24 4.94 -11.87 -6.52
C LEU A 24 4.26 -12.25 -7.84
N GLY A 1 -20.44 4.03 2.40
CA GLY A 1 -19.81 2.75 2.15
C GLY A 1 -18.49 2.92 1.42
N LYS A 2 -17.61 1.92 1.56
CA LYS A 2 -16.31 1.96 0.90
C LYS A 2 -15.60 3.29 1.19
N GLY A 3 -15.57 4.18 0.21
CA GLY A 3 -14.93 5.48 0.37
C GLY A 3 -13.65 5.55 -0.06
N ARG A 4 -13.00 4.66 0.64
CA ARG A 4 -11.69 4.85 0.74
C ARG A 4 -11.01 4.84 -0.61
N TRP A 5 -11.79 4.42 -1.57
CA TRP A 5 -11.34 4.33 -2.95
C TRP A 5 -10.52 5.57 -3.33
N LEU A 6 -10.69 6.64 -2.53
CA LEU A 6 -9.97 7.90 -2.74
C LEU A 6 -9.12 8.26 -1.52
N GLU A 7 -9.37 7.60 -0.37
CA GLU A 7 -8.59 7.88 0.83
C GLU A 7 -7.33 7.03 0.87
N ARG A 8 -7.30 6.02 0.01
CA ARG A 8 -6.15 5.12 -0.07
C ARG A 8 -4.87 5.91 -0.38
N ILE A 9 -3.93 5.91 0.57
CA ILE A 9 -2.68 6.63 0.37
C ILE A 9 -2.04 6.25 -0.96
N GLY A 10 -2.17 4.98 -1.33
CA GLY A 10 -1.61 4.50 -2.58
C GLY A 10 -0.10 4.66 -2.64
N LYS A 11 0.48 5.11 -1.52
CA LYS A 11 1.93 5.31 -1.47
C LYS A 11 2.65 3.96 -1.34
N ALA A 12 1.90 2.87 -1.46
CA ALA A 12 2.46 1.53 -1.35
C ALA A 12 2.79 1.20 0.10
N GLY A 13 3.15 2.22 0.88
CA GLY A 13 3.49 2.03 2.28
C GLY A 13 4.33 0.79 2.50
N GLY A 14 5.47 0.73 1.81
CA GLY A 14 6.35 -0.41 1.91
C GLY A 14 5.77 -1.58 1.13
N ILE A 15 5.54 -1.36 -0.16
CA ILE A 15 4.97 -2.38 -1.05
C ILE A 15 3.88 -3.17 -0.35
N ILE A 16 2.68 -2.56 -0.32
CA ILE A 16 1.50 -3.19 0.30
C ILE A 16 0.28 -2.99 -0.60
N ILE A 17 0.05 -1.74 -1.02
CA ILE A 17 -1.09 -1.44 -1.90
C ILE A 17 -0.69 -1.76 -3.35
N GLY A 18 0.12 -0.87 -3.94
CA GLY A 18 0.56 -1.05 -5.31
C GLY A 18 1.54 -2.19 -5.44
N GLY A 19 2.19 -2.54 -4.33
CA GLY A 19 3.16 -3.62 -4.35
C GLY A 19 2.51 -4.99 -4.34
N ALA A 20 1.56 -5.19 -3.43
CA ALA A 20 0.87 -6.47 -3.32
C ALA A 20 0.38 -6.95 -4.69
N LEU A 21 -0.67 -6.30 -5.19
CA LEU A 21 -1.25 -6.68 -6.49
C LEU A 21 -1.70 -8.13 -6.47
N ASP A 22 -1.66 -8.74 -5.28
CA ASP A 22 -2.08 -10.14 -5.14
C ASP A 22 -3.60 -10.25 -5.30
N HIS A 23 -4.29 -10.54 -4.19
CA HIS A 23 -5.74 -10.67 -4.23
C HIS A 23 -6.39 -9.30 -4.42
N LEU A 24 -5.71 -8.26 -3.94
CA LEU A 24 -6.23 -6.90 -4.06
C LEU A 24 -7.67 -6.84 -3.53
N GLY A 1 3.77 2.92 -21.81
CA GLY A 1 2.96 3.63 -20.84
C GLY A 1 2.67 2.78 -19.61
N LYS A 2 3.73 2.40 -18.89
CA LYS A 2 3.57 1.58 -17.69
C LYS A 2 4.85 1.59 -16.87
N GLY A 3 4.86 0.79 -15.81
CA GLY A 3 6.04 0.70 -14.94
C GLY A 3 5.97 1.43 -13.80
N ARG A 4 5.79 2.65 -14.18
CA ARG A 4 6.16 3.58 -13.30
C ARG A 4 5.37 3.47 -12.02
N TRP A 5 4.37 2.65 -12.10
CA TRP A 5 3.47 2.40 -10.96
C TRP A 5 4.29 2.34 -9.66
N LEU A 6 5.58 1.99 -9.80
CA LEU A 6 6.49 1.90 -8.66
C LEU A 6 7.35 3.17 -8.56
N GLU A 7 7.63 3.81 -9.70
CA GLU A 7 8.45 5.03 -9.72
C GLU A 7 7.57 6.26 -9.59
N ARG A 8 6.27 6.05 -9.47
CA ARG A 8 5.32 7.16 -9.34
C ARG A 8 5.42 7.79 -7.95
N ILE A 9 4.83 7.11 -6.96
CA ILE A 9 4.85 7.59 -5.57
C ILE A 9 6.01 6.96 -4.80
N GLY A 10 6.47 5.81 -5.27
CA GLY A 10 7.56 5.12 -4.62
C GLY A 10 7.31 4.92 -3.14
N LYS A 11 6.06 5.08 -2.73
CA LYS A 11 5.67 4.92 -1.33
C LYS A 11 4.26 4.35 -1.23
N ALA A 12 4.04 3.20 -1.87
CA ALA A 12 2.73 2.56 -1.86
C ALA A 12 2.51 1.83 -0.53
N GLY A 13 2.55 2.58 0.56
CA GLY A 13 2.36 2.00 1.87
C GLY A 13 3.46 1.01 2.20
N GLY A 14 4.60 1.14 1.53
CA GLY A 14 5.73 0.26 1.74
C GLY A 14 5.59 -1.04 0.97
N ILE A 15 5.71 -0.95 -0.35
CA ILE A 15 5.60 -2.12 -1.23
C ILE A 15 4.56 -3.12 -0.72
N ILE A 16 3.34 -2.63 -0.50
CA ILE A 16 2.26 -3.47 -0.01
C ILE A 16 0.94 -3.11 -0.72
N ILE A 17 0.67 -1.81 -0.85
CA ILE A 17 -0.53 -1.37 -1.55
C ILE A 17 -0.31 -1.51 -3.04
N GLY A 18 0.82 -0.98 -3.51
CA GLY A 18 1.17 -1.07 -4.92
C GLY A 18 1.59 -2.48 -5.29
N GLY A 19 2.35 -3.11 -4.39
CA GLY A 19 2.81 -4.45 -4.62
C GLY A 19 1.68 -5.46 -4.49
N ALA A 20 0.74 -5.18 -3.60
CA ALA A 20 -0.40 -6.07 -3.40
C ALA A 20 0.06 -7.52 -3.23
N LEU A 21 0.85 -7.75 -2.18
CA LEU A 21 1.36 -9.09 -1.92
C LEU A 21 0.19 -10.09 -1.85
N ASP A 22 -0.05 -10.78 -2.97
CA ASP A 22 -1.13 -11.75 -3.03
C ASP A 22 -2.46 -11.10 -2.68
N HIS A 23 -2.55 -9.79 -2.90
CA HIS A 23 -3.77 -9.06 -2.60
C HIS A 23 -4.21 -9.30 -1.16
N LEU A 24 -3.26 -9.70 -0.32
CA LEU A 24 -3.56 -9.97 1.09
C LEU A 24 -2.27 -10.05 1.89
N GLY A 1 -14.74 -8.85 13.11
CA GLY A 1 -13.52 -9.34 12.51
C GLY A 1 -12.34 -8.42 12.76
N LYS A 2 -12.56 -7.41 13.59
CA LYS A 2 -11.50 -6.46 13.91
C LYS A 2 -10.38 -7.14 14.68
N GLY A 3 -10.00 -6.58 15.82
CA GLY A 3 -8.92 -7.15 16.61
C GLY A 3 -7.79 -7.43 15.88
N ARG A 4 -7.39 -6.26 15.56
CA ARG A 4 -6.16 -5.99 15.19
C ARG A 4 -6.09 -4.66 14.49
N TRP A 5 -7.24 -4.13 14.15
CA TRP A 5 -7.32 -2.85 13.47
C TRP A 5 -6.34 -1.85 14.10
N LEU A 6 -5.93 -2.16 15.34
CA LEU A 6 -4.98 -1.33 16.08
C LEU A 6 -3.64 -2.04 16.24
N GLU A 7 -3.61 -3.38 16.05
CA GLU A 7 -2.38 -4.15 16.17
C GLU A 7 -1.88 -4.58 14.80
N ARG A 8 -2.51 -4.04 13.75
CA ARG A 8 -2.14 -4.36 12.39
C ARG A 8 -0.91 -3.57 11.96
N ILE A 9 -0.13 -4.12 11.04
CA ILE A 9 1.07 -3.44 10.57
C ILE A 9 1.60 -4.14 9.31
N GLY A 10 1.09 -5.34 9.04
CA GLY A 10 1.50 -6.10 7.86
C GLY A 10 1.71 -5.22 6.65
N LYS A 11 1.04 -4.07 6.64
CA LYS A 11 1.16 -3.12 5.54
C LYS A 11 2.49 -2.38 5.66
N ALA A 12 3.43 -2.69 4.77
CA ALA A 12 4.74 -2.07 4.79
C ALA A 12 4.66 -0.64 4.26
N GLY A 13 3.45 -0.15 4.06
CA GLY A 13 3.23 1.20 3.56
C GLY A 13 4.24 1.59 2.49
N GLY A 14 4.61 0.63 1.65
CA GLY A 14 5.56 0.89 0.58
C GLY A 14 5.55 -0.21 -0.47
N ILE A 15 4.99 -1.36 -0.12
CA ILE A 15 4.90 -2.49 -1.04
C ILE A 15 3.74 -3.39 -0.67
N ILE A 16 2.56 -2.78 -0.50
CA ILE A 16 1.35 -3.51 -0.14
C ILE A 16 0.13 -2.88 -0.81
N ILE A 17 0.10 -1.54 -0.82
CA ILE A 17 -1.01 -0.82 -1.43
C ILE A 17 -0.85 -0.81 -2.96
N GLY A 18 0.16 -1.54 -3.44
CA GLY A 18 0.41 -1.62 -4.87
C GLY A 18 1.32 -2.78 -5.23
N GLY A 19 2.21 -3.14 -4.29
CA GLY A 19 3.12 -4.24 -4.52
C GLY A 19 2.40 -5.58 -4.51
N ALA A 20 1.54 -5.78 -3.53
CA ALA A 20 0.79 -7.02 -3.41
C ALA A 20 1.74 -8.21 -3.40
N LEU A 21 2.73 -8.16 -2.53
CA LEU A 21 3.71 -9.25 -2.43
C LEU A 21 3.08 -10.45 -1.74
N ASP A 22 2.13 -10.17 -0.84
CA ASP A 22 1.45 -11.25 -0.11
C ASP A 22 0.41 -11.93 -0.99
N HIS A 23 0.73 -12.05 -2.28
CA HIS A 23 -0.18 -12.70 -3.22
C HIS A 23 -1.56 -12.04 -3.15
N LEU A 24 -1.61 -10.80 -2.67
CA LEU A 24 -2.87 -10.08 -2.57
C LEU A 24 -3.35 -9.65 -3.95
N GLY A 1 -7.11 -8.85 27.18
CA GLY A 1 -6.87 -7.83 26.18
C GLY A 1 -6.24 -8.39 24.92
N LYS A 2 -5.02 -7.94 24.63
CA LYS A 2 -4.31 -8.41 23.45
C LYS A 2 -5.18 -8.27 22.21
N GLY A 3 -6.08 -7.29 22.23
CA GLY A 3 -6.97 -7.06 21.11
C GLY A 3 -6.36 -6.95 19.90
N ARG A 4 -5.52 -5.96 20.03
CA ARG A 4 -5.14 -5.37 18.90
C ARG A 4 -4.47 -6.34 17.95
N TRP A 5 -4.19 -7.49 18.52
CA TRP A 5 -3.53 -8.57 17.78
C TRP A 5 -4.09 -8.67 16.36
N LEU A 6 -5.29 -8.11 16.15
CA LEU A 6 -5.96 -8.11 14.85
C LEU A 6 -6.11 -6.70 14.30
N GLU A 7 -6.00 -5.68 15.18
CA GLU A 7 -6.14 -4.29 14.74
C GLU A 7 -4.80 -3.73 14.29
N ARG A 8 -3.76 -4.57 14.31
CA ARG A 8 -2.43 -4.12 13.89
C ARG A 8 -2.45 -3.70 12.43
N ILE A 9 -1.87 -2.53 12.15
CA ILE A 9 -1.81 -2.03 10.78
C ILE A 9 -1.14 -3.04 9.86
N GLY A 10 -1.90 -3.60 8.94
CA GLY A 10 -1.37 -4.57 8.00
C GLY A 10 -0.57 -3.92 6.90
N LYS A 11 -1.06 -2.78 6.41
CA LYS A 11 -0.39 -2.05 5.35
C LYS A 11 0.94 -1.51 5.85
N ALA A 12 2.03 -2.20 5.53
CA ALA A 12 3.35 -1.78 5.95
C ALA A 12 3.70 -0.44 5.33
N GLY A 13 2.79 0.10 4.52
CA GLY A 13 3.03 1.37 3.87
C GLY A 13 4.25 1.31 2.97
N GLY A 14 4.83 0.11 2.87
CA GLY A 14 6.01 -0.10 2.05
C GLY A 14 5.64 -0.36 0.60
N ILE A 15 5.03 -1.52 0.35
CA ILE A 15 4.63 -1.88 -1.01
C ILE A 15 3.46 -2.86 -0.98
N ILE A 16 2.52 -2.61 -0.08
CA ILE A 16 1.33 -3.45 0.05
C ILE A 16 0.25 -2.96 -0.90
N ILE A 17 0.10 -1.64 -0.98
CA ILE A 17 -0.90 -1.03 -1.88
C ILE A 17 -0.34 -0.95 -3.30
N GLY A 18 0.62 -1.83 -3.60
CA GLY A 18 1.23 -1.86 -4.92
C GLY A 18 1.93 -3.18 -5.19
N GLY A 19 2.77 -3.61 -4.25
CA GLY A 19 3.49 -4.85 -4.41
C GLY A 19 2.59 -6.06 -4.20
N ALA A 20 1.40 -5.82 -3.67
CA ALA A 20 0.45 -6.90 -3.42
C ALA A 20 -0.09 -7.46 -4.73
N LEU A 21 -0.79 -6.62 -5.49
CA LEU A 21 -1.36 -7.04 -6.76
C LEU A 21 -2.32 -8.21 -6.55
N ASP A 22 -2.66 -8.47 -5.29
CA ASP A 22 -3.56 -9.56 -4.96
C ASP A 22 -5.00 -9.19 -5.31
N HIS A 23 -5.33 -9.22 -6.60
CA HIS A 23 -6.68 -8.88 -7.05
C HIS A 23 -7.12 -7.55 -6.46
N LEU A 24 -6.16 -6.67 -6.20
CA LEU A 24 -6.46 -5.36 -5.64
C LEU A 24 -7.20 -4.50 -6.66
N GLY A 1 13.98 -11.27 19.68
CA GLY A 1 12.61 -11.53 20.08
C GLY A 1 11.67 -10.44 19.64
N LYS A 2 12.23 -9.38 19.05
CA LYS A 2 11.42 -8.26 18.58
C LYS A 2 10.80 -8.57 17.21
N GLY A 3 10.12 -9.70 17.12
CA GLY A 3 9.49 -10.10 15.87
C GLY A 3 8.65 -9.18 15.34
N ARG A 4 7.74 -9.01 16.26
CA ARG A 4 6.57 -8.54 15.83
C ARG A 4 6.72 -7.19 15.17
N TRP A 5 7.89 -6.65 15.37
CA TRP A 5 8.23 -5.34 14.81
C TRP A 5 7.72 -5.24 13.36
N LEU A 6 7.53 -6.41 12.75
CA LEU A 6 7.04 -6.49 11.37
C LEU A 6 5.53 -6.83 11.36
N GLU A 7 5.04 -7.50 12.42
CA GLU A 7 3.62 -7.87 12.48
C GLU A 7 2.79 -6.74 13.07
N ARG A 8 3.47 -5.73 13.63
CA ARG A 8 2.78 -4.59 14.23
C ARG A 8 2.32 -3.62 13.16
N ILE A 9 3.28 -3.07 12.41
CA ILE A 9 2.96 -2.11 11.35
C ILE A 9 2.44 -2.85 10.13
N GLY A 10 3.04 -3.99 9.82
CA GLY A 10 2.62 -4.78 8.67
C GLY A 10 2.72 -4.01 7.38
N LYS A 11 1.75 -3.13 7.14
CA LYS A 11 1.76 -2.31 5.93
C LYS A 11 3.09 -1.60 5.79
N ALA A 12 3.94 -2.10 4.90
CA ALA A 12 5.25 -1.50 4.70
C ALA A 12 5.10 -0.11 4.07
N GLY A 13 3.85 0.31 3.89
CA GLY A 13 3.58 1.61 3.29
C GLY A 13 4.48 1.92 2.12
N GLY A 14 4.88 0.87 1.40
CA GLY A 14 5.76 1.04 0.25
C GLY A 14 5.74 -0.18 -0.65
N ILE A 15 5.31 -1.32 -0.11
CA ILE A 15 5.25 -2.56 -0.89
C ILE A 15 4.18 -3.48 -0.34
N ILE A 16 2.96 -2.95 -0.21
CA ILE A 16 1.84 -3.72 0.31
C ILE A 16 0.56 -3.35 -0.45
N ILE A 17 0.33 -2.05 -0.62
CA ILE A 17 -0.85 -1.57 -1.35
C ILE A 17 -0.58 -1.64 -2.85
N GLY A 18 0.57 -1.14 -3.26
CA GLY A 18 0.96 -1.16 -4.66
C GLY A 18 1.69 -2.44 -5.01
N GLY A 19 2.29 -3.06 -3.99
CA GLY A 19 3.02 -4.29 -4.17
C GLY A 19 2.09 -5.47 -4.37
N ALA A 20 1.00 -5.49 -3.60
CA ALA A 20 0.03 -6.59 -3.70
C ALA A 20 -0.27 -6.92 -5.16
N LEU A 21 -0.96 -6.01 -5.84
CA LEU A 21 -1.30 -6.21 -7.25
C LEU A 21 -1.93 -4.95 -7.82
N ASP A 22 -1.09 -4.05 -8.34
CA ASP A 22 -1.57 -2.80 -8.92
C ASP A 22 -2.68 -2.18 -8.09
N HIS A 23 -2.54 -2.27 -6.77
CA HIS A 23 -3.54 -1.72 -5.84
C HIS A 23 -4.96 -2.01 -6.34
N LEU A 24 -5.22 -3.28 -6.68
CA LEU A 24 -6.54 -3.68 -7.16
C LEU A 24 -7.60 -3.38 -6.11
N GLY A 1 -14.69 7.05 13.97
CA GLY A 1 -14.21 6.59 15.26
C GLY A 1 -13.59 5.21 15.17
N LYS A 2 -12.30 5.17 14.87
CA LYS A 2 -11.59 3.91 14.75
C LYS A 2 -12.24 3.02 13.71
N GLY A 3 -12.39 1.74 14.02
CA GLY A 3 -12.97 0.81 13.06
C GLY A 3 -12.40 0.93 11.79
N ARG A 4 -11.26 0.44 12.02
CA ARG A 4 -10.45 0.00 11.08
C ARG A 4 -9.01 0.07 11.55
N TRP A 5 -8.81 0.73 12.67
CA TRP A 5 -7.48 0.87 13.24
C TRP A 5 -6.74 -0.46 13.17
N LEU A 6 -7.52 -1.54 13.08
CA LEU A 6 -6.99 -2.90 12.99
C LEU A 6 -6.85 -3.33 11.54
N GLU A 7 -7.67 -2.74 10.65
CA GLU A 7 -7.60 -3.09 9.23
C GLU A 7 -6.37 -2.45 8.57
N ARG A 8 -5.37 -2.14 9.38
CA ARG A 8 -4.15 -1.52 8.87
C ARG A 8 -3.43 -2.46 7.91
N ILE A 9 -3.95 -2.56 6.69
CA ILE A 9 -3.35 -3.43 5.68
C ILE A 9 -2.01 -2.87 5.24
N GLY A 10 -1.59 -1.77 5.86
CA GLY A 10 -0.32 -1.14 5.52
C GLY A 10 0.86 -1.89 6.08
N LYS A 11 1.17 -3.04 5.49
CA LYS A 11 2.30 -3.84 5.94
C LYS A 11 3.55 -2.98 6.04
N ALA A 12 3.64 -2.00 5.13
CA ALA A 12 4.78 -1.10 5.11
C ALA A 12 4.43 0.16 4.32
N GLY A 13 3.20 0.21 3.80
CA GLY A 13 2.76 1.35 3.03
C GLY A 13 3.78 1.75 1.98
N GLY A 14 4.49 0.76 1.44
CA GLY A 14 5.51 1.02 0.42
C GLY A 14 5.63 -0.16 -0.53
N ILE A 15 5.04 -1.28 -0.14
CA ILE A 15 5.07 -2.49 -0.96
C ILE A 15 3.91 -3.41 -0.61
N ILE A 16 2.74 -2.81 -0.44
CA ILE A 16 1.54 -3.57 -0.09
C ILE A 16 0.28 -2.89 -0.65
N ILE A 17 0.27 -1.57 -0.63
CA ILE A 17 -0.88 -0.82 -1.16
C ILE A 17 -0.94 -0.96 -2.67
N GLY A 18 -0.02 -1.74 -3.23
CA GLY A 18 0.03 -1.95 -4.66
C GLY A 18 1.07 -2.98 -5.04
N GLY A 19 1.99 -3.26 -4.13
CA GLY A 19 3.05 -4.22 -4.38
C GLY A 19 2.51 -5.65 -4.40
N ALA A 20 1.37 -5.85 -3.76
CA ALA A 20 0.75 -7.18 -3.71
C ALA A 20 0.66 -7.77 -5.10
N LEU A 21 -0.12 -7.12 -5.97
CA LEU A 21 -0.28 -7.60 -7.34
C LEU A 21 -0.91 -8.99 -7.34
N ASP A 22 -2.17 -9.07 -7.76
CA ASP A 22 -2.87 -10.34 -7.82
C ASP A 22 -2.83 -11.05 -6.46
N HIS A 23 -2.81 -10.26 -5.40
CA HIS A 23 -2.77 -10.81 -4.05
C HIS A 23 -1.63 -11.82 -3.91
N LEU A 24 -0.44 -11.43 -4.36
CA LEU A 24 0.71 -12.31 -4.27
C LEU A 24 0.98 -12.71 -2.83
N GLY A 1 7.90 -14.51 21.69
CA GLY A 1 8.60 -13.88 20.57
C GLY A 1 8.23 -12.42 20.44
N LYS A 2 8.62 -11.62 21.43
CA LYS A 2 8.33 -10.19 21.41
C LYS A 2 8.88 -9.56 20.15
N GLY A 3 8.62 -8.27 19.97
CA GLY A 3 9.10 -7.56 18.79
C GLY A 3 8.17 -6.77 18.19
N ARG A 4 7.19 -7.56 17.88
CA ARG A 4 6.40 -7.16 16.91
C ARG A 4 5.73 -5.85 17.23
N TRP A 5 5.88 -5.49 18.49
CA TRP A 5 5.32 -4.25 19.02
C TRP A 5 5.48 -3.11 18.02
N LEU A 6 6.41 -3.29 17.08
CA LEU A 6 6.69 -2.29 16.04
C LEU A 6 6.38 -2.87 14.65
N GLU A 7 6.30 -4.20 14.54
CA GLU A 7 6.00 -4.84 13.26
C GLU A 7 4.49 -5.00 13.07
N ARG A 8 3.74 -4.62 14.10
CA ARG A 8 2.28 -4.72 14.04
C ARG A 8 1.74 -4.13 12.74
N ILE A 9 2.31 -3.00 12.34
CA ILE A 9 1.87 -2.34 11.11
C ILE A 9 2.36 -3.12 9.88
N GLY A 10 1.75 -4.27 9.64
CA GLY A 10 2.12 -5.11 8.51
C GLY A 10 2.20 -4.30 7.23
N LYS A 11 1.37 -3.29 7.11
CA LYS A 11 1.36 -2.44 5.91
C LYS A 11 2.70 -1.74 5.76
N ALA A 12 3.49 -2.17 4.78
CA ALA A 12 4.79 -1.57 4.53
C ALA A 12 4.63 -0.18 3.91
N GLY A 13 3.39 0.27 3.82
CA GLY A 13 3.10 1.57 3.24
C GLY A 13 3.86 1.80 1.95
N GLY A 14 4.06 0.73 1.20
CA GLY A 14 4.77 0.81 -0.07
C GLY A 14 4.57 -0.44 -0.91
N ILE A 15 5.08 -1.56 -0.44
CA ILE A 15 4.96 -2.83 -1.16
C ILE A 15 3.75 -3.62 -0.66
N ILE A 16 2.64 -2.92 -0.48
CA ILE A 16 1.41 -3.54 0.00
C ILE A 16 0.20 -2.87 -0.69
N ILE A 17 0.20 -1.53 -0.70
CA ILE A 17 -0.88 -0.78 -1.32
C ILE A 17 -0.64 -0.67 -2.84
N GLY A 18 0.35 -1.40 -3.33
CA GLY A 18 0.68 -1.37 -4.74
C GLY A 18 1.49 -2.59 -5.17
N GLY A 19 2.47 -2.95 -4.35
CA GLY A 19 3.31 -4.09 -4.65
C GLY A 19 2.54 -5.40 -4.56
N ALA A 20 1.98 -5.67 -3.39
CA ALA A 20 1.22 -6.90 -3.18
C ALA A 20 2.04 -8.11 -3.61
N LEU A 21 3.34 -8.07 -3.31
CA LEU A 21 4.22 -9.17 -3.66
C LEU A 21 3.67 -10.49 -3.11
N ASP A 22 2.88 -11.17 -3.93
CA ASP A 22 2.30 -12.45 -3.52
C ASP A 22 1.56 -12.30 -2.20
N HIS A 23 0.84 -11.19 -2.05
CA HIS A 23 0.09 -10.93 -0.82
C HIS A 23 1.01 -10.99 0.39
N LEU A 24 2.01 -10.13 0.41
CA LEU A 24 2.95 -10.10 1.53
C LEU A 24 3.83 -8.85 1.45
N GLY A 1 -13.08 -6.47 20.24
CA GLY A 1 -12.12 -7.02 19.32
C GLY A 1 -10.76 -6.36 19.47
N LYS A 2 -10.09 -6.63 20.59
CA LYS A 2 -8.77 -6.05 20.85
C LYS A 2 -7.76 -6.61 19.87
N GLY A 3 -6.53 -6.07 19.92
CA GLY A 3 -5.46 -6.50 19.03
C GLY A 3 -5.03 -5.57 18.16
N ARG A 4 -6.07 -5.24 17.46
CA ARG A 4 -5.83 -4.69 16.27
C ARG A 4 -5.05 -3.41 16.39
N TRP A 5 -4.94 -2.98 17.62
CA TRP A 5 -4.23 -1.75 17.96
C TRP A 5 -2.97 -1.60 17.10
N LEU A 6 -2.48 -2.71 16.57
CA LEU A 6 -1.29 -2.73 15.71
C LEU A 6 -1.67 -3.05 14.26
N GLU A 7 -2.81 -3.74 14.07
CA GLU A 7 -3.26 -4.10 12.73
C GLU A 7 -4.37 -3.15 12.27
N ARG A 8 -4.31 -1.91 12.75
CA ARG A 8 -5.30 -0.90 12.40
C ARG A 8 -5.32 -0.67 10.88
N ILE A 9 -4.41 0.18 10.41
CA ILE A 9 -4.33 0.48 8.99
C ILE A 9 -3.81 -0.71 8.20
N GLY A 10 -2.89 -1.46 8.80
CA GLY A 10 -2.33 -2.63 8.15
C GLY A 10 -1.36 -2.25 7.04
N LYS A 11 -1.66 -1.17 6.33
CA LYS A 11 -0.81 -0.72 5.24
C LYS A 11 0.57 -0.33 5.77
N ALA A 12 1.53 -1.25 5.64
CA ALA A 12 2.88 -1.00 6.10
C ALA A 12 3.47 0.20 5.38
N GLY A 13 2.72 0.76 4.44
CA GLY A 13 3.21 1.90 3.69
C GLY A 13 4.51 1.58 2.99
N GLY A 14 4.89 0.30 3.06
CA GLY A 14 6.12 -0.16 2.43
C GLY A 14 5.92 -0.49 0.97
N ILE A 15 5.13 -1.52 0.70
CA ILE A 15 4.86 -1.91 -0.68
C ILE A 15 3.72 -2.93 -0.73
N ILE A 16 2.79 -2.77 0.20
CA ILE A 16 1.63 -3.64 0.26
C ILE A 16 0.64 -3.24 -0.82
N ILE A 17 0.46 -1.92 -0.99
CA ILE A 17 -0.44 -1.41 -2.01
C ILE A 17 0.22 -1.56 -3.38
N GLY A 18 1.49 -1.17 -3.46
CA GLY A 18 2.23 -1.27 -4.70
C GLY A 18 2.49 -2.72 -5.06
N GLY A 19 2.91 -3.50 -4.07
CA GLY A 19 3.17 -4.92 -4.29
C GLY A 19 1.89 -5.70 -4.47
N ALA A 20 0.89 -5.37 -3.65
CA ALA A 20 -0.41 -6.04 -3.72
C ALA A 20 -0.24 -7.55 -3.51
N LEU A 21 0.97 -7.98 -3.20
CA LEU A 21 1.24 -9.38 -2.97
C LEU A 21 0.71 -10.23 -4.13
N ASP A 22 1.12 -9.88 -5.34
CA ASP A 22 0.67 -10.59 -6.54
C ASP A 22 1.65 -10.36 -7.69
N HIS A 23 1.41 -9.30 -8.45
CA HIS A 23 2.28 -8.97 -9.58
C HIS A 23 3.64 -8.48 -9.10
N LEU A 24 3.85 -8.57 -7.78
CA LEU A 24 5.11 -8.12 -7.19
C LEU A 24 6.27 -8.97 -7.73
N GLY A 1 -11.50 -1.53 26.71
CA GLY A 1 -10.21 -1.41 26.04
C GLY A 1 -10.21 -2.08 24.69
N LYS A 2 -10.66 -1.35 23.66
CA LYS A 2 -10.70 -1.89 22.31
C LYS A 2 -10.84 -0.76 21.29
N GLY A 3 -10.84 -1.14 20.01
CA GLY A 3 -10.98 -0.16 18.94
C GLY A 3 -10.03 -0.23 17.97
N ARG A 4 -8.89 -0.08 18.58
CA ARG A 4 -7.88 0.33 17.82
C ARG A 4 -7.57 -0.63 16.71
N TRP A 5 -8.20 -1.77 16.84
CA TRP A 5 -8.05 -2.85 15.86
C TRP A 5 -8.08 -2.29 14.44
N LEU A 6 -8.63 -1.07 14.32
CA LEU A 6 -8.74 -0.40 13.02
C LEU A 6 -7.90 0.88 12.98
N GLU A 7 -7.48 1.39 14.15
CA GLU A 7 -6.67 2.62 14.17
C GLU A 7 -5.25 2.32 13.74
N ARG A 8 -4.84 1.07 13.87
CA ARG A 8 -3.49 0.65 13.47
C ARG A 8 -3.41 0.44 11.97
N ILE A 9 -2.86 1.43 11.26
CA ILE A 9 -2.73 1.33 9.81
C ILE A 9 -1.83 0.15 9.44
N GLY A 10 -2.45 -0.95 9.04
CA GLY A 10 -1.70 -2.14 8.66
C GLY A 10 -0.84 -1.90 7.43
N LYS A 11 -1.20 -0.89 6.65
CA LYS A 11 -0.45 -0.57 5.45
C LYS A 11 0.99 -0.23 5.80
N ALA A 12 1.87 -1.22 5.66
CA ALA A 12 3.29 -1.01 5.95
C ALA A 12 3.84 0.19 5.17
N GLY A 13 3.02 0.71 4.26
CA GLY A 13 3.43 1.83 3.45
C GLY A 13 4.65 1.51 2.63
N GLY A 14 5.08 0.25 2.71
CA GLY A 14 6.25 -0.19 1.96
C GLY A 14 5.89 -0.56 0.53
N ILE A 15 5.18 -1.67 0.38
CA ILE A 15 4.77 -2.13 -0.95
C ILE A 15 3.55 -3.04 -0.82
N ILE A 16 2.60 -2.61 -0.01
CA ILE A 16 1.37 -3.36 0.21
C ILE A 16 0.38 -3.08 -0.91
N ILE A 17 -0.21 -1.89 -0.89
CA ILE A 17 -1.18 -1.51 -1.91
C ILE A 17 -0.51 -1.39 -3.27
N GLY A 18 0.83 -1.32 -3.26
CA GLY A 18 1.60 -1.20 -4.48
C GLY A 18 2.05 -2.55 -5.00
N GLY A 19 2.91 -3.22 -4.23
CA GLY A 19 3.41 -4.52 -4.62
C GLY A 19 2.30 -5.56 -4.66
N ALA A 20 1.47 -5.59 -3.63
CA ALA A 20 0.38 -6.55 -3.56
C ALA A 20 0.91 -7.98 -3.68
N LEU A 21 2.23 -8.11 -3.64
CA LEU A 21 2.86 -9.43 -3.75
C LEU A 21 2.51 -10.28 -2.54
N ASP A 22 2.71 -9.71 -1.35
CA ASP A 22 2.40 -10.42 -0.11
C ASP A 22 0.90 -10.52 0.09
N HIS A 23 0.19 -9.48 -0.34
CA HIS A 23 -1.27 -9.45 -0.20
C HIS A 23 -1.87 -10.75 -0.73
N LEU A 24 -1.29 -11.27 -1.81
CA LEU A 24 -1.78 -12.51 -2.40
C LEU A 24 -3.28 -12.43 -2.64
N GLY A 1 6.61 7.03 -18.38
CA GLY A 1 6.17 6.38 -17.16
C GLY A 1 5.30 7.28 -16.31
N LYS A 2 4.74 8.32 -16.94
CA LYS A 2 3.89 9.26 -16.23
C LYS A 2 2.66 8.55 -15.68
N GLY A 3 1.50 9.20 -15.71
CA GLY A 3 0.29 8.61 -15.17
C GLY A 3 0.47 8.08 -13.91
N ARG A 4 0.60 9.14 -13.21
CA ARG A 4 0.40 9.17 -11.90
C ARG A 4 1.07 10.37 -11.29
N TRP A 5 1.88 11.03 -12.07
CA TRP A 5 2.60 12.21 -11.61
C TRP A 5 1.67 13.11 -10.78
N LEU A 6 0.36 12.90 -10.96
CA LEU A 6 -0.68 13.65 -10.24
C LEU A 6 -1.34 12.73 -9.19
N GLU A 7 -1.25 11.41 -9.36
CA GLU A 7 -1.85 10.46 -8.41
C GLU A 7 -0.78 9.56 -7.80
N ARG A 8 0.45 10.06 -7.77
CA ARG A 8 1.57 9.30 -7.21
C ARG A 8 1.64 9.47 -5.69
N ILE A 9 1.04 8.53 -4.97
CA ILE A 9 1.04 8.59 -3.51
C ILE A 9 2.44 8.32 -2.96
N GLY A 10 3.21 7.52 -3.70
CA GLY A 10 4.56 7.18 -3.28
C GLY A 10 4.62 6.75 -1.83
N LYS A 11 3.57 6.07 -1.38
CA LYS A 11 3.52 5.59 0.01
C LYS A 11 2.60 4.36 0.11
N ALA A 12 3.02 3.29 -0.56
CA ALA A 12 2.23 2.05 -0.55
C ALA A 12 2.46 1.29 0.76
N GLY A 13 2.52 2.02 1.87
CA GLY A 13 2.74 1.40 3.17
C GLY A 13 3.92 0.44 3.14
N GLY A 14 4.91 0.75 2.30
CA GLY A 14 6.10 -0.08 2.19
C GLY A 14 5.89 -1.24 1.23
N ILE A 15 5.44 -0.93 0.02
CA ILE A 15 5.21 -1.96 -0.98
C ILE A 15 4.16 -2.94 -0.49
N ILE A 16 2.94 -2.44 -0.39
CA ILE A 16 1.80 -3.23 0.06
C ILE A 16 0.63 -2.96 -0.89
N ILE A 17 0.38 -1.69 -1.16
CA ILE A 17 -0.68 -1.28 -2.07
C ILE A 17 -0.23 -1.51 -3.50
N GLY A 18 0.97 -1.04 -3.81
CA GLY A 18 1.53 -1.20 -5.14
C GLY A 18 1.86 -2.65 -5.41
N GLY A 19 2.64 -3.25 -4.53
CA GLY A 19 3.03 -4.64 -4.70
C GLY A 19 1.81 -5.56 -4.66
N ALA A 20 0.96 -5.36 -3.65
CA ALA A 20 -0.24 -6.17 -3.48
C ALA A 20 0.11 -7.60 -3.06
N LEU A 21 1.36 -7.99 -3.25
CA LEU A 21 1.80 -9.34 -2.89
C LEU A 21 0.86 -10.38 -3.47
N ASP A 22 -0.01 -9.96 -4.39
CA ASP A 22 -0.96 -10.86 -5.02
C ASP A 22 -0.27 -11.70 -6.10
N HIS A 23 1.01 -11.96 -5.91
CA HIS A 23 1.77 -12.75 -6.88
C HIS A 23 1.61 -12.19 -8.28
N LEU A 24 1.34 -10.88 -8.35
CA LEU A 24 1.16 -10.23 -9.65
C LEU A 24 1.15 -8.71 -9.46
N GLY A 1 -14.03 14.41 -11.42
CA GLY A 1 -12.96 14.97 -10.61
C GLY A 1 -13.26 14.85 -9.12
N LYS A 2 -13.37 13.62 -8.64
CA LYS A 2 -13.65 13.39 -7.23
C LYS A 2 -13.37 11.94 -6.85
N GLY A 3 -13.76 11.56 -5.64
CA GLY A 3 -13.53 10.20 -5.16
C GLY A 3 -12.51 10.05 -4.28
N ARG A 4 -11.45 10.45 -4.92
CA ARG A 4 -10.30 9.99 -4.48
C ARG A 4 -10.05 10.40 -3.04
N TRP A 5 -10.89 11.31 -2.62
CA TRP A 5 -10.84 11.84 -1.25
C TRP A 5 -10.62 10.70 -0.26
N LEU A 6 -10.89 9.48 -0.71
CA LEU A 6 -10.72 8.27 0.11
C LEU A 6 -9.69 7.33 -0.52
N GLU A 7 -9.38 7.53 -1.81
CA GLU A 7 -8.40 6.67 -2.49
C GLU A 7 -6.99 7.22 -2.28
N ARG A 8 -6.87 8.23 -1.43
CA ARG A 8 -5.57 8.84 -1.14
C ARG A 8 -4.54 7.76 -0.82
N ILE A 9 -4.87 6.90 0.14
CA ILE A 9 -3.96 5.83 0.54
C ILE A 9 -3.56 5.00 -0.68
N GLY A 10 -2.31 5.14 -1.09
CA GLY A 10 -1.80 4.41 -2.24
C GLY A 10 -0.29 4.47 -2.34
N LYS A 11 0.33 5.16 -1.39
CA LYS A 11 1.78 5.30 -1.39
C LYS A 11 2.44 3.94 -1.16
N ALA A 12 1.63 2.90 -1.02
CA ALA A 12 2.16 1.57 -0.79
C ALA A 12 3.08 1.59 0.43
N GLY A 13 2.48 1.68 1.62
CA GLY A 13 3.24 1.72 2.85
C GLY A 13 4.25 0.61 2.94
N GLY A 14 5.39 0.79 2.29
CA GLY A 14 6.43 -0.21 2.30
C GLY A 14 6.09 -1.36 1.37
N ILE A 15 5.58 -1.02 0.19
CA ILE A 15 5.20 -2.02 -0.80
C ILE A 15 4.10 -2.93 -0.27
N ILE A 16 2.88 -2.42 -0.32
CA ILE A 16 1.71 -3.16 0.14
C ILE A 16 0.59 -2.99 -0.89
N ILE A 17 0.14 -1.74 -1.07
CA ILE A 17 -0.91 -1.48 -2.05
C ILE A 17 -0.32 -1.63 -3.45
N GLY A 18 0.82 -0.98 -3.67
CA GLY A 18 1.50 -1.06 -4.95
C GLY A 18 1.88 -2.49 -5.27
N GLY A 19 2.66 -3.10 -4.38
CA GLY A 19 3.08 -4.48 -4.59
C GLY A 19 1.89 -5.43 -4.58
N ALA A 20 1.06 -5.33 -3.55
CA ALA A 20 -0.11 -6.19 -3.43
C ALA A 20 0.27 -7.65 -3.61
N LEU A 21 1.57 -7.94 -3.61
CA LEU A 21 2.04 -9.30 -3.77
C LEU A 21 1.37 -9.97 -4.97
N ASP A 22 0.73 -9.16 -5.82
CA ASP A 22 0.04 -9.68 -6.99
C ASP A 22 1.05 -9.98 -8.11
N HIS A 23 2.05 -10.79 -7.78
CA HIS A 23 3.08 -11.16 -8.74
C HIS A 23 3.84 -9.95 -9.26
N LEU A 24 3.75 -8.84 -8.52
CA LEU A 24 4.45 -7.61 -8.93
C LEU A 24 5.81 -7.52 -8.24
N GLY A 1 17.58 7.21 14.40
CA GLY A 1 16.26 6.61 14.47
C GLY A 1 15.16 7.61 14.19
N LYS A 2 15.39 8.47 13.22
CA LYS A 2 14.40 9.48 12.84
C LYS A 2 14.74 10.11 11.50
N GLY A 3 14.28 11.34 11.29
CA GLY A 3 14.54 12.00 10.03
C GLY A 3 14.13 11.24 8.94
N ARG A 4 12.86 11.30 9.06
CA ARG A 4 12.03 11.04 8.07
C ARG A 4 10.66 10.69 8.60
N TRP A 5 10.58 10.47 9.89
CA TRP A 5 9.32 10.11 10.54
C TRP A 5 8.18 10.98 9.98
N LEU A 6 8.56 12.10 9.36
CA LEU A 6 7.60 13.02 8.76
C LEU A 6 7.72 13.00 7.23
N GLU A 7 8.88 12.52 6.70
CA GLU A 7 9.09 12.44 5.25
C GLU A 7 9.12 10.98 4.81
N ARG A 8 8.52 10.11 5.62
CA ARG A 8 8.49 8.69 5.30
C ARG A 8 7.94 8.46 3.89
N ILE A 9 8.38 7.38 3.26
CA ILE A 9 7.91 7.05 1.92
C ILE A 9 6.38 7.04 1.88
N GLY A 10 5.80 5.84 2.02
CA GLY A 10 4.35 5.69 2.01
C GLY A 10 3.81 5.57 0.59
N LYS A 11 4.72 5.56 -0.38
CA LYS A 11 4.32 5.44 -1.77
C LYS A 11 3.42 4.22 -1.96
N ALA A 12 3.50 3.28 -1.02
CA ALA A 12 2.68 2.08 -1.08
C ALA A 12 2.66 1.41 0.29
N GLY A 13 2.77 2.21 1.35
CA GLY A 13 2.75 1.68 2.69
C GLY A 13 3.81 0.60 2.87
N GLY A 14 4.97 0.82 2.26
CA GLY A 14 6.06 -0.14 2.35
C GLY A 14 5.90 -1.25 1.33
N ILE A 15 5.43 -0.89 0.14
CA ILE A 15 5.23 -1.87 -0.92
C ILE A 15 4.19 -2.89 -0.50
N ILE A 16 2.97 -2.41 -0.33
CA ILE A 16 1.84 -3.23 0.07
C ILE A 16 0.66 -2.95 -0.86
N ILE A 17 0.34 -1.68 -1.02
CA ILE A 17 -0.75 -1.28 -1.90
C ILE A 17 -0.33 -1.56 -3.34
N GLY A 18 0.89 -1.15 -3.67
CA GLY A 18 1.43 -1.38 -4.99
C GLY A 18 1.82 -2.83 -5.17
N GLY A 19 2.54 -3.35 -4.17
CA GLY A 19 2.96 -4.74 -4.22
C GLY A 19 1.78 -5.67 -4.35
N ALA A 20 0.73 -5.41 -3.59
CA ALA A 20 -0.47 -6.24 -3.63
C ALA A 20 -0.12 -7.71 -3.46
N LEU A 21 0.80 -7.99 -2.55
CA LEU A 21 1.22 -9.36 -2.29
C LEU A 21 0.07 -10.16 -1.66
N ASP A 22 -0.53 -11.03 -2.46
CA ASP A 22 -1.64 -11.85 -1.96
C ASP A 22 -2.76 -10.96 -1.43
N HIS A 23 -2.98 -9.83 -2.09
CA HIS A 23 -4.03 -8.91 -1.68
C HIS A 23 -3.89 -8.57 -0.20
N LEU A 24 -2.71 -8.84 0.37
CA LEU A 24 -2.46 -8.55 1.77
C LEU A 24 -2.28 -7.05 1.98
N GLY A 1 17.24 16.79 -6.79
CA GLY A 1 16.64 15.50 -7.00
C GLY A 1 15.37 15.58 -7.83
N LYS A 2 15.53 15.83 -9.12
CA LYS A 2 14.38 15.94 -10.03
C LYS A 2 14.00 14.55 -10.54
N GLY A 3 12.85 14.47 -11.21
CA GLY A 3 12.38 13.20 -11.75
C GLY A 3 11.14 12.82 -11.33
N ARG A 4 11.23 12.78 -10.03
CA ARG A 4 10.34 12.01 -9.42
C ARG A 4 8.93 12.46 -9.68
N TRP A 5 8.87 13.63 -10.28
CA TRP A 5 7.59 14.26 -10.62
C TRP A 5 6.60 13.21 -11.15
N LEU A 6 7.16 12.09 -11.63
CA LEU A 6 6.35 10.98 -12.16
C LEU A 6 6.35 9.80 -11.19
N GLU A 7 7.40 9.69 -10.36
CA GLU A 7 7.50 8.59 -9.40
C GLU A 7 6.79 8.98 -8.10
N ARG A 8 6.27 10.19 -8.05
CA ARG A 8 5.57 10.68 -6.86
C ARG A 8 6.44 10.46 -5.62
N ILE A 9 5.83 9.93 -4.55
CA ILE A 9 6.57 9.67 -3.31
C ILE A 9 7.31 8.33 -3.40
N GLY A 10 6.84 7.47 -4.30
CA GLY A 10 7.45 6.17 -4.47
C GLY A 10 7.57 5.42 -3.16
N LYS A 11 6.42 5.08 -2.59
CA LYS A 11 6.41 4.35 -1.32
C LYS A 11 5.01 3.84 -1.01
N ALA A 12 4.57 2.84 -1.78
CA ALA A 12 3.24 2.27 -1.58
C ALA A 12 3.15 1.59 -0.22
N GLY A 13 2.91 2.39 0.82
CA GLY A 13 2.80 1.86 2.18
C GLY A 13 3.87 0.82 2.47
N GLY A 14 5.09 1.10 2.02
CA GLY A 14 6.19 0.18 2.24
C GLY A 14 6.07 -1.03 1.33
N ILE A 15 5.58 -0.78 0.11
CA ILE A 15 5.41 -1.85 -0.86
C ILE A 15 4.43 -2.88 -0.34
N ILE A 16 3.14 -2.54 -0.37
CA ILE A 16 2.09 -3.43 0.08
C ILE A 16 0.82 -3.17 -0.73
N ILE A 17 0.46 -1.90 -0.90
CA ILE A 17 -0.70 -1.57 -1.72
C ILE A 17 -0.29 -1.67 -3.18
N GLY A 18 0.98 -1.40 -3.43
CA GLY A 18 1.53 -1.48 -4.78
C GLY A 18 1.99 -2.90 -5.07
N GLY A 19 2.76 -3.48 -4.13
CA GLY A 19 3.24 -4.83 -4.30
C GLY A 19 2.11 -5.83 -4.42
N ALA A 20 1.04 -5.62 -3.64
CA ALA A 20 -0.10 -6.53 -3.66
C ALA A 20 -0.98 -6.24 -4.88
N LEU A 21 -0.38 -5.65 -5.91
CA LEU A 21 -1.13 -5.33 -7.13
C LEU A 21 -2.42 -4.59 -6.79
N ASP A 22 -2.29 -3.29 -6.53
CA ASP A 22 -3.46 -2.48 -6.19
C ASP A 22 -4.15 -3.00 -4.94
N HIS A 23 -4.90 -4.10 -5.08
CA HIS A 23 -5.60 -4.70 -3.95
C HIS A 23 -6.05 -6.11 -4.28
N LEU A 24 -5.14 -6.87 -4.91
CA LEU A 24 -5.45 -8.24 -5.28
C LEU A 24 -4.17 -8.99 -5.65
N GLY A 1 -14.36 17.09 -10.22
CA GLY A 1 -13.83 16.21 -9.19
C GLY A 1 -12.42 16.59 -8.79
N LYS A 2 -12.20 17.89 -8.58
CA LYS A 2 -10.89 18.38 -8.20
C LYS A 2 -10.48 17.82 -6.84
N GLY A 3 -9.31 18.22 -6.36
CA GLY A 3 -8.80 17.75 -5.07
C GLY A 3 -7.79 16.86 -5.13
N ARG A 4 -8.26 15.85 -5.79
CA ARG A 4 -7.65 14.69 -5.59
C ARG A 4 -6.20 14.75 -5.99
N TRP A 5 -5.89 15.84 -6.65
CA TRP A 5 -4.53 16.10 -7.12
C TRP A 5 -3.50 15.71 -6.06
N LEU A 6 -3.97 15.59 -4.81
CA LEU A 6 -3.11 15.22 -3.69
C LEU A 6 -3.52 13.85 -3.12
N GLU A 7 -4.74 13.40 -3.41
CA GLU A 7 -5.18 12.10 -2.90
C GLU A 7 -4.14 11.03 -3.18
N ARG A 8 -3.50 11.13 -4.35
CA ARG A 8 -2.47 10.16 -4.73
C ARG A 8 -1.41 10.04 -3.65
N ILE A 9 -0.71 8.91 -3.64
CA ILE A 9 0.35 8.66 -2.66
C ILE A 9 1.43 7.76 -3.25
N GLY A 10 2.66 8.26 -3.26
CA GLY A 10 3.77 7.51 -3.80
C GLY A 10 4.20 6.41 -2.83
N LYS A 11 3.80 6.57 -1.58
CA LYS A 11 4.13 5.61 -0.53
C LYS A 11 3.11 4.46 -0.51
N ALA A 12 3.51 3.31 -1.04
CA ALA A 12 2.62 2.15 -1.08
C ALA A 12 2.67 1.41 0.26
N GLY A 13 2.67 2.16 1.35
CA GLY A 13 2.72 1.56 2.67
C GLY A 13 3.86 0.58 2.79
N GLY A 14 5.00 0.90 2.16
CA GLY A 14 6.15 0.03 2.20
C GLY A 14 5.99 -1.15 1.27
N ILE A 15 5.61 -0.87 0.03
CA ILE A 15 5.41 -1.92 -0.97
C ILE A 15 4.38 -2.92 -0.47
N ILE A 16 3.16 -2.45 -0.29
CA ILE A 16 2.05 -3.28 0.18
C ILE A 16 0.85 -3.10 -0.75
N ILE A 17 0.25 -1.92 -0.75
CA ILE A 17 -0.89 -1.66 -1.60
C ILE A 17 -0.44 -1.65 -3.07
N GLY A 18 0.85 -1.37 -3.26
CA GLY A 18 1.42 -1.35 -4.60
C GLY A 18 1.87 -2.73 -5.03
N GLY A 19 2.66 -3.38 -4.18
CA GLY A 19 3.14 -4.72 -4.48
C GLY A 19 2.01 -5.73 -4.52
N ALA A 20 1.08 -5.62 -3.57
CA ALA A 20 -0.05 -6.53 -3.52
C ALA A 20 -1.08 -6.18 -4.59
N LEU A 21 -0.59 -5.76 -5.76
CA LEU A 21 -1.47 -5.39 -6.86
C LEU A 21 -2.48 -6.52 -7.13
N ASP A 22 -3.73 -6.27 -6.79
CA ASP A 22 -4.79 -7.26 -6.99
C ASP A 22 -4.43 -8.58 -6.31
N HIS A 23 -3.62 -9.39 -6.98
CA HIS A 23 -3.20 -10.68 -6.43
C HIS A 23 -1.91 -11.14 -7.09
N LEU A 24 -0.99 -10.21 -7.31
CA LEU A 24 0.28 -10.54 -7.94
C LEU A 24 1.00 -11.63 -7.14
N GLY A 1 4.11 10.40 -22.25
CA GLY A 1 2.88 10.01 -21.59
C GLY A 1 2.61 10.85 -20.35
N LYS A 2 3.50 10.73 -19.36
CA LYS A 2 3.34 11.48 -18.12
C LYS A 2 1.94 11.30 -17.55
N GLY A 3 1.43 12.33 -16.88
CA GLY A 3 0.12 12.24 -16.27
C GLY A 3 -0.03 11.11 -15.50
N ARG A 4 0.73 11.39 -14.52
CA ARG A 4 0.65 10.80 -13.35
C ARG A 4 1.97 10.92 -12.60
N TRP A 5 2.97 11.37 -13.30
CA TRP A 5 4.30 11.54 -12.71
C TRP A 5 4.18 12.13 -11.31
N LEU A 6 3.06 12.80 -11.05
CA LEU A 6 2.78 13.43 -9.76
C LEU A 6 1.91 12.52 -8.90
N GLU A 7 1.13 11.64 -9.53
CA GLU A 7 0.27 10.73 -8.78
C GLU A 7 1.11 9.71 -8.01
N ARG A 8 2.38 9.62 -8.36
CA ARG A 8 3.28 8.68 -7.68
C ARG A 8 3.16 8.82 -6.16
N ILE A 9 2.27 8.02 -5.56
CA ILE A 9 2.08 8.08 -4.12
C ILE A 9 3.41 7.86 -3.40
N GLY A 10 4.28 7.06 -4.00
CA GLY A 10 5.58 6.79 -3.41
C GLY A 10 5.48 6.43 -1.95
N LYS A 11 4.31 5.90 -1.54
CA LYS A 11 4.09 5.50 -0.15
C LYS A 11 3.08 4.38 -0.07
N ALA A 12 3.41 3.26 -0.71
CA ALA A 12 2.52 2.10 -0.70
C ALA A 12 2.66 1.32 0.61
N GLY A 13 2.72 2.06 1.72
CA GLY A 13 2.86 1.44 3.03
C GLY A 13 4.01 0.45 3.05
N GLY A 14 5.07 0.75 2.32
CA GLY A 14 6.22 -0.14 2.26
C GLY A 14 6.00 -1.28 1.30
N ILE A 15 5.51 -0.97 0.11
CA ILE A 15 5.25 -1.98 -0.90
C ILE A 15 4.18 -2.95 -0.42
N ILE A 16 2.95 -2.45 -0.34
CA ILE A 16 1.80 -3.23 0.10
C ILE A 16 0.64 -2.99 -0.87
N ILE A 17 0.36 -1.72 -1.14
CA ILE A 17 -0.72 -1.37 -2.06
C ILE A 17 -0.28 -1.72 -3.48
N GLY A 18 0.92 -1.26 -3.83
CA GLY A 18 1.47 -1.54 -5.15
C GLY A 18 1.98 -2.96 -5.24
N GLY A 19 2.63 -3.41 -4.17
CA GLY A 19 3.16 -4.76 -4.13
C GLY A 19 2.07 -5.81 -4.24
N ALA A 20 1.01 -5.64 -3.45
CA ALA A 20 -0.09 -6.59 -3.47
C ALA A 20 -0.88 -6.49 -4.77
N LEU A 21 -0.95 -5.28 -5.33
CA LEU A 21 -1.66 -5.05 -6.58
C LEU A 21 -3.10 -5.56 -6.47
N ASP A 22 -4.04 -4.62 -6.37
CA ASP A 22 -5.46 -4.98 -6.27
C ASP A 22 -5.69 -5.95 -5.12
N HIS A 23 -4.81 -5.89 -4.12
CA HIS A 23 -4.94 -6.77 -2.95
C HIS A 23 -5.08 -8.22 -3.41
N LEU A 24 -4.13 -8.68 -4.22
CA LEU A 24 -4.16 -10.05 -4.71
C LEU A 24 -3.89 -11.03 -3.58
N GLY A 1 14.31 22.09 8.91
CA GLY A 1 13.22 21.35 9.55
C GLY A 1 12.51 20.45 8.57
N LYS A 2 12.79 20.64 7.27
CA LYS A 2 12.16 19.83 6.24
C LYS A 2 12.87 18.48 6.10
N GLY A 3 13.00 17.77 7.22
CA GLY A 3 13.66 16.48 7.21
C GLY A 3 13.17 15.59 6.30
N ARG A 4 11.92 15.46 6.59
CA ARG A 4 11.34 14.35 6.17
C ARG A 4 11.39 14.21 4.67
N TRP A 5 11.78 15.31 4.08
CA TRP A 5 11.90 15.39 2.62
C TRP A 5 12.55 14.12 2.06
N LEU A 6 13.21 13.35 2.94
CA LEU A 6 13.87 12.11 2.55
C LEU A 6 13.47 10.96 3.50
N GLU A 7 12.72 11.26 4.56
CA GLU A 7 12.30 10.23 5.50
C GLU A 7 11.03 9.54 4.99
N ARG A 8 10.42 10.13 3.97
CA ARG A 8 9.21 9.56 3.40
C ARG A 8 9.53 8.31 2.58
N ILE A 9 8.72 7.26 2.76
CA ILE A 9 8.93 6.00 2.03
C ILE A 9 7.59 5.32 1.77
N GLY A 10 6.51 5.98 2.18
CA GLY A 10 5.17 5.43 1.99
C GLY A 10 4.69 5.61 0.57
N LYS A 11 5.54 5.29 -0.40
CA LYS A 11 5.17 5.43 -1.81
C LYS A 11 3.98 4.54 -2.13
N ALA A 12 3.79 3.50 -1.34
CA ALA A 12 2.68 2.57 -1.55
C ALA A 12 2.45 1.74 -0.28
N GLY A 13 2.81 2.31 0.87
CA GLY A 13 2.65 1.63 2.13
C GLY A 13 3.71 0.56 2.33
N GLY A 14 4.97 0.94 2.14
CA GLY A 14 6.07 0.01 2.30
C GLY A 14 5.98 -1.12 1.30
N ILE A 15 5.51 -0.79 0.10
CA ILE A 15 5.37 -1.79 -0.96
C ILE A 15 4.39 -2.87 -0.53
N ILE A 16 3.16 -2.44 -0.22
CA ILE A 16 2.10 -3.35 0.19
C ILE A 16 0.86 -3.11 -0.66
N ILE A 17 0.55 -1.83 -0.91
CA ILE A 17 -0.59 -1.49 -1.76
C ILE A 17 -0.18 -1.68 -3.21
N GLY A 18 1.06 -1.27 -3.51
CA GLY A 18 1.60 -1.41 -4.85
C GLY A 18 2.06 -2.83 -5.07
N GLY A 19 2.64 -3.43 -4.04
CA GLY A 19 3.13 -4.79 -4.12
C GLY A 19 1.99 -5.79 -4.19
N ALA A 20 0.92 -5.54 -3.45
CA ALA A 20 -0.22 -6.45 -3.45
C ALA A 20 -0.94 -6.40 -4.80
N LEU A 21 -0.60 -5.40 -5.60
CA LEU A 21 -1.22 -5.25 -6.91
C LEU A 21 -0.97 -6.49 -7.76
N ASP A 22 0.29 -6.90 -7.85
CA ASP A 22 0.65 -8.08 -8.62
C ASP A 22 0.12 -9.34 -7.96
N HIS A 23 0.15 -9.36 -6.62
CA HIS A 23 -0.33 -10.52 -5.87
C HIS A 23 -1.73 -10.90 -6.33
N LEU A 24 -2.55 -9.90 -6.62
CA LEU A 24 -3.92 -10.14 -7.06
C LEU A 24 -4.63 -11.10 -6.11
N GLY A 1 -8.96 -3.50 26.07
CA GLY A 1 -9.89 -2.68 25.32
C GLY A 1 -9.92 -3.07 23.86
N LYS A 2 -10.86 -3.95 23.50
CA LYS A 2 -10.98 -4.39 22.12
C LYS A 2 -11.13 -3.20 21.19
N GLY A 3 -11.09 -3.48 19.89
CA GLY A 3 -11.21 -2.42 18.88
C GLY A 3 -10.19 -2.36 18.00
N ARG A 4 -9.13 -2.20 18.72
CA ARG A 4 -8.08 -1.67 18.10
C ARG A 4 -7.61 -2.51 16.95
N TRP A 5 -8.19 -3.69 16.91
CA TRP A 5 -7.87 -4.67 15.87
C TRP A 5 -7.70 -3.97 14.52
N LEU A 6 -8.37 -2.81 14.38
CA LEU A 6 -8.31 -2.02 13.15
C LEU A 6 -7.22 -0.95 13.25
N GLU A 7 -6.95 -0.47 14.46
CA GLU A 7 -5.93 0.57 14.64
C GLU A 7 -4.63 0.15 13.95
N ARG A 8 -4.47 -1.15 13.74
CA ARG A 8 -3.28 -1.67 13.08
C ARG A 8 -3.02 -0.94 11.77
N ILE A 9 -1.89 -0.26 11.69
CA ILE A 9 -1.53 0.47 10.49
C ILE A 9 -1.60 -0.46 9.27
N GLY A 10 -1.21 -1.71 9.48
CA GLY A 10 -1.22 -2.69 8.41
C GLY A 10 -0.36 -2.27 7.24
N LYS A 11 -0.89 -1.36 6.43
CA LYS A 11 -0.16 -0.86 5.27
C LYS A 11 1.20 -0.32 5.70
N ALA A 12 2.24 -1.12 5.51
CA ALA A 12 3.59 -0.71 5.89
C ALA A 12 4.05 0.46 5.02
N GLY A 13 3.16 0.93 4.16
CA GLY A 13 3.50 2.04 3.28
C GLY A 13 4.72 1.73 2.44
N GLY A 14 5.20 0.48 2.55
CA GLY A 14 6.37 0.05 1.80
C GLY A 14 6.00 -0.48 0.43
N ILE A 15 5.36 -1.65 0.40
CA ILE A 15 4.94 -2.27 -0.86
C ILE A 15 3.79 -3.22 -0.65
N ILE A 16 2.81 -2.77 0.14
CA ILE A 16 1.62 -3.57 0.42
C ILE A 16 0.53 -3.26 -0.61
N ILE A 17 0.08 -2.00 -0.62
CA ILE A 17 -0.95 -1.58 -1.56
C ILE A 17 -0.38 -1.54 -2.99
N GLY A 18 0.86 -1.11 -3.10
CA GLY A 18 1.51 -1.03 -4.40
C GLY A 18 1.97 -2.40 -4.88
N GLY A 19 2.60 -3.15 -4.00
CA GLY A 19 3.09 -4.48 -4.35
C GLY A 19 1.96 -5.47 -4.51
N ALA A 20 0.99 -5.42 -3.59
CA ALA A 20 -0.15 -6.32 -3.64
C ALA A 20 0.31 -7.77 -3.79
N LEU A 21 1.24 -8.18 -2.92
CA LEU A 21 1.75 -9.55 -2.97
C LEU A 21 0.59 -10.55 -2.88
N ASP A 22 0.51 -11.43 -3.87
CA ASP A 22 -0.55 -12.43 -3.89
C ASP A 22 -1.92 -11.78 -3.79
N HIS A 23 -2.00 -10.53 -4.24
CA HIS A 23 -3.27 -9.80 -4.19
C HIS A 23 -3.86 -9.84 -2.79
N LEU A 24 -3.06 -10.30 -1.82
CA LEU A 24 -3.53 -10.38 -0.44
C LEU A 24 -3.80 -8.98 0.11
N GLY A 1 -2.52 5.92 22.40
CA GLY A 1 -2.49 4.60 22.99
C GLY A 1 -3.66 3.75 22.53
N LYS A 2 -4.69 3.68 23.37
CA LYS A 2 -5.87 2.89 23.03
C LYS A 2 -6.53 3.42 21.76
N GLY A 3 -7.44 2.63 21.19
CA GLY A 3 -8.14 3.02 19.98
C GLY A 3 -8.12 2.09 18.99
N ARG A 4 -6.87 1.85 18.76
CA ARG A 4 -6.58 1.35 17.57
C ARG A 4 -7.26 0.03 17.33
N TRP A 5 -7.79 -0.47 18.42
CA TRP A 5 -8.51 -1.74 18.42
C TRP A 5 -9.42 -1.84 17.19
N LEU A 6 -9.69 -0.69 16.57
CA LEU A 6 -10.54 -0.60 15.39
C LEU A 6 -9.78 0.03 14.22
N GLU A 7 -8.64 0.69 14.49
CA GLU A 7 -7.87 1.31 13.42
C GLU A 7 -6.99 0.27 12.72
N ARG A 8 -6.53 -0.71 13.49
CA ARG A 8 -5.69 -1.77 12.93
C ARG A 8 -4.58 -1.19 12.07
N ILE A 9 -3.83 -2.07 11.42
CA ILE A 9 -2.73 -1.64 10.56
C ILE A 9 -2.28 -2.80 9.67
N GLY A 10 -2.12 -2.53 8.37
CA GLY A 10 -1.69 -3.54 7.42
C GLY A 10 -0.95 -2.94 6.25
N LYS A 11 -1.23 -1.67 5.97
CA LYS A 11 -0.56 -0.98 4.86
C LYS A 11 0.87 -0.61 5.24
N ALA A 12 1.81 -1.42 4.80
CA ALA A 12 3.22 -1.18 5.10
C ALA A 12 3.68 0.12 4.44
N GLY A 13 2.76 0.78 3.74
CA GLY A 13 3.09 2.03 3.07
C GLY A 13 4.40 1.94 2.30
N GLY A 14 4.55 0.89 1.51
CA GLY A 14 5.77 0.70 0.74
C GLY A 14 5.60 -0.34 -0.36
N ILE A 15 5.05 -1.49 0.00
CA ILE A 15 4.84 -2.58 -0.97
C ILE A 15 3.67 -3.45 -0.55
N ILE A 16 2.50 -2.83 -0.43
CA ILE A 16 1.28 -3.54 -0.04
C ILE A 16 0.10 -2.99 -0.85
N ILE A 17 -0.11 -1.68 -0.75
CA ILE A 17 -1.20 -1.03 -1.48
C ILE A 17 -0.90 -1.00 -2.98
N GLY A 18 0.17 -1.69 -3.38
CA GLY A 18 0.55 -1.74 -4.77
C GLY A 18 1.58 -2.81 -5.05
N GLY A 19 2.37 -3.14 -4.03
CA GLY A 19 3.40 -4.16 -4.18
C GLY A 19 2.81 -5.55 -4.23
N ALA A 20 1.57 -5.69 -3.77
CA ALA A 20 0.90 -6.98 -3.78
C ALA A 20 0.55 -7.39 -5.21
N LEU A 21 0.28 -6.41 -6.06
CA LEU A 21 -0.06 -6.69 -7.45
C LEU A 21 -1.23 -7.68 -7.52
N ASP A 22 -2.44 -7.16 -7.32
CA ASP A 22 -3.62 -8.01 -7.37
C ASP A 22 -4.89 -7.16 -7.33
N HIS A 23 -4.85 -6.01 -8.00
CA HIS A 23 -6.00 -5.12 -8.03
C HIS A 23 -6.44 -4.76 -6.61
N LEU A 24 -5.48 -4.42 -5.76
CA LEU A 24 -5.77 -4.06 -4.38
C LEU A 24 -4.55 -3.44 -3.72
N GLY A 1 4.04 -8.04 18.82
CA GLY A 1 3.06 -7.86 19.87
C GLY A 1 1.65 -8.09 19.37
N LYS A 2 0.72 -7.26 19.83
CA LYS A 2 -0.68 -7.39 19.43
C LYS A 2 -1.44 -6.11 19.73
N GLY A 3 -2.77 -6.20 19.78
CA GLY A 3 -3.57 -5.02 20.01
C GLY A 3 -3.32 -4.02 19.10
N ARG A 4 -3.81 -4.53 18.05
CA ARG A 4 -4.15 -3.82 16.98
C ARG A 4 -4.22 -4.69 15.75
N TRP A 5 -3.74 -5.90 15.90
CA TRP A 5 -3.73 -6.85 14.78
C TRP A 5 -5.07 -6.78 14.02
N LEU A 6 -6.08 -6.23 14.70
CA LEU A 6 -7.42 -6.07 14.12
C LEU A 6 -7.67 -4.61 13.74
N GLU A 7 -6.93 -3.68 14.37
CA GLU A 7 -7.08 -2.24 14.08
C GLU A 7 -5.76 -1.66 13.58
N ARG A 8 -4.92 -2.52 13.00
CA ARG A 8 -3.62 -2.08 12.49
C ARG A 8 -3.78 -1.43 11.12
N ILE A 9 -2.99 -0.39 10.86
CA ILE A 9 -3.05 0.30 9.59
C ILE A 9 -2.96 -0.68 8.43
N GLY A 10 -2.19 -1.75 8.62
CA GLY A 10 -2.02 -2.76 7.59
C GLY A 10 -1.11 -2.29 6.48
N LYS A 11 -1.27 -1.04 6.07
CA LYS A 11 -0.44 -0.48 5.01
C LYS A 11 0.95 -0.13 5.53
N ALA A 12 1.92 -1.00 5.26
CA ALA A 12 3.28 -0.76 5.72
C ALA A 12 3.91 0.38 4.93
N GLY A 13 3.10 1.03 4.09
CA GLY A 13 3.57 2.13 3.29
C GLY A 13 4.82 1.75 2.51
N GLY A 14 5.14 0.46 2.51
CA GLY A 14 6.31 -0.04 1.81
C GLY A 14 5.97 -0.52 0.41
N ILE A 15 5.36 -1.70 0.33
CA ILE A 15 4.97 -2.27 -0.96
C ILE A 15 3.82 -3.24 -0.78
N ILE A 16 2.82 -2.82 -0.01
CA ILE A 16 1.63 -3.62 0.26
C ILE A 16 0.54 -3.28 -0.75
N ILE A 17 0.09 -2.02 -0.72
CA ILE A 17 -0.95 -1.58 -1.63
C ILE A 17 -0.41 -1.48 -3.05
N GLY A 18 0.84 -1.00 -3.16
CA GLY A 18 1.47 -0.85 -4.46
C GLY A 18 1.96 -2.17 -5.00
N GLY A 19 2.62 -2.95 -4.15
CA GLY A 19 3.15 -4.24 -4.55
C GLY A 19 2.07 -5.30 -4.63
N ALA A 20 1.12 -5.23 -3.70
CA ALA A 20 0.01 -6.19 -3.66
C ALA A 20 0.49 -7.54 -3.13
N LEU A 21 1.72 -7.91 -3.47
CA LEU A 21 2.29 -9.18 -3.02
C LEU A 21 1.35 -10.33 -3.35
N ASP A 22 1.69 -11.08 -4.40
CA ASP A 22 0.88 -12.22 -4.82
C ASP A 22 -0.57 -11.79 -5.09
N HIS A 23 -1.36 -11.68 -4.02
CA HIS A 23 -2.76 -11.28 -4.15
C HIS A 23 -3.32 -10.86 -2.80
N LEU A 24 -2.47 -10.20 -2.00
CA LEU A 24 -2.90 -9.74 -0.68
C LEU A 24 -3.86 -8.56 -0.80
N GLY A 1 -10.55 9.63 -18.32
CA GLY A 1 -9.47 9.00 -19.06
C GLY A 1 -8.56 8.19 -18.17
N LYS A 2 -7.84 7.24 -18.76
CA LYS A 2 -6.93 6.40 -18.00
C LYS A 2 -5.90 7.25 -17.27
N GLY A 3 -5.05 6.60 -16.49
CA GLY A 3 -4.02 7.30 -15.74
C GLY A 3 -3.92 6.94 -14.43
N ARG A 4 -5.09 7.15 -13.93
CA ARG A 4 -5.14 7.33 -12.62
C ARG A 4 -4.62 6.12 -11.88
N TRP A 5 -4.47 5.07 -12.65
CA TRP A 5 -3.97 3.79 -12.14
C TRP A 5 -2.79 4.04 -11.19
N LEU A 6 -2.20 5.24 -11.28
CA LEU A 6 -1.08 5.63 -10.44
C LEU A 6 -1.47 6.81 -9.53
N GLU A 7 -2.54 7.53 -9.90
CA GLU A 7 -2.99 8.67 -9.09
C GLU A 7 -3.94 8.20 -7.99
N ARG A 8 -3.79 6.95 -7.59
CA ARG A 8 -4.63 6.39 -6.54
C ARG A 8 -4.31 7.04 -5.19
N ILE A 9 -3.12 6.75 -4.68
CA ILE A 9 -2.67 7.31 -3.40
C ILE A 9 -1.16 7.31 -3.34
N GLY A 10 -0.54 6.41 -4.10
CA GLY A 10 0.91 6.31 -4.13
C GLY A 10 1.51 6.30 -2.75
N LYS A 11 0.77 5.76 -1.78
CA LYS A 11 1.25 5.70 -0.41
C LYS A 11 2.57 4.95 -0.34
N ALA A 12 2.55 3.72 -0.86
CA ALA A 12 3.74 2.88 -0.85
C ALA A 12 4.17 2.63 0.58
N GLY A 13 3.18 2.50 1.48
CA GLY A 13 3.47 2.23 2.88
C GLY A 13 4.53 1.15 3.02
N GLY A 14 4.69 0.40 1.94
CA GLY A 14 5.65 -0.68 1.88
C GLY A 14 5.19 -1.74 0.91
N ILE A 15 5.12 -1.38 -0.38
CA ILE A 15 4.66 -2.30 -1.44
C ILE A 15 3.53 -3.18 -0.91
N ILE A 16 2.47 -2.53 -0.42
CA ILE A 16 1.32 -3.24 0.14
C ILE A 16 0.02 -2.75 -0.51
N ILE A 17 -0.05 -1.44 -0.75
CA ILE A 17 -1.23 -0.84 -1.36
C ILE A 17 -1.34 -1.22 -2.83
N GLY A 18 -0.43 -2.07 -3.30
CA GLY A 18 -0.44 -2.49 -4.68
C GLY A 18 0.83 -3.23 -5.08
N GLY A 19 1.96 -2.77 -4.55
CA GLY A 19 3.23 -3.41 -4.86
C GLY A 19 3.19 -4.90 -4.60
N ALA A 20 2.32 -5.32 -3.69
CA ALA A 20 2.20 -6.74 -3.36
C ALA A 20 1.74 -7.53 -4.58
N LEU A 21 0.57 -7.17 -5.11
CA LEU A 21 0.03 -7.86 -6.27
C LEU A 21 -0.23 -9.33 -5.96
N ASP A 22 -1.44 -9.62 -5.51
CA ASP A 22 -1.82 -10.99 -5.18
C ASP A 22 -0.76 -11.64 -4.30
N HIS A 23 -0.01 -10.82 -3.57
CA HIS A 23 1.04 -11.32 -2.70
C HIS A 23 1.99 -12.22 -3.47
N LEU A 24 2.35 -11.81 -4.67
CA LEU A 24 3.26 -12.59 -5.50
C LEU A 24 3.77 -11.74 -6.67
N GLY A 1 20.86 8.46 11.99
CA GLY A 1 20.54 9.06 13.26
C GLY A 1 19.13 9.65 13.27
N LYS A 2 18.84 10.45 12.25
CA LYS A 2 17.53 11.08 12.15
C LYS A 2 17.33 11.69 10.76
N GLY A 3 16.16 12.28 10.55
CA GLY A 3 15.86 12.89 9.26
C GLY A 3 14.66 12.53 8.72
N ARG A 4 14.71 11.24 8.63
CA ARG A 4 13.89 10.70 7.73
C ARG A 4 12.45 10.99 8.04
N TRP A 5 12.27 11.54 9.22
CA TRP A 5 10.94 11.92 9.71
C TRP A 5 10.13 12.57 8.59
N LEU A 6 10.84 13.04 7.56
CA LEU A 6 10.21 13.68 6.39
C LEU A 6 10.37 12.80 5.15
N GLU A 7 11.40 11.93 5.16
CA GLU A 7 11.64 11.03 4.02
C GLU A 7 11.17 9.62 4.37
N ARG A 8 9.99 9.53 5.00
CA ARG A 8 9.45 8.25 5.39
C ARG A 8 8.96 7.48 4.16
N ILE A 9 9.51 6.29 3.95
CA ILE A 9 9.12 5.47 2.82
C ILE A 9 7.64 5.12 2.92
N GLY A 10 6.86 5.56 1.93
CA GLY A 10 5.43 5.30 1.91
C GLY A 10 4.86 5.40 0.51
N LYS A 11 5.73 5.32 -0.49
CA LYS A 11 5.31 5.41 -1.88
C LYS A 11 4.15 4.44 -2.13
N ALA A 12 4.18 3.31 -1.42
CA ALA A 12 3.15 2.30 -1.56
C ALA A 12 2.98 1.57 -0.23
N GLY A 13 3.02 2.33 0.85
CA GLY A 13 2.88 1.76 2.18
C GLY A 13 3.89 0.66 2.41
N GLY A 14 5.16 0.94 2.12
CA GLY A 14 6.21 -0.04 2.28
C GLY A 14 6.06 -1.18 1.29
N ILE A 15 5.61 -0.85 0.09
CA ILE A 15 5.41 -1.84 -0.95
C ILE A 15 4.41 -2.89 -0.48
N ILE A 16 3.18 -2.43 -0.21
CA ILE A 16 2.11 -3.31 0.26
C ILE A 16 0.82 -3.07 -0.52
N ILE A 17 0.41 -1.80 -0.64
CA ILE A 17 -0.80 -1.49 -1.38
C ILE A 17 -0.49 -1.57 -2.87
N GLY A 18 0.79 -1.35 -3.20
CA GLY A 18 1.26 -1.42 -4.58
C GLY A 18 1.74 -2.81 -4.91
N GLY A 19 2.55 -3.38 -4.02
CA GLY A 19 3.07 -4.72 -4.23
C GLY A 19 1.96 -5.75 -4.33
N ALA A 20 0.93 -5.59 -3.49
CA ALA A 20 -0.20 -6.52 -3.49
C ALA A 20 -0.63 -6.87 -4.91
N LEU A 21 -1.01 -5.84 -5.68
CA LEU A 21 -1.45 -6.06 -7.05
C LEU A 21 -1.50 -4.73 -7.81
N ASP A 22 -0.34 -4.29 -8.30
CA ASP A 22 -0.24 -3.03 -9.03
C ASP A 22 -1.06 -1.92 -8.35
N HIS A 23 -1.85 -1.20 -9.14
CA HIS A 23 -2.68 -0.11 -8.60
C HIS A 23 -3.96 -0.67 -8.00
N LEU A 24 -3.87 -1.85 -7.41
CA LEU A 24 -5.04 -2.49 -6.80
C LEU A 24 -4.61 -3.64 -5.91
N GLY A 1 -18.70 6.31 -0.09
CA GLY A 1 -17.46 6.58 0.60
C GLY A 1 -16.88 7.92 0.22
N LYS A 2 -16.29 8.60 1.20
CA LYS A 2 -15.70 9.92 0.96
C LYS A 2 -14.81 10.32 2.12
N GLY A 3 -13.84 11.19 1.85
CA GLY A 3 -12.92 11.65 2.87
C GLY A 3 -11.62 11.70 2.47
N ARG A 4 -11.35 10.50 2.06
CA ARG A 4 -10.08 10.17 2.04
C ARG A 4 -9.28 11.05 1.13
N TRP A 5 -10.03 11.82 0.37
CA TRP A 5 -9.44 12.77 -0.59
C TRP A 5 -8.25 13.48 0.04
N LEU A 6 -8.20 13.46 1.38
CA LEU A 6 -7.11 14.08 2.14
C LEU A 6 -6.26 13.01 2.82
N GLU A 7 -6.83 11.81 3.03
CA GLU A 7 -6.12 10.72 3.68
C GLU A 7 -5.68 9.68 2.65
N ARG A 8 -5.35 10.16 1.46
CA ARG A 8 -4.92 9.28 0.37
C ARG A 8 -3.82 8.34 0.86
N ILE A 9 -4.21 7.17 1.35
CA ILE A 9 -3.25 6.19 1.84
C ILE A 9 -2.37 5.69 0.70
N GLY A 10 -2.86 5.85 -0.52
CA GLY A 10 -2.11 5.42 -1.69
C GLY A 10 -0.66 5.85 -1.65
N LYS A 11 0.18 5.01 -1.06
CA LYS A 11 1.61 5.30 -0.95
C LYS A 11 2.42 4.01 -0.91
N ALA A 12 1.72 2.88 -1.00
CA ALA A 12 2.39 1.59 -0.95
C ALA A 12 3.23 1.49 0.30
N GLY A 13 2.58 1.55 1.46
CA GLY A 13 3.27 1.47 2.73
C GLY A 13 4.32 0.39 2.74
N GLY A 14 5.52 0.73 2.31
CA GLY A 14 6.60 -0.23 2.26
C GLY A 14 6.27 -1.38 1.33
N ILE A 15 5.75 -1.04 0.15
CA ILE A 15 5.37 -2.05 -0.84
C ILE A 15 4.28 -2.96 -0.30
N ILE A 16 3.03 -2.50 -0.37
CA ILE A 16 1.88 -3.27 0.10
C ILE A 16 0.67 -3.00 -0.79
N ILE A 17 0.36 -1.71 -1.03
CA ILE A 17 -0.76 -1.37 -1.92
C ILE A 17 -0.29 -1.55 -3.36
N GLY A 18 0.90 -1.03 -3.64
CA GLY A 18 1.48 -1.15 -4.97
C GLY A 18 1.90 -2.58 -5.25
N GLY A 19 2.74 -3.13 -4.37
CA GLY A 19 3.20 -4.49 -4.54
C GLY A 19 2.03 -5.46 -4.54
N ALA A 20 1.10 -5.25 -3.62
CA ALA A 20 -0.09 -6.11 -3.49
C ALA A 20 0.28 -7.47 -2.92
N LEU A 21 1.46 -7.97 -3.25
CA LEU A 21 1.90 -9.27 -2.76
C LEU A 21 0.81 -10.33 -2.96
N ASP A 22 0.21 -10.31 -4.14
CA ASP A 22 -0.86 -11.26 -4.45
C ASP A 22 -1.08 -11.36 -5.96
N HIS A 23 -0.56 -12.42 -6.57
CA HIS A 23 -0.70 -12.62 -8.01
C HIS A 23 -0.17 -11.41 -8.77
N LEU A 24 0.64 -10.60 -8.09
CA LEU A 24 1.20 -9.40 -8.71
C LEU A 24 1.79 -9.74 -10.09
N GLY A 1 6.25 23.40 1.86
CA GLY A 1 5.85 23.94 0.58
C GLY A 1 5.75 22.86 -0.49
N LYS A 2 5.81 23.28 -1.75
CA LYS A 2 5.72 22.33 -2.86
C LYS A 2 6.95 21.44 -2.89
N GLY A 3 7.50 21.20 -4.08
CA GLY A 3 8.65 20.33 -4.20
C GLY A 3 8.52 19.16 -3.50
N ARG A 4 7.66 18.54 -4.22
CA ARG A 4 7.46 17.25 -4.16
C ARG A 4 6.08 16.90 -4.68
N TRP A 5 5.27 17.92 -4.85
CA TRP A 5 3.91 17.73 -5.32
C TRP A 5 3.89 16.73 -6.48
N LEU A 6 5.05 16.58 -7.11
CA LEU A 6 5.23 15.65 -8.23
C LEU A 6 5.83 14.33 -7.76
N GLU A 7 6.55 14.35 -6.64
CA GLU A 7 7.13 13.12 -6.13
C GLU A 7 6.03 12.19 -5.67
N ARG A 8 4.87 12.76 -5.35
CA ARG A 8 3.73 11.98 -4.90
C ARG A 8 4.14 10.99 -3.82
N ILE A 9 3.26 10.04 -3.53
CA ILE A 9 3.54 9.05 -2.50
C ILE A 9 4.84 8.31 -2.81
N GLY A 10 4.81 7.45 -3.81
CA GLY A 10 5.98 6.68 -4.21
C GLY A 10 6.24 5.52 -3.27
N LYS A 11 5.86 5.68 -2.01
CA LYS A 11 6.05 4.63 -1.00
C LYS A 11 4.72 3.93 -0.72
N ALA A 12 4.40 2.95 -1.54
CA ALA A 12 3.15 2.21 -1.37
C ALA A 12 3.14 1.50 -0.03
N GLY A 13 2.91 2.25 1.05
CA GLY A 13 2.87 1.69 2.39
C GLY A 13 3.95 0.65 2.59
N GLY A 14 5.16 0.94 2.11
CA GLY A 14 6.26 0.01 2.24
C GLY A 14 6.09 -1.17 1.32
N ILE A 15 5.61 -0.90 0.11
CA ILE A 15 5.38 -1.94 -0.88
C ILE A 15 4.34 -2.94 -0.37
N ILE A 16 3.11 -2.45 -0.24
CA ILE A 16 2.00 -3.27 0.24
C ILE A 16 0.80 -3.08 -0.69
N ILE A 17 0.23 -1.89 -0.69
CA ILE A 17 -0.91 -1.62 -1.57
C ILE A 17 -0.44 -1.61 -3.02
N GLY A 18 0.84 -1.30 -3.20
CA GLY A 18 1.43 -1.26 -4.53
C GLY A 18 1.85 -2.63 -4.99
N GLY A 19 2.61 -3.33 -4.15
CA GLY A 19 3.08 -4.67 -4.48
C GLY A 19 1.94 -5.68 -4.52
N ALA A 20 1.04 -5.60 -3.54
CA ALA A 20 -0.08 -6.53 -3.49
C ALA A 20 -0.87 -6.49 -4.80
N LEU A 21 -0.62 -5.46 -5.60
CA LEU A 21 -1.31 -5.33 -6.88
C LEU A 21 -0.80 -6.38 -7.87
N ASP A 22 0.51 -6.51 -7.95
CA ASP A 22 1.11 -7.48 -8.86
C ASP A 22 0.90 -8.91 -8.35
N HIS A 23 1.15 -9.11 -7.06
CA HIS A 23 0.97 -10.43 -6.47
C HIS A 23 -0.40 -11.00 -6.83
N LEU A 24 -1.42 -10.14 -6.81
CA LEU A 24 -2.77 -10.56 -7.14
C LEU A 24 -3.15 -11.81 -6.34
N GLY A 1 2.94 20.00 -15.81
CA GLY A 1 4.18 19.68 -16.48
C GLY A 1 4.83 18.43 -15.92
N LYS A 2 6.05 18.15 -16.37
CA LYS A 2 6.77 16.96 -15.90
C LYS A 2 7.30 17.19 -14.49
N GLY A 3 8.51 16.71 -14.22
CA GLY A 3 9.08 16.85 -12.90
C GLY A 3 8.23 16.41 -11.89
N ARG A 4 8.25 15.15 -12.09
CA ARG A 4 7.89 14.28 -11.18
C ARG A 4 7.53 12.95 -11.80
N TRP A 5 7.40 12.96 -13.09
CA TRP A 5 7.06 11.74 -13.83
C TRP A 5 7.87 10.56 -13.30
N LEU A 6 8.95 10.88 -12.58
CA LEU A 6 9.83 9.88 -11.99
C LEU A 6 9.80 9.99 -10.45
N GLU A 7 9.26 11.11 -9.92
CA GLU A 7 9.18 11.31 -8.46
C GLU A 7 7.73 11.50 -8.04
N ARG A 8 6.84 10.69 -8.60
CA ARG A 8 5.42 10.79 -8.26
C ARG A 8 5.21 10.62 -6.77
N ILE A 9 5.71 9.52 -6.22
CA ILE A 9 5.57 9.24 -4.79
C ILE A 9 6.56 8.16 -4.37
N GLY A 10 6.65 7.09 -5.17
CA GLY A 10 7.55 5.99 -4.87
C GLY A 10 7.49 5.57 -3.42
N LYS A 11 6.31 5.16 -2.97
CA LYS A 11 6.14 4.73 -1.58
C LYS A 11 4.75 4.13 -1.39
N ALA A 12 4.55 2.93 -1.95
CA ALA A 12 3.26 2.25 -1.82
C ALA A 12 3.14 1.66 -0.42
N GLY A 13 2.94 2.53 0.55
CA GLY A 13 2.81 2.09 1.95
C GLY A 13 3.82 1.01 2.28
N GLY A 14 4.98 1.08 1.64
CA GLY A 14 6.03 0.10 1.85
C GLY A 14 5.77 -1.15 1.03
N ILE A 15 5.74 -0.97 -0.30
CA ILE A 15 5.48 -2.06 -1.24
C ILE A 15 4.48 -3.05 -0.67
N ILE A 16 3.26 -2.56 -0.40
CA ILE A 16 2.20 -3.40 0.15
C ILE A 16 0.86 -3.11 -0.52
N ILE A 17 0.46 -1.84 -0.58
CA ILE A 17 -0.80 -1.48 -1.21
C ILE A 17 -0.65 -1.55 -2.73
N GLY A 18 0.55 -1.19 -3.20
CA GLY A 18 0.86 -1.23 -4.61
C GLY A 18 1.53 -2.53 -5.00
N GLY A 19 2.30 -3.09 -4.08
CA GLY A 19 3.00 -4.33 -4.33
C GLY A 19 2.06 -5.53 -4.34
N ALA A 20 1.01 -5.46 -3.52
CA ALA A 20 0.04 -6.55 -3.45
C ALA A 20 -0.40 -6.98 -4.84
N LEU A 21 -1.10 -6.09 -5.55
CA LEU A 21 -1.59 -6.39 -6.89
C LEU A 21 -2.40 -7.68 -6.87
N ASP A 22 -3.61 -7.59 -6.31
CA ASP A 22 -4.49 -8.75 -6.24
C ASP A 22 -5.91 -8.32 -5.88
N HIS A 23 -6.43 -7.35 -6.61
CA HIS A 23 -7.79 -6.85 -6.36
C HIS A 23 -7.90 -6.34 -4.93
N LEU A 24 -6.93 -5.55 -4.50
CA LEU A 24 -6.93 -4.99 -3.14
C LEU A 24 -5.88 -3.89 -3.03
N GLY A 1 -6.84 -6.34 25.80
CA GLY A 1 -5.64 -5.68 25.31
C GLY A 1 -5.60 -5.61 23.81
N LYS A 2 -6.71 -5.95 23.17
CA LYS A 2 -6.80 -5.93 21.71
C LYS A 2 -6.97 -4.51 21.20
N GLY A 3 -5.96 -3.68 21.47
CA GLY A 3 -6.01 -2.29 21.03
C GLY A 3 -6.22 -2.11 19.71
N ARG A 4 -5.25 -2.76 19.11
CA ARG A 4 -4.98 -2.35 17.88
C ARG A 4 -6.15 -2.53 16.96
N TRP A 5 -7.14 -3.23 17.49
CA TRP A 5 -8.36 -3.52 16.76
C TRP A 5 -8.81 -2.26 16.00
N LEU A 6 -8.37 -1.09 16.49
CA LEU A 6 -8.69 0.19 15.86
C LEU A 6 -7.52 0.64 14.99
N GLU A 7 -6.29 0.24 15.35
CA GLU A 7 -5.10 0.61 14.59
C GLU A 7 -4.66 -0.52 13.68
N ARG A 8 -5.62 -1.34 13.25
CA ARG A 8 -5.31 -2.47 12.38
C ARG A 8 -5.06 -1.99 10.95
N ILE A 9 -3.98 -1.23 10.78
CA ILE A 9 -3.63 -0.70 9.46
C ILE A 9 -3.03 -1.82 8.60
N GLY A 10 -3.78 -2.28 7.61
CA GLY A 10 -3.32 -3.33 6.73
C GLY A 10 -2.29 -2.82 5.74
N LYS A 11 -2.38 -1.54 5.41
CA LYS A 11 -1.44 -0.93 4.47
C LYS A 11 -0.08 -0.71 5.13
N ALA A 12 0.84 -1.63 4.90
CA ALA A 12 2.18 -1.53 5.47
C ALA A 12 2.89 -0.26 4.99
N GLY A 13 2.23 0.48 4.10
CA GLY A 13 2.81 1.70 3.59
C GLY A 13 4.22 1.50 3.10
N GLY A 14 4.38 0.63 2.09
CA GLY A 14 5.68 0.35 1.54
C GLY A 14 5.58 -0.32 0.17
N ILE A 15 4.97 -1.50 0.14
CA ILE A 15 4.81 -2.24 -1.12
C ILE A 15 3.64 -3.22 -0.99
N ILE A 16 2.55 -2.73 -0.42
CA ILE A 16 1.34 -3.52 -0.22
C ILE A 16 0.22 -2.96 -1.09
N ILE A 17 0.00 -1.65 -0.97
CA ILE A 17 -1.04 -0.99 -1.75
C ILE A 17 -0.66 -0.91 -3.22
N GLY A 18 0.39 -1.64 -3.60
CA GLY A 18 0.84 -1.66 -4.99
C GLY A 18 1.69 -2.87 -5.29
N GLY A 19 2.44 -3.34 -4.29
CA GLY A 19 3.31 -4.50 -4.47
C GLY A 19 2.61 -5.79 -4.07
N ALA A 20 1.34 -5.69 -3.73
CA ALA A 20 0.56 -6.87 -3.32
C ALA A 20 0.15 -7.69 -4.54
N LEU A 21 -0.43 -7.03 -5.54
CA LEU A 21 -0.88 -7.72 -6.75
C LEU A 21 -1.77 -8.90 -6.37
N ASP A 22 -1.25 -10.11 -6.56
CA ASP A 22 -2.01 -11.33 -6.23
C ASP A 22 -3.39 -11.28 -6.88
N HIS A 23 -4.34 -10.65 -6.20
CA HIS A 23 -5.72 -10.54 -6.71
C HIS A 23 -6.30 -9.18 -6.37
N LEU A 24 -5.58 -8.42 -5.55
CA LEU A 24 -6.05 -7.10 -5.15
C LEU A 24 -5.93 -6.12 -6.32
N GLY A 1 -15.52 18.97 -8.38
CA GLY A 1 -16.53 18.13 -7.75
C GLY A 1 -15.97 16.80 -7.32
N LYS A 2 -15.05 16.25 -8.12
CA LYS A 2 -14.44 14.97 -7.81
C LYS A 2 -13.55 15.08 -6.58
N GLY A 3 -12.28 15.42 -6.79
CA GLY A 3 -11.34 15.56 -5.68
C GLY A 3 -10.67 14.42 -5.35
N ARG A 4 -11.59 13.56 -5.03
CA ARG A 4 -11.19 12.56 -4.25
C ARG A 4 -10.11 11.75 -4.91
N TRP A 5 -9.94 12.02 -6.18
CA TRP A 5 -8.95 11.34 -6.99
C TRP A 5 -7.62 11.22 -6.24
N LEU A 6 -7.48 12.05 -5.20
CA LEU A 6 -6.28 12.06 -4.35
C LEU A 6 -6.60 11.61 -2.93
N GLU A 7 -7.89 11.62 -2.55
CA GLU A 7 -8.27 11.20 -1.21
C GLU A 7 -7.59 9.89 -0.83
N ARG A 8 -7.10 9.17 -1.83
CA ARG A 8 -6.41 7.90 -1.60
C ARG A 8 -5.38 8.05 -0.48
N ILE A 9 -5.07 6.93 0.18
CA ILE A 9 -4.09 6.94 1.26
C ILE A 9 -2.70 7.29 0.73
N GLY A 10 -2.34 6.71 -0.42
CA GLY A 10 -1.05 6.97 -1.01
C GLY A 10 0.08 6.86 0.00
N LYS A 11 0.69 5.69 0.06
CA LYS A 11 1.79 5.46 0.99
C LYS A 11 2.49 4.13 0.68
N ALA A 12 1.73 3.18 0.15
CA ALA A 12 2.26 1.87 -0.18
C ALA A 12 2.66 1.11 1.08
N GLY A 13 2.58 1.78 2.23
CA GLY A 13 2.93 1.16 3.50
C GLY A 13 4.14 0.26 3.37
N GLY A 14 5.05 0.64 2.48
CA GLY A 14 6.26 -0.13 2.23
C GLY A 14 6.02 -1.19 1.17
N ILE A 15 5.45 -0.76 0.04
CA ILE A 15 5.15 -1.66 -1.05
C ILE A 15 4.12 -2.68 -0.60
N ILE A 16 2.92 -2.19 -0.32
CA ILE A 16 1.79 -3.02 0.12
C ILE A 16 0.66 -2.88 -0.87
N ILE A 17 0.26 -1.64 -1.14
CA ILE A 17 -0.81 -1.38 -2.11
C ILE A 17 -0.27 -1.74 -3.48
N GLY A 18 1.00 -1.41 -3.71
CA GLY A 18 1.66 -1.72 -4.96
C GLY A 18 2.07 -3.18 -4.98
N GLY A 19 2.70 -3.62 -3.90
CA GLY A 19 3.12 -5.00 -3.80
C GLY A 19 1.98 -5.95 -4.07
N ALA A 20 0.86 -5.74 -3.38
CA ALA A 20 -0.31 -6.59 -3.55
C ALA A 20 -0.70 -6.65 -5.02
N LEU A 21 -0.54 -5.54 -5.73
CA LEU A 21 -0.88 -5.49 -7.14
C LEU A 21 -2.39 -5.66 -7.32
N ASP A 22 -3.14 -5.31 -6.29
CA ASP A 22 -4.60 -5.44 -6.34
C ASP A 22 -5.21 -4.28 -7.13
N HIS A 23 -6.20 -3.61 -6.54
CA HIS A 23 -6.84 -2.48 -7.19
C HIS A 23 -5.81 -1.45 -7.63
N LEU A 24 -4.60 -1.56 -7.10
CA LEU A 24 -3.53 -0.63 -7.44
C LEU A 24 -2.19 -1.18 -6.97
N GLY A 1 2.91 12.57 -22.34
CA GLY A 1 3.93 12.01 -21.46
C GLY A 1 3.75 12.45 -20.03
N LYS A 2 4.64 11.99 -19.16
CA LYS A 2 4.57 12.35 -17.74
C LYS A 2 3.21 11.99 -17.17
N GLY A 3 2.56 12.95 -16.50
CA GLY A 3 1.28 12.68 -15.88
C GLY A 3 1.29 11.51 -15.12
N ARG A 4 2.03 11.87 -14.15
CA ARG A 4 2.07 11.25 -13.00
C ARG A 4 3.41 11.50 -12.32
N TRP A 5 4.33 12.05 -13.07
CA TRP A 5 5.67 12.34 -12.57
C TRP A 5 5.61 12.89 -11.14
N LEU A 6 4.43 13.42 -10.78
CA LEU A 6 4.22 14.01 -9.45
C LEU A 6 3.34 13.09 -8.61
N GLU A 7 2.59 12.17 -9.25
CA GLU A 7 1.72 11.28 -8.49
C GLU A 7 2.57 10.32 -7.65
N ARG A 8 3.89 10.35 -7.86
CA ARG A 8 4.80 9.50 -7.12
C ARG A 8 4.48 9.53 -5.62
N ILE A 9 3.71 8.54 -5.17
CA ILE A 9 3.34 8.46 -3.76
C ILE A 9 4.57 8.21 -2.89
N GLY A 10 5.48 7.38 -3.40
CA GLY A 10 6.69 7.06 -2.67
C GLY A 10 6.42 6.37 -1.35
N LYS A 11 5.14 6.16 -1.05
CA LYS A 11 4.74 5.49 0.19
C LYS A 11 3.57 4.55 -0.05
N ALA A 12 3.85 3.42 -0.69
CA ALA A 12 2.81 2.43 -0.99
C ALA A 12 2.62 1.50 0.20
N GLY A 13 2.70 2.07 1.40
CA GLY A 13 2.54 1.28 2.61
C GLY A 13 3.56 0.16 2.70
N GLY A 14 4.81 0.48 2.38
CA GLY A 14 5.87 -0.50 2.43
C GLY A 14 5.79 -1.47 1.27
N ILE A 15 5.42 -0.96 0.09
CA ILE A 15 5.29 -1.80 -1.09
C ILE A 15 4.22 -2.85 -0.87
N ILE A 16 2.99 -2.37 -0.70
CA ILE A 16 1.84 -3.23 -0.47
C ILE A 16 0.68 -2.76 -1.33
N ILE A 17 0.26 -1.51 -1.12
CA ILE A 17 -0.84 -0.95 -1.92
C ILE A 17 -0.47 -1.12 -3.39
N GLY A 18 0.84 -1.14 -3.64
CA GLY A 18 1.38 -1.34 -4.98
C GLY A 18 1.89 -2.76 -5.10
N GLY A 19 2.44 -3.27 -4.01
CA GLY A 19 2.95 -4.63 -3.99
C GLY A 19 1.84 -5.65 -3.96
N ALA A 20 1.08 -5.69 -2.87
CA ALA A 20 -0.03 -6.62 -2.74
C ALA A 20 0.45 -8.04 -3.06
N LEU A 21 1.75 -8.27 -2.97
CA LEU A 21 2.31 -9.58 -3.24
C LEU A 21 1.87 -10.59 -2.19
N ASP A 22 1.05 -11.55 -2.59
CA ASP A 22 0.56 -12.57 -1.67
C ASP A 22 -0.07 -11.92 -0.45
N HIS A 23 -0.89 -10.89 -0.67
CA HIS A 23 -1.54 -10.20 0.42
C HIS A 23 -0.52 -9.77 1.48
N LEU A 24 0.67 -9.42 1.02
CA LEU A 24 1.73 -9.01 1.94
C LEU A 24 2.85 -8.31 1.18
N GLY A 1 -8.50 -4.70 10.00
CA GLY A 1 -9.84 -4.54 10.55
C GLY A 1 -10.73 -3.76 9.62
N LYS A 2 -10.56 -3.96 8.31
CA LYS A 2 -11.37 -3.27 7.32
C LYS A 2 -11.33 -1.76 7.55
N GLY A 3 -12.27 -1.05 6.95
CA GLY A 3 -12.35 0.40 7.08
C GLY A 3 -11.65 1.10 6.15
N ARG A 4 -10.41 0.73 6.27
CA ARG A 4 -9.50 1.58 5.81
C ARG A 4 -9.67 1.83 4.34
N TRP A 5 -10.52 1.01 3.77
CA TRP A 5 -10.83 1.09 2.33
C TRP A 5 -10.91 2.55 1.89
N LEU A 6 -11.23 3.42 2.85
CA LEU A 6 -11.35 4.86 2.59
C LEU A 6 -10.06 5.58 2.99
N GLU A 7 -9.35 5.06 4.01
CA GLU A 7 -8.11 5.67 4.47
C GLU A 7 -6.92 5.11 3.69
N ARG A 8 -7.12 4.86 2.41
CA ARG A 8 -6.06 4.31 1.56
C ARG A 8 -4.92 5.32 1.42
N ILE A 9 -3.87 5.14 2.21
CA ILE A 9 -2.73 6.04 2.15
C ILE A 9 -2.14 6.07 0.74
N GLY A 10 -2.23 4.95 0.05
CA GLY A 10 -1.72 4.86 -1.31
C GLY A 10 -0.21 5.04 -1.36
N LYS A 11 0.38 5.31 -0.20
CA LYS A 11 1.83 5.50 -0.13
C LYS A 11 2.55 4.16 -0.25
N ALA A 12 1.77 3.10 -0.49
CA ALA A 12 2.32 1.76 -0.63
C ALA A 12 2.73 1.19 0.73
N GLY A 13 2.94 2.08 1.70
CA GLY A 13 3.33 1.68 3.05
C GLY A 13 4.30 0.51 3.03
N GLY A 14 5.35 0.63 2.22
CA GLY A 14 6.33 -0.43 2.09
C GLY A 14 5.81 -1.50 1.16
N ILE A 15 5.63 -1.11 -0.11
CA ILE A 15 5.12 -2.01 -1.14
C ILE A 15 4.02 -2.92 -0.59
N ILE A 16 2.82 -2.34 -0.45
CA ILE A 16 1.65 -3.07 0.05
C ILE A 16 0.48 -2.88 -0.91
N ILE A 17 0.05 -1.62 -1.08
CA ILE A 17 -1.05 -1.32 -1.99
C ILE A 17 -0.60 -1.60 -3.42
N GLY A 18 0.48 -0.94 -3.83
CA GLY A 18 1.01 -1.11 -5.18
C GLY A 18 1.63 -2.48 -5.34
N GLY A 19 2.48 -2.86 -4.40
CA GLY A 19 3.14 -4.16 -4.45
C GLY A 19 2.15 -5.30 -4.38
N ALA A 20 1.23 -5.21 -3.42
CA ALA A 20 0.22 -6.25 -3.25
C ALA A 20 0.88 -7.62 -3.17
N LEU A 21 1.94 -7.73 -2.37
CA LEU A 21 2.66 -8.99 -2.22
C LEU A 21 1.68 -10.12 -1.90
N ASP A 22 1.34 -10.91 -2.91
CA ASP A 22 0.42 -12.02 -2.72
C ASP A 22 -0.91 -11.52 -2.14
N HIS A 23 -1.39 -12.17 -1.09
CA HIS A 23 -2.65 -11.78 -0.46
C HIS A 23 -2.44 -10.53 0.39
N LEU A 24 -1.26 -9.93 0.28
CA LEU A 24 -0.95 -8.73 1.05
C LEU A 24 0.35 -8.10 0.54
N GLY A 1 -4.15 19.25 -14.16
CA GLY A 1 -4.95 18.04 -14.21
C GLY A 1 -5.84 17.90 -12.99
N LYS A 2 -5.25 18.09 -11.82
CA LYS A 2 -5.99 17.99 -10.57
C LYS A 2 -6.62 16.59 -10.43
N GLY A 3 -7.43 16.43 -9.40
CA GLY A 3 -8.09 15.15 -9.14
C GLY A 3 -7.74 14.55 -7.98
N ARG A 4 -6.46 14.36 -8.07
CA ARG A 4 -5.97 13.41 -7.29
C ARG A 4 -6.20 13.70 -5.82
N TRP A 5 -6.63 14.92 -5.61
CA TRP A 5 -6.92 15.42 -4.26
C TRP A 5 -7.61 14.33 -3.42
N LEU A 6 -8.21 13.36 -4.12
CA LEU A 6 -8.91 12.25 -3.48
C LEU A 6 -8.12 10.95 -3.65
N GLU A 7 -7.30 10.88 -4.72
CA GLU A 7 -6.49 9.68 -4.98
C GLU A 7 -5.10 9.86 -4.40
N ARG A 8 -5.00 10.65 -3.33
CA ARG A 8 -3.72 10.90 -2.69
C ARG A 8 -3.06 9.58 -2.28
N ILE A 9 -3.84 8.51 -2.28
CA ILE A 9 -3.31 7.20 -1.91
C ILE A 9 -2.07 6.89 -2.74
N GLY A 10 -0.94 6.73 -2.06
CA GLY A 10 0.32 6.43 -2.74
C GLY A 10 1.29 5.71 -1.82
N LYS A 11 1.21 6.02 -0.53
CA LYS A 11 2.08 5.38 0.45
C LYS A 11 1.62 3.96 0.73
N ALA A 12 2.21 2.99 0.02
CA ALA A 12 1.85 1.60 0.19
C ALA A 12 2.45 1.04 1.48
N GLY A 13 2.56 1.88 2.50
CA GLY A 13 3.14 1.45 3.76
C GLY A 13 4.45 0.72 3.56
N GLY A 14 5.01 0.88 2.36
CA GLY A 14 6.26 0.24 1.99
C GLY A 14 6.17 -0.38 0.61
N ILE A 15 5.30 -1.37 0.48
CA ILE A 15 5.09 -2.05 -0.79
C ILE A 15 3.89 -3.00 -0.67
N ILE A 16 2.90 -2.54 0.08
CA ILE A 16 1.67 -3.30 0.30
C ILE A 16 0.66 -3.01 -0.82
N ILE A 17 0.26 -1.74 -0.95
CA ILE A 17 -0.68 -1.37 -2.00
C ILE A 17 0.05 -1.31 -3.34
N GLY A 18 1.38 -1.21 -3.27
CA GLY A 18 2.20 -1.16 -4.47
C GLY A 18 2.45 -2.55 -5.01
N GLY A 19 2.87 -3.46 -4.12
CA GLY A 19 3.15 -4.83 -4.50
C GLY A 19 1.87 -5.66 -4.52
N ALA A 20 0.97 -5.38 -3.59
CA ALA A 20 -0.28 -6.12 -3.50
C ALA A 20 -0.02 -7.62 -3.42
N LEU A 21 0.80 -8.02 -2.45
CA LEU A 21 1.12 -9.43 -2.27
C LEU A 21 -0.06 -10.17 -1.65
N ASP A 22 -0.88 -10.78 -2.51
CA ASP A 22 -2.04 -11.52 -2.04
C ASP A 22 -2.89 -10.65 -1.11
N HIS A 23 -3.31 -9.50 -1.61
CA HIS A 23 -4.13 -8.60 -0.80
C HIS A 23 -3.45 -8.29 0.52
N LEU A 24 -2.12 -8.47 0.55
CA LEU A 24 -1.36 -8.21 1.77
C LEU A 24 0.13 -8.10 1.42
N GLY A 1 -15.05 12.54 9.17
CA GLY A 1 -15.34 13.63 8.26
C GLY A 1 -14.58 13.49 6.95
N LYS A 2 -14.88 14.37 6.00
CA LYS A 2 -14.22 14.33 4.70
C LYS A 2 -12.77 14.77 4.82
N GLY A 3 -12.13 14.99 3.67
CA GLY A 3 -10.74 15.41 3.65
C GLY A 3 -9.91 14.64 2.91
N ARG A 4 -9.99 13.44 3.43
CA ARG A 4 -8.97 12.64 3.21
C ARG A 4 -8.78 12.38 1.73
N TRP A 5 -9.76 12.83 1.00
CA TRP A 5 -9.78 12.68 -0.46
C TRP A 5 -8.38 12.92 -1.03
N LEU A 6 -7.56 13.65 -0.27
CA LEU A 6 -6.18 13.96 -0.67
C LEU A 6 -5.19 13.06 0.09
N GLU A 7 -5.57 12.65 1.31
CA GLU A 7 -4.70 11.78 2.11
C GLU A 7 -5.00 10.32 1.82
N ARG A 8 -5.26 10.01 0.55
CA ARG A 8 -5.56 8.65 0.15
C ARG A 8 -4.31 7.77 0.27
N ILE A 9 -4.44 6.67 0.99
CA ILE A 9 -3.31 5.76 1.17
C ILE A 9 -2.97 5.08 -0.15
N GLY A 10 -1.79 5.41 -0.69
CA GLY A 10 -1.34 4.84 -1.95
C GLY A 10 0.16 4.96 -2.11
N LYS A 11 0.84 5.28 -1.01
CA LYS A 11 2.29 5.42 -1.03
C LYS A 11 2.97 4.05 -0.97
N ALA A 12 2.20 3.00 -1.25
CA ALA A 12 2.73 1.64 -1.22
C ALA A 12 2.95 1.17 0.22
N GLY A 13 3.04 2.11 1.15
CA GLY A 13 3.24 1.78 2.56
C GLY A 13 4.24 0.65 2.74
N GLY A 14 5.41 0.80 2.12
CA GLY A 14 6.44 -0.22 2.21
C GLY A 14 6.12 -1.39 1.29
N ILE A 15 5.65 -1.06 0.09
CA ILE A 15 5.32 -2.09 -0.89
C ILE A 15 4.21 -3.00 -0.34
N ILE A 16 2.99 -2.45 -0.29
CA ILE A 16 1.83 -3.20 0.21
C ILE A 16 0.67 -3.02 -0.75
N ILE A 17 0.09 -1.83 -0.76
CA ILE A 17 -1.03 -1.56 -1.66
C ILE A 17 -0.50 -1.39 -3.08
N GLY A 18 0.79 -1.08 -3.17
CA GLY A 18 1.44 -0.90 -4.46
C GLY A 18 1.80 -2.24 -5.07
N GLY A 19 2.55 -3.05 -4.33
CA GLY A 19 2.95 -4.36 -4.80
C GLY A 19 1.83 -5.38 -4.67
N ALA A 20 1.08 -5.30 -3.57
CA ALA A 20 -0.01 -6.23 -3.34
C ALA A 20 0.48 -7.67 -3.35
N LEU A 21 1.80 -7.84 -3.41
CA LEU A 21 2.39 -9.17 -3.41
C LEU A 21 1.73 -10.05 -4.47
N ASP A 22 1.96 -9.70 -5.74
CA ASP A 22 1.38 -10.46 -6.84
C ASP A 22 -0.12 -10.64 -6.65
N HIS A 23 -0.82 -9.53 -6.41
CA HIS A 23 -2.26 -9.57 -6.22
C HIS A 23 -2.63 -10.64 -5.19
N LEU A 24 -1.78 -10.81 -4.19
CA LEU A 24 -2.03 -11.79 -3.14
C LEU A 24 -1.03 -11.61 -1.99
N GLY A 1 2.94 10.93 -21.30
CA GLY A 1 2.58 10.39 -20.00
C GLY A 1 3.58 10.77 -18.93
N LYS A 2 4.47 11.69 -19.27
CA LYS A 2 5.50 12.13 -18.32
C LYS A 2 4.85 12.81 -17.13
N GLY A 3 5.58 13.74 -16.50
CA GLY A 3 5.06 14.41 -15.33
C GLY A 3 4.65 13.52 -14.35
N ARG A 4 5.78 13.05 -13.97
CA ARG A 4 5.95 12.45 -12.81
C ARG A 4 7.19 11.57 -12.85
N TRP A 5 7.69 11.36 -14.05
CA TRP A 5 8.87 10.53 -14.23
C TRP A 5 9.93 10.91 -13.19
N LEU A 6 9.75 12.10 -12.60
CA LEU A 6 10.63 12.62 -11.57
C LEU A 6 9.87 12.80 -10.24
N GLU A 7 8.53 12.72 -10.28
CA GLU A 7 7.72 12.88 -9.06
C GLU A 7 6.88 11.62 -8.83
N ARG A 8 7.32 10.51 -9.41
CA ARG A 8 6.61 9.25 -9.25
C ARG A 8 6.78 8.71 -7.84
N ILE A 9 5.73 8.81 -7.04
CA ILE A 9 5.78 8.33 -5.66
C ILE A 9 6.15 6.84 -5.64
N GLY A 10 7.35 6.56 -5.14
CA GLY A 10 7.84 5.18 -5.06
C GLY A 10 7.85 4.67 -3.63
N LYS A 11 6.66 4.53 -3.05
CA LYS A 11 6.53 4.05 -1.68
C LYS A 11 5.09 3.64 -1.38
N ALA A 12 4.65 2.55 -2.00
CA ALA A 12 3.29 2.06 -1.78
C ALA A 12 3.14 1.49 -0.38
N GLY A 13 3.06 2.38 0.61
CA GLY A 13 2.92 1.96 1.99
C GLY A 13 3.89 0.86 2.35
N GLY A 14 5.15 1.03 1.94
CA GLY A 14 6.17 0.02 2.23
C GLY A 14 6.01 -1.19 1.34
N ILE A 15 5.57 -0.95 0.11
CA ILE A 15 5.37 -2.02 -0.86
C ILE A 15 4.35 -3.02 -0.34
N ILE A 16 3.08 -2.58 -0.27
CA ILE A 16 2.00 -3.44 0.19
C ILE A 16 0.72 -3.12 -0.58
N ILE A 17 0.56 -1.83 -0.95
CA ILE A 17 -0.59 -1.42 -1.75
C ILE A 17 -0.20 -1.50 -3.22
N GLY A 18 1.11 -1.42 -3.46
CA GLY A 18 1.66 -1.51 -4.81
C GLY A 18 2.14 -2.91 -5.09
N GLY A 19 2.77 -3.52 -4.08
CA GLY A 19 3.27 -4.87 -4.22
C GLY A 19 2.15 -5.88 -4.30
N ALA A 20 1.05 -5.60 -3.59
CA ALA A 20 -0.09 -6.51 -3.60
C ALA A 20 -0.71 -6.56 -4.99
N LEU A 21 -0.22 -5.71 -5.90
CA LEU A 21 -0.74 -5.66 -7.27
C LEU A 21 0.27 -6.31 -8.22
N ASP A 22 1.52 -6.43 -7.78
CA ASP A 22 2.55 -7.03 -8.60
C ASP A 22 2.24 -8.50 -8.85
N HIS A 23 2.68 -9.37 -7.93
CA HIS A 23 2.44 -10.80 -8.06
C HIS A 23 0.99 -11.12 -7.73
N LEU A 24 0.48 -10.53 -6.65
CA LEU A 24 -0.89 -10.76 -6.23
C LEU A 24 -1.84 -9.98 -7.12
N GLY A 1 -1.37 6.20 -18.06
CA GLY A 1 -0.21 5.84 -17.25
C GLY A 1 0.23 6.98 -16.36
N LYS A 2 -0.55 8.06 -16.37
CA LYS A 2 -0.23 9.23 -15.55
C LYS A 2 -0.57 8.95 -14.08
N GLY A 3 -0.73 7.68 -13.73
CA GLY A 3 -1.05 7.31 -12.37
C GLY A 3 -0.26 7.86 -11.41
N ARG A 4 0.95 7.52 -11.71
CA ARG A 4 1.82 7.54 -10.71
C ARG A 4 1.96 8.92 -10.12
N TRP A 5 1.37 9.85 -10.83
CA TRP A 5 1.40 11.26 -10.44
C TRP A 5 1.20 11.37 -8.93
N LEU A 6 0.55 10.36 -8.36
CA LEU A 6 0.28 10.31 -6.92
C LEU A 6 1.34 9.45 -6.21
N GLU A 7 1.88 8.45 -6.93
CA GLU A 7 2.90 7.57 -6.34
C GLU A 7 4.29 8.12 -6.60
N ARG A 8 4.44 9.44 -6.48
CA ARG A 8 5.73 10.08 -6.71
C ARG A 8 6.71 9.71 -5.61
N ILE A 9 6.23 9.72 -4.37
CA ILE A 9 7.06 9.39 -3.23
C ILE A 9 7.66 8.00 -3.39
N GLY A 10 7.15 7.25 -4.36
CA GLY A 10 7.64 5.90 -4.60
C GLY A 10 7.59 5.05 -3.35
N LYS A 11 6.46 5.11 -2.65
CA LYS A 11 6.28 4.34 -1.41
C LYS A 11 4.82 3.94 -1.24
N ALA A 12 4.39 2.95 -2.01
CA ALA A 12 3.01 2.49 -1.93
C ALA A 12 2.76 1.79 -0.59
N GLY A 13 2.57 2.58 0.45
CA GLY A 13 2.35 2.02 1.77
C GLY A 13 3.43 1.02 2.13
N GLY A 14 4.59 1.17 1.50
CA GLY A 14 5.71 0.27 1.75
C GLY A 14 5.55 -1.04 1.02
N ILE A 15 5.64 -0.99 -0.32
CA ILE A 15 5.52 -2.18 -1.17
C ILE A 15 4.46 -3.14 -0.62
N ILE A 16 3.23 -2.65 -0.49
CA ILE A 16 2.11 -3.46 0.01
C ILE A 16 0.86 -3.11 -0.81
N ILE A 17 0.59 -1.82 -0.96
CA ILE A 17 -0.58 -1.38 -1.74
C ILE A 17 -0.26 -1.47 -3.22
N GLY A 18 0.87 -0.90 -3.61
CA GLY A 18 1.29 -0.94 -4.99
C GLY A 18 1.70 -2.35 -5.37
N GLY A 19 2.32 -3.04 -4.42
CA GLY A 19 2.77 -4.41 -4.64
C GLY A 19 1.62 -5.39 -4.52
N ALA A 20 0.69 -5.11 -3.61
CA ALA A 20 -0.46 -5.99 -3.40
C ALA A 20 0.01 -7.41 -3.10
N LEU A 21 0.83 -7.55 -2.07
CA LEU A 21 1.33 -8.86 -1.68
C LEU A 21 0.18 -9.76 -1.24
N ASP A 22 -0.06 -10.83 -2.00
CA ASP A 22 -1.14 -11.75 -1.67
C ASP A 22 -2.47 -11.01 -1.57
N HIS A 23 -2.69 -10.07 -2.48
CA HIS A 23 -3.92 -9.30 -2.48
C HIS A 23 -4.15 -8.66 -1.12
N LEU A 24 -3.19 -7.86 -0.67
CA LEU A 24 -3.30 -7.20 0.63
C LEU A 24 -2.22 -6.13 0.77
N GLY A 1 -21.22 -3.48 13.79
CA GLY A 1 -20.91 -4.71 14.48
C GLY A 1 -19.42 -4.98 14.53
N LYS A 2 -18.97 -5.95 13.74
CA LYS A 2 -17.56 -6.31 13.70
C LYS A 2 -16.78 -5.32 12.84
N GLY A 3 -17.10 -4.03 12.99
CA GLY A 3 -16.41 -2.99 12.23
C GLY A 3 -15.06 -3.07 12.23
N ARG A 4 -14.73 -3.04 13.49
CA ARG A 4 -13.49 -2.64 13.75
C ARG A 4 -12.46 -3.54 13.10
N TRP A 5 -12.98 -4.64 12.62
CA TRP A 5 -12.16 -5.64 11.95
C TRP A 5 -11.13 -4.99 11.03
N LEU A 6 -11.40 -3.72 10.67
CA LEU A 6 -10.51 -2.96 9.80
C LEU A 6 -9.88 -1.78 10.54
N GLU A 7 -10.47 -1.38 11.68
CA GLU A 7 -9.91 -0.27 12.44
C GLU A 7 -8.42 -0.46 12.69
N ARG A 8 -7.95 -1.69 12.46
CA ARG A 8 -6.54 -2.01 12.66
C ARG A 8 -5.69 -1.32 11.60
N ILE A 9 -4.61 -2.01 11.18
CA ILE A 9 -3.71 -1.46 10.17
C ILE A 9 -2.76 -2.54 9.69
N GLY A 10 -2.60 -2.65 8.36
CA GLY A 10 -1.73 -3.65 7.77
C GLY A 10 -0.93 -3.08 6.61
N LYS A 11 -1.32 -1.90 6.15
CA LYS A 11 -0.62 -1.26 5.04
C LYS A 11 0.79 -0.86 5.46
N ALA A 12 1.78 -1.60 4.96
CA ALA A 12 3.17 -1.31 5.31
C ALA A 12 3.62 -0.02 4.64
N GLY A 13 2.70 0.63 3.94
CA GLY A 13 3.01 1.87 3.25
C GLY A 13 4.34 1.82 2.53
N GLY A 14 4.52 0.80 1.69
CA GLY A 14 5.76 0.65 0.95
C GLY A 14 5.60 -0.30 -0.22
N ILE A 15 5.02 -1.47 0.06
CA ILE A 15 4.82 -2.48 -0.99
C ILE A 15 3.65 -3.39 -0.62
N ILE A 16 2.49 -2.78 -0.44
CA ILE A 16 1.27 -3.50 -0.08
C ILE A 16 0.09 -2.90 -0.86
N ILE A 17 -0.02 -1.58 -0.82
CA ILE A 17 -1.09 -0.90 -1.52
C ILE A 17 -0.88 -0.98 -3.03
N GLY A 18 0.15 -1.72 -3.43
CA GLY A 18 0.47 -1.88 -4.84
C GLY A 18 1.45 -3.00 -5.07
N GLY A 19 2.45 -3.11 -4.19
CA GLY A 19 3.45 -4.15 -4.30
C GLY A 19 2.83 -5.53 -4.31
N ALA A 20 1.67 -5.65 -3.67
CA ALA A 20 0.98 -6.94 -3.61
C ALA A 20 0.67 -7.44 -5.01
N LEU A 21 0.64 -6.53 -5.97
CA LEU A 21 0.37 -6.89 -7.36
C LEU A 21 -0.98 -7.60 -7.47
N ASP A 22 -1.94 -6.92 -8.10
CA ASP A 22 -3.27 -7.49 -8.27
C ASP A 22 -3.86 -7.90 -6.92
N HIS A 23 -3.45 -7.19 -5.87
CA HIS A 23 -3.94 -7.49 -4.53
C HIS A 23 -3.72 -8.95 -4.18
N LEU A 24 -2.90 -9.63 -4.97
CA LEU A 24 -2.62 -11.04 -4.73
C LEU A 24 -1.98 -11.23 -3.36
N GLY A 1 -13.34 4.63 18.41
CA GLY A 1 -12.75 5.69 17.61
C GLY A 1 -12.96 5.47 16.12
N LYS A 2 -12.85 4.22 15.69
CA LYS A 2 -13.03 3.88 14.29
C LYS A 2 -12.15 4.76 13.41
N GLY A 3 -12.56 4.95 12.15
CA GLY A 3 -11.81 5.77 11.21
C GLY A 3 -11.00 5.09 10.37
N ARG A 4 -10.16 4.45 11.13
CA ARG A 4 -9.02 4.10 10.54
C ARG A 4 -9.23 3.19 9.37
N TRP A 5 -10.46 2.75 9.28
CA TRP A 5 -10.88 1.85 8.19
C TRP A 5 -10.22 2.27 6.87
N LEU A 6 -9.87 3.55 6.79
CA LEU A 6 -9.23 4.11 5.59
C LEU A 6 -7.71 4.21 5.80
N GLU A 7 -7.26 4.38 7.04
CA GLU A 7 -5.83 4.49 7.32
C GLU A 7 -5.21 3.11 7.51
N ARG A 8 -6.07 2.09 7.53
CA ARG A 8 -5.61 0.72 7.70
C ARG A 8 -4.83 0.26 6.47
N ILE A 9 -5.09 0.93 5.34
CA ILE A 9 -4.41 0.59 4.09
C ILE A 9 -2.90 0.75 4.25
N GLY A 10 -2.49 1.68 5.11
CA GLY A 10 -1.07 1.91 5.34
C GLY A 10 -0.47 0.85 6.24
N LYS A 11 -0.81 -0.40 5.97
CA LYS A 11 -0.29 -1.52 6.76
C LYS A 11 1.20 -1.35 6.99
N ALA A 12 1.89 -0.85 5.97
CA ALA A 12 3.33 -0.64 6.05
C ALA A 12 3.74 0.49 5.13
N GLY A 13 2.83 0.89 4.24
CA GLY A 13 3.13 1.94 3.29
C GLY A 13 4.38 1.57 2.51
N GLY A 14 4.77 0.31 2.65
CA GLY A 14 5.96 -0.19 1.97
C GLY A 14 5.66 -0.60 0.55
N ILE A 15 5.00 -1.75 0.39
CA ILE A 15 4.64 -2.24 -0.94
C ILE A 15 3.45 -3.19 -0.86
N ILE A 16 2.46 -2.79 -0.08
CA ILE A 16 1.24 -3.58 0.10
C ILE A 16 0.19 -3.10 -0.90
N ILE A 17 -0.04 -1.79 -0.93
CA ILE A 17 -1.02 -1.20 -1.86
C ILE A 17 -0.37 -0.97 -3.23
N GLY A 18 0.89 -1.39 -3.36
CA GLY A 18 1.63 -1.23 -4.61
C GLY A 18 2.08 -2.57 -5.17
N GLY A 19 2.90 -3.28 -4.40
CA GLY A 19 3.39 -4.56 -4.83
C GLY A 19 2.35 -5.65 -4.68
N ALA A 20 1.60 -5.60 -3.59
CA ALA A 20 0.56 -6.59 -3.33
C ALA A 20 1.14 -8.00 -3.43
N LEU A 21 2.46 -8.10 -3.43
CA LEU A 21 3.12 -9.39 -3.51
C LEU A 21 2.61 -10.17 -4.72
N ASP A 22 1.86 -9.48 -5.59
CA ASP A 22 1.32 -10.12 -6.77
C ASP A 22 2.42 -10.38 -7.80
N HIS A 23 2.85 -9.34 -8.49
CA HIS A 23 3.89 -9.47 -9.49
C HIS A 23 4.37 -8.09 -9.95
N LEU A 24 4.51 -7.17 -9.00
CA LEU A 24 4.96 -5.81 -9.32
C LEU A 24 5.39 -5.09 -8.05
N GLY A 1 18.97 -3.38 17.40
CA GLY A 1 18.28 -3.43 16.12
C GLY A 1 17.37 -4.64 16.02
N LYS A 2 16.35 -4.67 16.88
CA LYS A 2 15.40 -5.78 16.88
C LYS A 2 14.17 -5.43 17.71
N GLY A 3 14.00 -4.14 18.00
CA GLY A 3 12.87 -3.68 18.77
C GLY A 3 11.66 -4.13 18.38
N ARG A 4 11.55 -3.76 17.13
CA ARG A 4 10.31 -3.69 16.66
C ARG A 4 9.60 -5.01 16.72
N TRP A 5 10.40 -6.01 17.03
CA TRP A 5 9.91 -7.39 17.13
C TRP A 5 8.53 -7.42 17.80
N LEU A 6 8.21 -6.37 18.55
CA LEU A 6 6.93 -6.25 19.24
C LEU A 6 6.09 -5.12 18.62
N GLU A 7 6.77 -4.16 17.96
CA GLU A 7 6.08 -3.03 17.33
C GLU A 7 6.08 -3.18 15.81
N ARG A 8 5.91 -4.42 15.35
CA ARG A 8 5.90 -4.70 13.92
C ARG A 8 4.81 -3.91 13.22
N ILE A 9 4.63 -4.17 11.93
CA ILE A 9 3.60 -3.48 11.15
C ILE A 9 3.34 -4.24 9.85
N GLY A 10 4.41 -4.69 9.21
CA GLY A 10 4.28 -5.42 7.96
C GLY A 10 4.01 -4.50 6.78
N LYS A 11 2.98 -3.67 6.92
CA LYS A 11 2.62 -2.74 5.85
C LYS A 11 3.66 -1.64 5.75
N ALA A 12 4.56 -1.75 4.78
CA ALA A 12 5.59 -0.74 4.59
C ALA A 12 4.99 0.47 3.87
N GLY A 13 3.66 0.44 3.74
CA GLY A 13 2.95 1.52 3.08
C GLY A 13 3.60 1.86 1.74
N GLY A 14 4.27 0.89 1.16
CA GLY A 14 4.94 1.10 -0.12
C GLY A 14 5.24 -0.22 -0.81
N ILE A 15 4.67 -1.30 -0.29
CA ILE A 15 4.87 -2.62 -0.88
C ILE A 15 3.74 -3.56 -0.48
N ILE A 16 2.57 -2.97 -0.27
CA ILE A 16 1.39 -3.73 0.11
C ILE A 16 0.14 -3.11 -0.54
N ILE A 17 0.13 -1.78 -0.63
CA ILE A 17 -0.98 -1.07 -1.26
C ILE A 17 -0.70 -0.93 -2.76
N GLY A 18 0.40 -1.55 -3.20
CA GLY A 18 0.80 -1.50 -4.59
C GLY A 18 1.69 -2.66 -4.99
N GLY A 19 2.82 -2.81 -4.29
CA GLY A 19 3.75 -3.89 -4.60
C GLY A 19 3.04 -5.22 -4.72
N ALA A 20 2.31 -5.61 -3.68
CA ALA A 20 1.59 -6.87 -3.68
C ALA A 20 0.45 -6.83 -4.68
N LEU A 21 -0.18 -5.67 -4.82
CA LEU A 21 -1.30 -5.51 -5.73
C LEU A 21 -2.42 -6.48 -5.34
N ASP A 22 -2.78 -7.38 -6.24
CA ASP A 22 -3.85 -8.35 -5.95
C ASP A 22 -5.10 -7.63 -5.47
N HIS A 23 -5.23 -6.36 -5.82
CA HIS A 23 -6.40 -5.57 -5.42
C HIS A 23 -6.56 -5.60 -3.91
N LEU A 24 -5.50 -5.99 -3.20
CA LEU A 24 -5.54 -6.06 -1.75
C LEU A 24 -6.77 -6.83 -1.28
N GLY A 1 -0.74 -11.76 19.93
CA GLY A 1 -1.97 -11.10 20.34
C GLY A 1 -1.99 -9.64 19.92
N LYS A 2 -1.60 -8.76 20.84
CA LYS A 2 -1.58 -7.33 20.55
C LYS A 2 -0.62 -7.03 19.40
N GLY A 3 -0.13 -5.80 19.34
CA GLY A 3 0.78 -5.41 18.28
C GLY A 3 0.28 -5.67 17.02
N ARG A 4 -0.70 -4.83 16.96
CA ARG A 4 -1.21 -4.42 15.81
C ARG A 4 -2.53 -3.71 16.05
N TRP A 5 -3.03 -3.85 17.27
CA TRP A 5 -4.29 -3.24 17.64
C TRP A 5 -4.36 -1.80 17.10
N LEU A 6 -3.19 -1.26 16.77
CA LEU A 6 -3.07 0.09 16.22
C LEU A 6 -2.57 0.07 14.78
N GLU A 7 -2.01 -1.07 14.33
CA GLU A 7 -1.51 -1.19 12.95
C GLU A 7 -2.42 -2.08 12.12
N ARG A 8 -3.66 -2.25 12.58
CA ARG A 8 -4.61 -3.08 11.87
C ARG A 8 -4.91 -2.49 10.49
N ILE A 9 -4.30 -1.35 10.20
CA ILE A 9 -4.50 -0.68 8.92
C ILE A 9 -4.21 -1.64 7.77
N GLY A 10 -3.36 -2.64 8.03
CA GLY A 10 -3.01 -3.61 7.01
C GLY A 10 -2.03 -3.04 6.01
N LYS A 11 -2.23 -1.77 5.66
CA LYS A 11 -1.34 -1.10 4.71
C LYS A 11 0.03 -0.89 5.32
N ALA A 12 0.96 -1.81 5.01
CA ALA A 12 2.31 -1.72 5.53
C ALA A 12 2.99 -0.42 5.08
N GLY A 13 2.28 0.35 4.26
CA GLY A 13 2.82 1.60 3.76
C GLY A 13 4.22 1.44 3.21
N GLY A 14 4.35 0.62 2.17
CA GLY A 14 5.65 0.39 1.56
C GLY A 14 5.53 -0.25 0.20
N ILE A 15 4.93 -1.44 0.14
CA ILE A 15 4.74 -2.15 -1.12
C ILE A 15 3.60 -3.15 -0.99
N ILE A 16 2.52 -2.67 -0.37
CA ILE A 16 1.32 -3.48 -0.16
C ILE A 16 0.18 -2.89 -0.99
N ILE A 17 0.07 -1.56 -0.95
CA ILE A 17 -0.97 -0.86 -1.71
C ILE A 17 -0.65 -0.90 -3.21
N GLY A 18 0.35 -1.70 -3.58
CA GLY A 18 0.73 -1.83 -4.97
C GLY A 18 1.56 -3.07 -5.22
N GLY A 19 2.45 -3.39 -4.29
CA GLY A 19 3.30 -4.57 -4.44
C GLY A 19 2.53 -5.84 -4.16
N ALA A 20 1.27 -5.70 -3.79
CA ALA A 20 0.42 -6.86 -3.50
C ALA A 20 0.58 -7.93 -4.56
N LEU A 21 0.52 -7.51 -5.83
CA LEU A 21 0.67 -8.43 -6.94
C LEU A 21 0.93 -7.66 -8.24
N ASP A 22 2.16 -7.19 -8.38
CA ASP A 22 2.55 -6.42 -9.56
C ASP A 22 1.68 -5.17 -9.72
N HIS A 23 0.47 -5.36 -10.22
CA HIS A 23 -0.45 -4.25 -10.40
C HIS A 23 -1.86 -4.75 -10.69
N LEU A 24 -2.24 -5.84 -10.03
CA LEU A 24 -3.57 -6.42 -10.22
C LEU A 24 -4.65 -5.42 -9.79
N GLY A 1 -11.39 -5.59 0.65
CA GLY A 1 -12.23 -6.22 -0.36
C GLY A 1 -12.28 -5.41 -1.63
N LYS A 2 -12.60 -4.12 -1.50
CA LYS A 2 -12.68 -3.23 -2.65
C LYS A 2 -12.85 -1.79 -2.21
N GLY A 3 -13.05 -0.89 -3.19
CA GLY A 3 -13.22 0.52 -2.89
C GLY A 3 -12.18 1.32 -3.23
N ARG A 4 -11.16 0.85 -2.58
CA ARG A 4 -10.16 1.70 -2.38
C ARG A 4 -9.57 2.18 -3.68
N TRP A 5 -10.01 1.52 -4.73
CA TRP A 5 -9.56 1.83 -6.09
C TRP A 5 -9.38 3.34 -6.26
N LEU A 6 -10.11 4.12 -5.45
CA LEU A 6 -10.05 5.58 -5.49
C LEU A 6 -9.21 6.11 -4.32
N GLU A 7 -9.18 5.37 -3.20
CA GLU A 7 -8.42 5.80 -2.03
C GLU A 7 -7.00 5.25 -2.07
N ARG A 8 -6.47 5.06 -3.28
CA ARG A 8 -5.11 4.54 -3.44
C ARG A 8 -4.10 5.57 -2.92
N ILE A 9 -3.56 5.30 -1.73
CA ILE A 9 -2.58 6.21 -1.14
C ILE A 9 -1.36 6.34 -2.05
N GLY A 10 -1.02 5.26 -2.74
CA GLY A 10 0.12 5.26 -3.63
C GLY A 10 1.43 5.20 -2.87
N LYS A 11 1.38 5.51 -1.58
CA LYS A 11 2.58 5.49 -0.75
C LYS A 11 3.19 4.09 -0.74
N ALA A 12 2.36 3.08 -1.04
CA ALA A 12 2.82 1.70 -1.07
C ALA A 12 3.04 1.18 0.36
N GLY A 13 3.04 2.10 1.33
CA GLY A 13 3.24 1.74 2.71
C GLY A 13 4.29 0.65 2.88
N GLY A 14 5.40 0.81 2.16
CA GLY A 14 6.47 -0.17 2.22
C GLY A 14 6.17 -1.33 1.30
N ILE A 15 5.67 -1.02 0.11
CA ILE A 15 5.33 -2.05 -0.87
C ILE A 15 4.22 -2.95 -0.32
N ILE A 16 3.01 -2.40 -0.27
CA ILE A 16 1.85 -3.16 0.24
C ILE A 16 0.69 -3.01 -0.73
N ILE A 17 0.09 -1.82 -0.76
CA ILE A 17 -1.03 -1.59 -1.68
C ILE A 17 -0.49 -1.50 -3.10
N GLY A 18 0.78 -1.09 -3.21
CA GLY A 18 1.41 -0.97 -4.52
C GLY A 18 1.77 -2.34 -5.06
N GLY A 19 2.54 -3.10 -4.30
CA GLY A 19 2.94 -4.43 -4.72
C GLY A 19 1.79 -5.41 -4.64
N ALA A 20 1.04 -5.37 -3.53
CA ALA A 20 -0.09 -6.28 -3.37
C ALA A 20 0.34 -7.72 -3.58
N LEU A 21 1.65 -7.96 -3.49
CA LEU A 21 2.19 -9.31 -3.67
C LEU A 21 1.80 -9.85 -5.05
N ASP A 22 1.19 -9.00 -5.87
CA ASP A 22 0.76 -9.41 -7.22
C ASP A 22 1.94 -9.33 -8.20
N HIS A 23 2.05 -8.19 -8.87
CA HIS A 23 3.13 -7.98 -9.84
C HIS A 23 4.49 -8.13 -9.16
N LEU A 24 4.64 -7.49 -8.00
CA LEU A 24 5.90 -7.56 -7.26
C LEU A 24 7.07 -7.23 -8.18
N GLY A 1 -22.34 4.51 -1.82
CA GLY A 1 -21.50 3.34 -2.03
C GLY A 1 -20.06 3.72 -2.30
N LYS A 2 -19.41 2.95 -3.18
CA LYS A 2 -18.02 3.22 -3.52
C LYS A 2 -17.16 3.30 -2.24
N GLY A 3 -16.75 4.52 -1.89
CA GLY A 3 -15.94 4.73 -0.70
C GLY A 3 -14.60 4.66 -0.89
N ARG A 4 -14.38 3.45 -1.33
CA ARG A 4 -13.15 2.99 -1.15
C ARG A 4 -12.12 3.84 -1.85
N TRP A 5 -12.65 4.72 -2.68
CA TRP A 5 -11.83 5.65 -3.45
C TRP A 5 -10.73 6.24 -2.57
N LEU A 6 -10.92 6.14 -1.25
CA LEU A 6 -9.97 6.64 -0.27
C LEU A 6 -9.27 5.48 0.46
N GLU A 7 -9.90 4.31 0.46
CA GLU A 7 -9.31 3.14 1.14
C GLU A 7 -7.86 2.95 0.71
N ARG A 8 -7.54 3.39 -0.50
CA ARG A 8 -6.18 3.26 -1.02
C ARG A 8 -5.24 4.21 -0.30
N ILE A 9 -4.30 3.64 0.46
CA ILE A 9 -3.34 4.46 1.19
C ILE A 9 -2.35 5.11 0.24
N GLY A 10 -2.06 4.43 -0.86
CA GLY A 10 -1.13 4.95 -1.85
C GLY A 10 0.31 4.74 -1.44
N LYS A 11 0.64 5.16 -0.22
CA LYS A 11 2.00 5.02 0.29
C LYS A 11 2.44 3.55 0.24
N ALA A 12 1.47 2.66 0.05
CA ALA A 12 1.76 1.23 -0.02
C ALA A 12 2.55 0.80 1.20
N GLY A 13 2.65 1.67 2.20
CA GLY A 13 3.40 1.35 3.40
C GLY A 13 4.76 0.77 3.03
N GLY A 14 5.16 1.03 1.79
CA GLY A 14 6.42 0.55 1.25
C GLY A 14 6.19 -0.27 0.00
N ILE A 15 5.43 -1.36 0.16
CA ILE A 15 5.08 -2.24 -0.95
C ILE A 15 3.91 -3.13 -0.56
N ILE A 16 2.81 -2.49 -0.16
CA ILE A 16 1.61 -3.22 0.24
C ILE A 16 0.52 -3.02 -0.80
N ILE A 17 0.09 -1.77 -0.98
CA ILE A 17 -0.93 -1.47 -1.99
C ILE A 17 -0.31 -1.51 -3.38
N GLY A 18 0.97 -1.15 -3.46
CA GLY A 18 1.68 -1.15 -4.72
C GLY A 18 2.29 -2.52 -4.99
N GLY A 19 2.62 -3.23 -3.91
CA GLY A 19 3.22 -4.56 -4.03
C GLY A 19 2.16 -5.64 -4.20
N ALA A 20 1.06 -5.51 -3.45
CA ALA A 20 -0.01 -6.51 -3.52
C ALA A 20 -0.39 -6.78 -4.98
N LEU A 21 -0.16 -5.80 -5.85
CA LEU A 21 -0.49 -5.94 -7.26
C LEU A 21 0.51 -6.86 -7.95
N ASP A 22 1.77 -6.81 -7.50
CA ASP A 22 2.82 -7.63 -8.08
C ASP A 22 2.36 -9.08 -8.22
N HIS A 23 2.12 -9.74 -7.07
CA HIS A 23 1.69 -11.12 -7.08
C HIS A 23 1.23 -11.54 -5.68
N LEU A 24 0.35 -10.75 -5.09
CA LEU A 24 -0.15 -11.06 -3.75
C LEU A 24 -1.32 -10.12 -3.40
N GLY A 1 -20.39 11.01 -3.00
CA GLY A 1 -19.23 11.66 -3.58
C GLY A 1 -18.28 10.65 -4.21
N LYS A 2 -17.28 11.15 -4.93
CA LYS A 2 -16.31 10.29 -5.58
C LYS A 2 -15.06 11.07 -5.96
N GLY A 3 -14.14 10.42 -6.67
CA GLY A 3 -12.91 11.07 -7.10
C GLY A 3 -11.78 10.38 -6.81
N ARG A 4 -11.80 10.22 -5.52
CA ARG A 4 -10.62 10.00 -4.95
C ARG A 4 -9.97 8.74 -5.48
N TRP A 5 -10.77 8.01 -6.23
CA TRP A 5 -10.34 6.76 -6.84
C TRP A 5 -8.92 6.91 -7.41
N LEU A 6 -8.51 8.16 -7.63
CA LEU A 6 -7.18 8.47 -8.15
C LEU A 6 -6.31 9.08 -7.04
N GLU A 7 -6.94 9.72 -6.06
CA GLU A 7 -6.21 10.33 -4.95
C GLU A 7 -6.13 9.36 -3.76
N ARG A 8 -5.92 8.08 -4.06
CA ARG A 8 -5.84 7.07 -3.02
C ARG A 8 -4.44 7.07 -2.39
N ILE A 9 -4.35 6.55 -1.17
CA ILE A 9 -3.07 6.50 -0.46
C ILE A 9 -2.15 5.45 -1.10
N GLY A 10 -1.66 5.75 -2.30
CA GLY A 10 -0.78 4.83 -2.99
C GLY A 10 0.61 4.82 -2.39
N LYS A 11 0.72 5.35 -1.17
CA LYS A 11 2.01 5.39 -0.48
C LYS A 11 2.67 4.02 -0.50
N ALA A 12 1.88 2.98 -0.77
CA ALA A 12 2.39 1.61 -0.82
C ALA A 12 2.72 1.10 0.58
N GLY A 13 2.88 2.02 1.54
CA GLY A 13 3.19 1.64 2.90
C GLY A 13 4.24 0.54 2.96
N GLY A 14 5.32 0.73 2.22
CA GLY A 14 6.38 -0.26 2.17
C GLY A 14 6.02 -1.43 1.28
N ILE A 15 5.46 -1.11 0.11
CA ILE A 15 5.05 -2.13 -0.85
C ILE A 15 3.97 -3.01 -0.26
N ILE A 16 2.75 -2.47 -0.27
CA ILE A 16 1.58 -3.16 0.26
C ILE A 16 0.40 -2.97 -0.71
N ILE A 17 0.27 -1.75 -1.22
CA ILE A 17 -0.79 -1.42 -2.17
C ILE A 17 -0.24 -1.47 -3.59
N GLY A 18 0.96 -0.92 -3.76
CA GLY A 18 1.59 -0.91 -5.07
C GLY A 18 1.93 -2.32 -5.51
N GLY A 19 2.69 -3.03 -4.69
CA GLY A 19 3.07 -4.39 -5.01
C GLY A 19 1.98 -5.40 -4.69
N ALA A 20 1.36 -5.25 -3.52
CA ALA A 20 0.29 -6.15 -3.11
C ALA A 20 0.69 -7.61 -3.34
N LEU A 21 1.99 -7.89 -3.20
CA LEU A 21 2.49 -9.25 -3.39
C LEU A 21 1.74 -10.21 -2.47
N ASP A 22 0.77 -10.94 -3.03
CA ASP A 22 0.00 -11.89 -2.26
C ASP A 22 -0.61 -11.21 -1.03
N HIS A 23 -0.91 -9.93 -1.16
CA HIS A 23 -1.48 -9.17 -0.05
C HIS A 23 -0.58 -9.25 1.18
N LEU A 24 0.72 -9.06 0.97
CA LEU A 24 1.67 -9.11 2.08
C LEU A 24 3.04 -8.61 1.62
N GLY A 1 -11.85 5.56 -20.33
CA GLY A 1 -11.48 6.82 -20.92
C GLY A 1 -10.68 7.69 -19.96
N LYS A 2 -9.37 7.57 -20.01
CA LYS A 2 -8.51 8.36 -19.14
C LYS A 2 -8.96 8.22 -17.68
N GLY A 3 -8.34 8.99 -16.80
CA GLY A 3 -8.68 8.96 -15.38
C GLY A 3 -7.76 8.37 -14.58
N ARG A 4 -7.65 7.14 -15.02
CA ARG A 4 -7.18 6.27 -14.16
C ARG A 4 -5.79 6.61 -13.70
N TRP A 5 -5.24 7.58 -14.40
CA TRP A 5 -3.89 8.08 -14.12
C TRP A 5 -3.72 8.27 -12.60
N LEU A 6 -4.85 8.31 -11.89
CA LEU A 6 -4.85 8.48 -10.44
C LEU A 6 -5.44 7.26 -9.75
N GLU A 7 -6.14 6.40 -10.50
CA GLU A 7 -6.73 5.20 -9.90
C GLU A 7 -5.70 4.47 -9.04
N ARG A 8 -4.44 4.52 -9.48
CA ARG A 8 -3.35 3.87 -8.75
C ARG A 8 -2.71 4.84 -7.76
N ILE A 9 -3.18 4.80 -6.51
CA ILE A 9 -2.65 5.69 -5.49
C ILE A 9 -1.12 5.58 -5.43
N GLY A 10 -0.60 4.41 -5.77
CA GLY A 10 0.83 4.18 -5.74
C GLY A 10 1.47 4.74 -4.49
N LYS A 11 0.70 4.80 -3.41
CA LYS A 11 1.21 5.31 -2.14
C LYS A 11 2.54 4.68 -1.79
N ALA A 12 2.66 3.38 -2.09
CA ALA A 12 3.88 2.65 -1.78
C ALA A 12 4.17 2.72 -0.29
N GLY A 13 3.11 2.83 0.51
CA GLY A 13 3.25 2.89 1.96
C GLY A 13 4.23 1.85 2.46
N GLY A 14 4.48 0.86 1.62
CA GLY A 14 5.40 -0.22 1.96
C GLY A 14 5.17 -1.43 1.08
N ILE A 15 5.24 -1.21 -0.24
CA ILE A 15 5.04 -2.28 -1.23
C ILE A 15 3.96 -3.26 -0.76
N ILE A 16 2.73 -2.75 -0.62
CA ILE A 16 1.58 -3.56 -0.19
C ILE A 16 0.34 -3.14 -0.98
N ILE A 17 -0.11 -1.91 -0.75
CA ILE A 17 -1.29 -1.38 -1.43
C ILE A 17 -1.00 -1.19 -2.92
N GLY A 18 0.17 -1.65 -3.37
CA GLY A 18 0.56 -1.52 -4.76
C GLY A 18 1.54 -2.59 -5.18
N GLY A 19 2.42 -2.97 -4.24
CA GLY A 19 3.41 -4.00 -4.51
C GLY A 19 2.85 -5.39 -4.36
N ALA A 20 1.66 -5.48 -3.77
CA ALA A 20 1.01 -6.77 -3.57
C ALA A 20 0.40 -7.29 -4.88
N LEU A 21 1.11 -7.07 -5.98
CA LEU A 21 0.63 -7.52 -7.28
C LEU A 21 0.69 -9.04 -7.37
N ASP A 22 -0.37 -9.69 -6.91
CA ASP A 22 -0.42 -11.16 -6.95
C ASP A 22 0.79 -11.76 -6.26
N HIS A 23 1.06 -11.32 -5.04
CA HIS A 23 2.20 -11.82 -4.28
C HIS A 23 3.47 -11.73 -5.13
N LEU A 24 3.59 -10.66 -5.90
CA LEU A 24 4.76 -10.47 -6.76
C LEU A 24 4.83 -9.02 -7.24
N GLY A 1 -1.95 -8.33 21.91
CA GLY A 1 -2.58 -8.47 23.21
C GLY A 1 -3.99 -7.94 23.23
N LYS A 2 -4.14 -6.65 22.94
CA LYS A 2 -5.45 -6.01 22.92
C LYS A 2 -5.36 -4.61 22.33
N GLY A 3 -6.50 -4.09 21.88
CA GLY A 3 -6.54 -2.76 21.29
C GLY A 3 -6.50 -2.74 19.94
N ARG A 4 -5.40 -3.37 19.62
CA ARG A 4 -4.90 -3.09 18.43
C ARG A 4 -5.85 -3.43 17.32
N TRP A 5 -6.88 -4.14 17.72
CA TRP A 5 -7.93 -4.58 16.80
C TRP A 5 -8.26 -3.45 15.82
N LEU A 6 -7.98 -2.21 16.26
CA LEU A 6 -8.24 -1.02 15.45
C LEU A 6 -6.94 -0.50 14.82
N GLU A 7 -5.79 -0.79 15.45
CA GLU A 7 -4.51 -0.31 14.91
C GLU A 7 -4.04 -1.21 13.76
N ARG A 8 -4.99 -1.90 13.12
CA ARG A 8 -4.66 -2.78 12.00
C ARG A 8 -4.50 -1.97 10.72
N ILE A 9 -3.51 -1.09 10.69
CA ILE A 9 -3.26 -0.26 9.53
C ILE A 9 -3.15 -1.12 8.27
N GLY A 10 -2.41 -2.22 8.37
CA GLY A 10 -2.24 -3.11 7.24
C GLY A 10 -1.24 -2.57 6.23
N LYS A 11 -1.51 -1.37 5.72
CA LYS A 11 -0.62 -0.74 4.75
C LYS A 11 0.72 -0.39 5.40
N ALA A 12 1.73 -1.23 5.16
CA ALA A 12 3.05 -0.99 5.73
C ALA A 12 3.69 0.24 5.10
N GLY A 13 2.94 0.91 4.22
CA GLY A 13 3.44 2.09 3.55
C GLY A 13 4.81 1.85 2.94
N GLY A 14 4.90 0.80 2.11
CA GLY A 14 6.15 0.46 1.46
C GLY A 14 5.91 -0.28 0.16
N ILE A 15 5.33 -1.48 0.26
CA ILE A 15 5.04 -2.28 -0.94
C ILE A 15 3.92 -3.26 -0.65
N ILE A 16 2.85 -2.76 -0.06
CA ILE A 16 1.68 -3.58 0.28
C ILE A 16 0.54 -3.25 -0.70
N ILE A 17 0.11 -2.00 -0.71
CA ILE A 17 -0.96 -1.59 -1.60
C ILE A 17 -0.46 -1.62 -3.05
N GLY A 18 0.81 -1.28 -3.23
CA GLY A 18 1.41 -1.28 -4.56
C GLY A 18 1.96 -2.65 -4.92
N GLY A 19 2.52 -3.34 -3.92
CA GLY A 19 3.09 -4.65 -4.15
C GLY A 19 2.02 -5.70 -4.36
N ALA A 20 0.92 -5.58 -3.60
CA ALA A 20 -0.18 -6.54 -3.71
C ALA A 20 -0.49 -6.84 -5.18
N LEU A 21 -0.94 -5.83 -5.91
CA LEU A 21 -1.27 -6.00 -7.32
C LEU A 21 -1.45 -4.64 -7.99
N ASP A 22 -0.34 -4.08 -8.47
CA ASP A 22 -0.37 -2.79 -9.13
C ASP A 22 -0.93 -1.71 -8.21
N HIS A 23 -2.25 -1.68 -8.07
CA HIS A 23 -2.90 -0.70 -7.21
C HIS A 23 -4.32 -1.14 -6.86
N LEU A 24 -4.66 -2.38 -7.19
CA LEU A 24 -5.99 -2.91 -6.89
C LEU A 24 -6.10 -3.28 -5.42
N GLY A 1 -3.36 17.02 -10.76
CA GLY A 1 -2.80 17.95 -11.73
C GLY A 1 -1.60 17.36 -12.43
N LYS A 2 -0.92 16.42 -11.77
CA LYS A 2 0.26 15.78 -12.34
C LYS A 2 1.34 16.83 -12.62
N GLY A 3 2.59 16.43 -12.42
CA GLY A 3 3.71 17.34 -12.66
C GLY A 3 4.77 17.18 -11.82
N ARG A 4 4.29 17.42 -10.65
CA ARG A 4 5.14 17.79 -9.69
C ARG A 4 6.32 16.83 -9.62
N TRP A 5 5.99 15.64 -10.03
CA TRP A 5 6.87 14.51 -10.10
C TRP A 5 6.01 13.36 -10.61
N LEU A 6 4.94 13.78 -11.30
CA LEU A 6 3.95 12.88 -11.84
C LEU A 6 3.06 12.39 -10.70
N GLU A 7 2.90 13.26 -9.70
CA GLU A 7 2.07 12.93 -8.54
C GLU A 7 2.47 11.56 -7.97
N ARG A 8 3.62 11.05 -8.42
CA ARG A 8 4.11 9.77 -7.94
C ARG A 8 4.62 9.88 -6.51
N ILE A 9 3.68 9.80 -5.56
CA ILE A 9 4.05 9.90 -4.14
C ILE A 9 5.20 8.95 -3.81
N GLY A 10 5.26 7.84 -4.53
CA GLY A 10 6.31 6.86 -4.32
C GLY A 10 6.35 6.38 -2.87
N LYS A 11 5.26 5.78 -2.43
CA LYS A 11 5.18 5.27 -1.07
C LYS A 11 3.95 4.37 -0.90
N ALA A 12 4.04 3.15 -1.44
CA ALA A 12 2.93 2.21 -1.35
C ALA A 12 2.95 1.50 0.01
N GLY A 13 2.85 2.28 1.08
CA GLY A 13 2.86 1.73 2.42
C GLY A 13 3.92 0.66 2.60
N GLY A 14 5.13 0.95 2.12
CA GLY A 14 6.22 0.02 2.23
C GLY A 14 6.05 -1.16 1.30
N ILE A 15 5.58 -0.88 0.08
CA ILE A 15 5.36 -1.93 -0.90
C ILE A 15 4.33 -2.93 -0.39
N ILE A 16 3.10 -2.46 -0.25
CA ILE A 16 1.99 -3.29 0.24
C ILE A 16 0.78 -3.08 -0.67
N ILE A 17 0.27 -1.85 -0.69
CA ILE A 17 -0.89 -1.55 -1.53
C ILE A 17 -0.46 -1.61 -2.99
N GLY A 18 0.83 -1.37 -3.22
CA GLY A 18 1.38 -1.41 -4.57
C GLY A 18 1.84 -2.80 -4.94
N GLY A 19 2.55 -3.44 -4.02
CA GLY A 19 3.02 -4.80 -4.25
C GLY A 19 1.87 -5.76 -4.39
N ALA A 20 0.90 -5.66 -3.49
CA ALA A 20 -0.27 -6.54 -3.54
C ALA A 20 -1.04 -6.32 -4.82
N LEU A 21 -1.82 -5.24 -4.87
CA LEU A 21 -2.61 -4.92 -6.05
C LEU A 21 -3.36 -6.15 -6.56
N ASP A 22 -4.62 -6.27 -6.16
CA ASP A 22 -5.43 -7.42 -6.57
C ASP A 22 -6.91 -7.17 -6.25
N HIS A 23 -7.18 -6.66 -5.06
CA HIS A 23 -8.55 -6.38 -4.64
C HIS A 23 -8.57 -5.50 -3.40
N LEU A 24 -7.43 -4.90 -3.09
CA LEU A 24 -7.32 -4.03 -1.92
C LEU A 24 -5.98 -3.30 -1.93
N GLY A 1 8.30 10.70 -20.87
CA GLY A 1 7.41 9.56 -20.99
C GLY A 1 6.87 9.11 -19.65
N LYS A 2 5.60 8.70 -19.64
CA LYS A 2 4.97 8.24 -18.40
C LYS A 2 5.61 6.95 -17.93
N GLY A 3 4.85 6.16 -17.17
CA GLY A 3 5.39 4.91 -16.65
C GLY A 3 6.56 5.12 -15.92
N ARG A 4 6.09 5.71 -14.89
CA ARG A 4 6.74 5.79 -13.75
C ARG A 4 6.22 6.97 -12.95
N TRP A 5 5.42 7.77 -13.61
CA TRP A 5 4.84 8.96 -12.99
C TRP A 5 4.35 8.61 -11.58
N LEU A 6 4.12 7.32 -11.36
CA LEU A 6 3.66 6.80 -10.07
C LEU A 6 4.84 6.28 -9.24
N GLU A 7 5.91 5.87 -9.91
CA GLU A 7 7.08 5.36 -9.20
C GLU A 7 7.80 6.51 -8.47
N ARG A 8 7.34 7.73 -8.71
CA ARG A 8 7.94 8.90 -8.06
C ARG A 8 8.14 8.66 -6.57
N ILE A 9 7.05 8.64 -5.82
CA ILE A 9 7.12 8.41 -4.39
C ILE A 9 7.78 7.07 -4.10
N GLY A 10 7.56 6.10 -4.98
CA GLY A 10 8.14 4.77 -4.81
C GLY A 10 8.01 4.27 -3.40
N LYS A 11 6.79 4.25 -2.88
CA LYS A 11 6.55 3.78 -1.52
C LYS A 11 5.06 3.52 -1.31
N ALA A 12 4.56 2.46 -1.94
CA ALA A 12 3.15 2.10 -1.81
C ALA A 12 2.89 1.46 -0.44
N GLY A 13 2.95 2.28 0.60
CA GLY A 13 2.72 1.80 1.95
C GLY A 13 3.52 0.54 2.25
N GLY A 14 4.84 0.68 2.30
CA GLY A 14 5.71 -0.44 2.57
C GLY A 14 5.70 -1.44 1.43
N ILE A 15 5.32 -0.98 0.24
CA ILE A 15 5.25 -1.85 -0.92
C ILE A 15 4.23 -2.93 -0.71
N ILE A 16 2.97 -2.51 -0.69
CA ILE A 16 1.84 -3.40 -0.48
C ILE A 16 0.65 -2.89 -1.28
N ILE A 17 0.30 -1.62 -1.05
CA ILE A 17 -0.81 -1.01 -1.78
C ILE A 17 -0.47 -1.08 -3.26
N GLY A 18 0.80 -1.37 -3.53
CA GLY A 18 1.33 -1.50 -4.88
C GLY A 18 1.90 -2.89 -5.07
N GLY A 19 2.54 -3.40 -4.01
CA GLY A 19 3.11 -4.73 -4.05
C GLY A 19 2.05 -5.82 -4.06
N ALA A 20 1.22 -5.83 -3.02
CA ALA A 20 0.16 -6.83 -2.91
C ALA A 20 -0.59 -6.98 -4.24
N LEU A 21 -0.84 -5.85 -4.90
CA LEU A 21 -1.54 -5.85 -6.18
C LEU A 21 -0.61 -6.33 -7.30
N ASP A 22 0.64 -5.90 -7.24
CA ASP A 22 1.61 -6.28 -8.26
C ASP A 22 2.13 -7.70 -8.00
N HIS A 23 1.20 -8.65 -7.91
CA HIS A 23 1.56 -10.05 -7.67
C HIS A 23 2.69 -10.16 -6.65
N LEU A 24 2.40 -9.74 -5.41
CA LEU A 24 3.39 -9.79 -4.34
C LEU A 24 2.71 -9.64 -2.98
N GLY A 1 9.15 12.44 -19.40
CA GLY A 1 10.19 13.37 -18.99
C GLY A 1 10.14 13.66 -17.50
N LYS A 2 9.08 14.33 -17.06
CA LYS A 2 8.93 14.66 -15.65
C LYS A 2 7.53 15.19 -15.38
N GLY A 3 7.39 16.00 -14.34
CA GLY A 3 6.08 16.51 -13.99
C GLY A 3 5.16 15.51 -13.76
N ARG A 4 5.57 15.05 -12.65
CA ARG A 4 4.82 14.33 -11.85
C ARG A 4 5.68 13.51 -10.89
N TRP A 5 6.95 13.47 -11.19
CA TRP A 5 7.90 12.72 -10.37
C TRP A 5 7.59 12.91 -8.88
N LEU A 6 6.90 14.01 -8.57
CA LEU A 6 6.53 14.34 -7.20
C LEU A 6 5.06 14.00 -6.95
N GLU A 7 4.26 13.90 -8.02
CA GLU A 7 2.84 13.59 -7.85
C GLU A 7 2.68 12.17 -7.30
N ARG A 8 3.59 11.28 -7.71
CA ARG A 8 3.54 9.90 -7.25
C ARG A 8 3.95 9.80 -5.79
N ILE A 9 3.05 9.26 -4.97
CA ILE A 9 3.34 9.12 -3.54
C ILE A 9 4.63 8.35 -3.32
N GLY A 10 4.85 7.33 -4.17
CA GLY A 10 6.06 6.53 -4.07
C GLY A 10 5.97 5.52 -2.94
N LYS A 11 5.49 5.97 -1.77
CA LYS A 11 5.36 5.11 -0.61
C LYS A 11 4.04 4.34 -0.66
N ALA A 12 4.05 3.20 -1.34
CA ALA A 12 2.84 2.38 -1.45
C ALA A 12 2.62 1.61 -0.15
N GLY A 13 2.82 2.28 0.97
CA GLY A 13 2.64 1.64 2.26
C GLY A 13 3.65 0.55 2.49
N GLY A 14 4.91 0.85 2.22
CA GLY A 14 5.98 -0.13 2.39
C GLY A 14 5.85 -1.27 1.39
N ILE A 15 5.41 -0.93 0.19
CA ILE A 15 5.24 -1.92 -0.87
C ILE A 15 4.21 -2.95 -0.46
N ILE A 16 2.98 -2.47 -0.32
CA ILE A 16 1.85 -3.30 0.07
C ILE A 16 0.67 -2.99 -0.86
N ILE A 17 0.35 -1.70 -0.99
CA ILE A 17 -0.74 -1.28 -1.86
C ILE A 17 -0.29 -1.48 -3.30
N GLY A 18 0.96 -1.12 -3.59
CA GLY A 18 1.51 -1.25 -4.92
C GLY A 18 1.87 -2.70 -5.20
N GLY A 19 2.62 -3.30 -4.29
CA GLY A 19 3.03 -4.69 -4.46
C GLY A 19 1.82 -5.62 -4.45
N ALA A 20 0.89 -5.36 -3.53
CA ALA A 20 -0.31 -6.17 -3.42
C ALA A 20 0.05 -7.67 -3.44
N LEU A 21 1.30 -7.98 -3.17
CA LEU A 21 1.76 -9.36 -3.15
C LEU A 21 1.41 -10.05 -4.47
N ASP A 22 2.36 -10.06 -5.40
CA ASP A 22 2.15 -10.69 -6.70
C ASP A 22 0.81 -10.27 -7.31
N HIS A 23 0.43 -9.02 -7.09
CA HIS A 23 -0.83 -8.51 -7.61
C HIS A 23 -1.98 -9.45 -7.26
N LEU A 24 -2.09 -9.78 -5.97
CA LEU A 24 -3.15 -10.68 -5.52
C LEU A 24 -4.50 -10.19 -6.02
N GLY A 1 13.21 14.04 -18.83
CA GLY A 1 13.48 12.85 -19.61
C GLY A 1 13.23 11.59 -18.81
N LYS A 2 13.90 10.50 -19.19
CA LYS A 2 13.73 9.23 -18.50
C LYS A 2 14.05 9.39 -17.02
N GLY A 3 13.51 8.49 -16.20
CA GLY A 3 13.73 8.54 -14.76
C GLY A 3 12.61 8.47 -14.01
N ARG A 4 11.88 9.46 -14.41
CA ARG A 4 10.96 9.90 -13.56
C ARG A 4 9.98 8.81 -13.18
N TRP A 5 10.08 7.75 -13.94
CA TRP A 5 9.22 6.59 -13.74
C TRP A 5 9.11 6.26 -12.25
N LEU A 6 10.05 6.78 -11.46
CA LEU A 6 10.08 6.56 -10.02
C LEU A 6 9.81 7.88 -9.27
N GLU A 7 9.96 9.02 -9.94
CA GLU A 7 9.71 10.29 -9.27
C GLU A 7 8.22 10.48 -8.99
N ARG A 8 7.41 9.61 -9.61
CA ARG A 8 5.96 9.68 -9.42
C ARG A 8 5.61 9.71 -7.95
N ILE A 9 6.16 8.77 -7.19
CA ILE A 9 5.90 8.70 -5.75
C ILE A 9 6.80 7.65 -5.11
N GLY A 10 6.93 6.51 -5.76
CA GLY A 10 7.77 5.44 -5.24
C GLY A 10 7.55 5.20 -3.76
N LYS A 11 6.32 4.87 -3.38
CA LYS A 11 6.00 4.61 -1.98
C LYS A 11 4.62 3.98 -1.86
N ALA A 12 4.53 2.71 -2.24
CA ALA A 12 3.26 1.99 -2.18
C ALA A 12 3.00 1.51 -0.75
N GLY A 13 2.91 2.45 0.18
CA GLY A 13 2.67 2.12 1.57
C GLY A 13 3.61 1.03 2.04
N GLY A 14 4.83 1.05 1.51
CA GLY A 14 5.83 0.05 1.86
C GLY A 14 5.61 -1.24 1.08
N ILE A 15 5.66 -1.13 -0.26
CA ILE A 15 5.47 -2.28 -1.15
C ILE A 15 4.42 -3.24 -0.59
N ILE A 16 3.23 -2.70 -0.34
CA ILE A 16 2.11 -3.51 0.21
C ILE A 16 0.82 -3.16 -0.54
N ILE A 17 0.64 -1.88 -0.87
CA ILE A 17 -0.55 -1.45 -1.61
C ILE A 17 -0.32 -1.66 -3.10
N GLY A 18 0.36 -0.71 -3.73
CA GLY A 18 0.64 -0.82 -5.15
C GLY A 18 1.30 -2.15 -5.46
N GLY A 19 2.14 -2.61 -4.52
CA GLY A 19 2.83 -3.88 -4.70
C GLY A 19 1.87 -5.05 -4.60
N ALA A 20 0.99 -5.00 -3.59
CA ALA A 20 0.02 -6.08 -3.40
C ALA A 20 0.71 -7.44 -3.34
N LEU A 21 2.04 -7.43 -3.31
CA LEU A 21 2.81 -8.68 -3.25
C LEU A 21 2.24 -9.70 -4.23
N ASP A 22 2.40 -9.42 -5.53
CA ASP A 22 1.90 -10.34 -6.55
C ASP A 22 2.39 -9.91 -7.94
N HIS A 23 3.69 -10.04 -8.18
CA HIS A 23 4.27 -9.67 -9.46
C HIS A 23 3.95 -8.21 -9.79
N LEU A 24 3.49 -7.47 -8.78
CA LEU A 24 3.16 -6.05 -8.94
C LEU A 24 3.88 -5.21 -7.89
N GLY A 1 4.38 7.34 -22.15
CA GLY A 1 5.15 8.52 -21.83
C GLY A 1 5.36 8.66 -20.33
N LYS A 2 6.62 8.65 -19.91
CA LYS A 2 6.95 8.79 -18.50
C LYS A 2 6.70 10.22 -18.02
N GLY A 3 7.73 10.88 -17.51
CA GLY A 3 7.56 12.23 -17.01
C GLY A 3 6.47 12.35 -16.15
N ARG A 4 6.89 11.71 -15.13
CA ARG A 4 6.39 11.84 -13.93
C ARG A 4 6.69 10.61 -13.09
N TRP A 5 7.17 9.59 -13.76
CA TRP A 5 7.50 8.32 -13.09
C TRP A 5 8.18 8.58 -11.76
N LEU A 6 8.74 9.80 -11.61
CA LEU A 6 9.44 10.20 -10.39
C LEU A 6 8.59 11.18 -9.58
N GLU A 7 7.61 11.83 -10.23
CA GLU A 7 6.77 12.78 -9.52
C GLU A 7 5.92 12.06 -8.47
N ARG A 8 5.48 10.85 -8.81
CA ARG A 8 4.67 10.08 -7.88
C ARG A 8 5.48 9.64 -6.67
N ILE A 9 4.88 9.71 -5.49
CA ILE A 9 5.57 9.33 -4.26
C ILE A 9 6.21 7.95 -4.42
N GLY A 10 5.55 7.08 -5.16
CA GLY A 10 6.07 5.74 -5.38
C GLY A 10 6.18 4.95 -4.09
N LYS A 11 5.63 5.50 -3.01
CA LYS A 11 5.67 4.83 -1.70
C LYS A 11 4.36 4.09 -1.46
N ALA A 12 4.31 2.84 -1.89
CA ALA A 12 3.11 2.03 -1.70
C ALA A 12 3.09 1.49 -0.28
N GLY A 13 3.19 2.41 0.69
CA GLY A 13 3.18 2.03 2.10
C GLY A 13 3.98 0.76 2.34
N GLY A 14 5.18 0.72 1.78
CA GLY A 14 6.03 -0.44 1.90
C GLY A 14 5.53 -1.56 1.02
N ILE A 15 5.44 -1.28 -0.28
CA ILE A 15 4.96 -2.25 -1.27
C ILE A 15 3.84 -3.13 -0.69
N ILE A 16 2.67 -2.53 -0.47
CA ILE A 16 1.54 -3.26 0.10
C ILE A 16 0.20 -2.81 -0.51
N ILE A 17 -0.02 -1.50 -0.59
CA ILE A 17 -1.27 -0.99 -1.15
C ILE A 17 -1.33 -1.25 -2.65
N GLY A 18 -0.29 -1.87 -3.18
CA GLY A 18 -0.24 -2.17 -4.60
C GLY A 18 0.96 -3.03 -4.96
N GLY A 19 2.11 -2.72 -4.36
CA GLY A 19 3.32 -3.47 -4.63
C GLY A 19 3.11 -4.96 -4.47
N ALA A 20 2.11 -5.32 -3.68
CA ALA A 20 1.82 -6.74 -3.44
C ALA A 20 1.12 -7.35 -4.65
N LEU A 21 0.00 -6.75 -5.06
CA LEU A 21 -0.75 -7.25 -6.20
C LEU A 21 -1.14 -8.72 -5.98
N ASP A 22 -1.92 -8.96 -4.92
CA ASP A 22 -2.36 -10.32 -4.60
C ASP A 22 -3.61 -10.28 -3.73
N HIS A 23 -4.68 -9.70 -4.27
CA HIS A 23 -5.93 -9.60 -3.53
C HIS A 23 -5.70 -8.88 -2.20
N LEU A 24 -4.86 -7.86 -2.21
CA LEU A 24 -4.56 -7.09 -1.02
C LEU A 24 -3.83 -5.80 -1.37
N GLY A 1 -7.74 -9.87 26.18
CA GLY A 1 -8.41 -9.42 24.97
C GLY A 1 -7.43 -8.83 23.97
N LYS A 2 -7.16 -9.59 22.90
CA LYS A 2 -6.24 -9.13 21.87
C LYS A 2 -6.89 -8.08 20.99
N GLY A 3 -7.08 -6.88 21.55
CA GLY A 3 -7.70 -5.80 20.82
C GLY A 3 -7.16 -5.53 19.60
N ARG A 4 -5.90 -5.31 19.82
CA ARG A 4 -5.26 -4.59 18.90
C ARG A 4 -5.30 -5.24 17.55
N TRP A 5 -5.74 -6.48 17.58
CA TRP A 5 -5.85 -7.30 16.38
C TRP A 5 -6.41 -6.48 15.22
N LEU A 6 -7.06 -5.36 15.55
CA LEU A 6 -7.65 -4.46 14.55
C LEU A 6 -6.91 -3.12 14.50
N GLU A 7 -6.17 -2.78 15.57
CA GLU A 7 -5.45 -1.52 15.57
C GLU A 7 -4.30 -1.54 14.56
N ARG A 8 -3.95 -2.75 14.11
CA ARG A 8 -2.87 -2.90 13.14
C ARG A 8 -3.15 -2.10 11.89
N ILE A 9 -2.14 -1.37 11.41
CA ILE A 9 -2.30 -0.55 10.21
C ILE A 9 -2.35 -1.43 8.98
N GLY A 10 -1.51 -2.46 8.95
CA GLY A 10 -1.47 -3.38 7.82
C GLY A 10 -0.71 -2.80 6.64
N LYS A 11 -1.08 -1.59 6.24
CA LYS A 11 -0.43 -0.92 5.12
C LYS A 11 1.00 -0.54 5.49
N ALA A 12 1.96 -1.34 5.02
CA ALA A 12 3.37 -1.06 5.30
C ALA A 12 3.81 0.19 4.56
N GLY A 13 2.89 0.83 3.86
CA GLY A 13 3.19 2.03 3.10
C GLY A 13 4.49 1.90 2.31
N GLY A 14 4.59 0.83 1.52
CA GLY A 14 5.77 0.60 0.72
C GLY A 14 5.54 -0.42 -0.36
N ILE A 15 4.96 -1.56 0.01
CA ILE A 15 4.69 -2.64 -0.96
C ILE A 15 3.52 -3.48 -0.47
N ILE A 16 2.37 -2.85 -0.30
CA ILE A 16 1.16 -3.53 0.15
C ILE A 16 -0.05 -2.97 -0.60
N ILE A 17 -0.04 -1.66 -0.86
CA ILE A 17 -1.13 -1.00 -1.57
C ILE A 17 -0.85 -0.98 -3.08
N GLY A 18 0.22 -1.67 -3.48
CA GLY A 18 0.58 -1.73 -4.88
C GLY A 18 1.59 -2.83 -5.16
N GLY A 19 2.51 -3.03 -4.21
CA GLY A 19 3.52 -4.06 -4.37
C GLY A 19 2.92 -5.45 -4.39
N ALA A 20 1.75 -5.59 -3.78
CA ALA A 20 1.07 -6.89 -3.73
C ALA A 20 0.80 -7.39 -5.15
N LEU A 21 0.35 -6.48 -6.01
CA LEU A 21 0.04 -6.85 -7.39
C LEU A 21 -1.08 -7.88 -7.43
N ASP A 22 -2.26 -7.45 -7.87
CA ASP A 22 -3.41 -8.36 -7.95
C ASP A 22 -3.68 -9.00 -6.60
N HIS A 23 -3.43 -8.26 -5.53
CA HIS A 23 -3.65 -8.78 -4.18
C HIS A 23 -2.95 -10.12 -3.99
N LEU A 24 -1.97 -10.40 -4.84
CA LEU A 24 -1.23 -11.64 -4.75
C LEU A 24 -0.34 -11.64 -3.51
N GLY A 1 -13.02 -10.35 19.54
CA GLY A 1 -12.45 -9.24 20.30
C GLY A 1 -11.88 -8.17 19.39
N LYS A 2 -12.74 -7.56 18.58
CA LYS A 2 -12.32 -6.52 17.67
C LYS A 2 -11.89 -5.27 18.42
N GLY A 3 -12.32 -4.11 17.96
CA GLY A 3 -11.93 -2.87 18.60
C GLY A 3 -10.57 -2.77 18.79
N ARG A 4 -10.19 -2.61 17.58
CA ARG A 4 -9.01 -2.12 17.24
C ARG A 4 -8.62 -2.61 15.86
N TRP A 5 -9.36 -3.57 15.37
CA TRP A 5 -9.09 -4.14 14.05
C TRP A 5 -8.70 -3.05 13.06
N LEU A 6 -9.15 -1.83 13.35
CA LEU A 6 -8.87 -0.65 12.52
C LEU A 6 -7.65 0.11 13.05
N GLU A 7 -7.38 0.00 14.36
CA GLU A 7 -6.24 0.71 14.93
C GLU A 7 -4.93 0.08 14.44
N ARG A 8 -4.96 -1.23 14.25
CA ARG A 8 -3.78 -1.95 13.79
C ARG A 8 -3.54 -1.69 12.31
N ILE A 9 -2.71 -0.71 12.01
CA ILE A 9 -2.40 -0.37 10.62
C ILE A 9 -1.68 -1.55 9.95
N GLY A 10 -2.34 -2.14 8.95
CA GLY A 10 -1.78 -3.27 8.24
C GLY A 10 -0.92 -2.84 7.07
N LYS A 11 -1.20 -1.66 6.53
CA LYS A 11 -0.44 -1.14 5.40
C LYS A 11 0.98 -0.81 5.84
N ALA A 12 1.89 -1.77 5.64
CA ALA A 12 3.28 -1.57 6.01
C ALA A 12 3.80 -0.25 5.43
N GLY A 13 3.03 0.34 4.53
CA GLY A 13 3.42 1.59 3.91
C GLY A 13 4.66 1.41 3.05
N GLY A 14 5.09 0.16 2.93
CA GLY A 14 6.26 -0.18 2.13
C GLY A 14 5.90 -0.37 0.68
N ILE A 15 5.24 -1.49 0.38
CA ILE A 15 4.82 -1.79 -0.99
C ILE A 15 3.68 -2.78 -0.97
N ILE A 16 2.77 -2.57 -0.03
CA ILE A 16 1.60 -3.42 0.11
C ILE A 16 0.57 -3.03 -0.94
N ILE A 17 0.33 -1.74 -1.07
CA ILE A 17 -0.62 -1.24 -2.04
C ILE A 17 -0.09 -1.47 -3.46
N GLY A 18 1.20 -1.20 -3.64
CA GLY A 18 1.83 -1.38 -4.94
C GLY A 18 2.16 -2.84 -5.22
N GLY A 19 2.78 -3.50 -4.25
CA GLY A 19 3.14 -4.89 -4.41
C GLY A 19 1.94 -5.82 -4.34
N ALA A 20 0.91 -5.39 -3.62
CA ALA A 20 -0.29 -6.22 -3.49
C ALA A 20 0.08 -7.62 -3.02
N LEU A 21 0.78 -7.69 -1.90
CA LEU A 21 1.19 -8.98 -1.35
C LEU A 21 -0.01 -9.73 -0.76
N ASP A 22 -0.49 -10.72 -1.51
CA ASP A 22 -1.64 -11.52 -1.08
C ASP A 22 -2.93 -10.72 -1.18
N HIS A 23 -2.85 -9.42 -0.92
CA HIS A 23 -4.03 -8.56 -0.98
C HIS A 23 -4.75 -8.75 -2.32
N LEU A 24 -3.98 -8.95 -3.38
CA LEU A 24 -4.55 -9.15 -4.71
C LEU A 24 -5.56 -8.05 -5.02
N GLY A 1 -2.04 25.83 1.93
CA GLY A 1 -0.94 25.53 1.02
C GLY A 1 -1.32 24.46 0.03
N LYS A 2 -1.66 23.27 0.54
CA LYS A 2 -2.04 22.16 -0.32
C LYS A 2 -0.97 21.91 -1.39
N GLY A 3 -1.35 21.20 -2.45
CA GLY A 3 -0.43 20.89 -3.52
C GLY A 3 -0.28 19.58 -3.80
N ARG A 4 0.11 19.05 -2.68
CA ARG A 4 0.75 17.88 -2.78
C ARG A 4 -0.11 16.83 -3.42
N TRP A 5 -1.37 17.18 -3.53
CA TRP A 5 -2.38 16.31 -4.13
C TRP A 5 -1.81 15.62 -5.38
N LEU A 6 -0.74 16.19 -5.94
CA LEU A 6 -0.09 15.65 -7.13
C LEU A 6 1.32 15.16 -6.81
N GLU A 7 1.89 15.59 -5.68
CA GLU A 7 3.24 15.16 -5.32
C GLU A 7 3.36 13.64 -5.41
N ARG A 8 2.23 12.95 -5.26
CA ARG A 8 2.22 11.49 -5.32
C ARG A 8 3.14 10.89 -4.26
N ILE A 9 2.56 10.09 -3.38
CA ILE A 9 3.32 9.43 -2.31
C ILE A 9 3.85 8.08 -2.80
N GLY A 10 4.96 8.12 -3.54
CA GLY A 10 5.57 6.91 -4.07
C GLY A 10 5.54 5.76 -3.08
N LYS A 11 5.46 6.09 -1.79
CA LYS A 11 5.42 5.06 -0.75
C LYS A 11 4.10 4.32 -0.78
N ALA A 12 4.08 3.17 -1.45
CA ALA A 12 2.87 2.37 -1.55
C ALA A 12 2.62 1.61 -0.25
N GLY A 13 2.86 2.29 0.87
CA GLY A 13 2.67 1.67 2.17
C GLY A 13 3.63 0.53 2.40
N GLY A 14 4.93 0.80 2.25
CA GLY A 14 5.94 -0.21 2.44
C GLY A 14 5.83 -1.32 1.42
N ILE A 15 5.40 -0.95 0.21
CA ILE A 15 5.24 -1.93 -0.86
C ILE A 15 4.20 -2.96 -0.49
N ILE A 16 2.98 -2.47 -0.33
CA ILE A 16 1.84 -3.31 0.03
C ILE A 16 0.67 -2.98 -0.88
N ILE A 17 0.34 -1.69 -0.97
CA ILE A 17 -0.75 -1.24 -1.82
C ILE A 17 -0.34 -1.44 -3.28
N GLY A 18 0.91 -1.11 -3.57
CA GLY A 18 1.45 -1.25 -4.92
C GLY A 18 1.82 -2.69 -5.20
N GLY A 19 2.61 -3.27 -4.30
CA GLY A 19 3.04 -4.66 -4.47
C GLY A 19 1.85 -5.61 -4.44
N ALA A 20 0.88 -5.32 -3.58
CA ALA A 20 -0.30 -6.15 -3.47
C ALA A 20 0.09 -7.62 -3.28
N LEU A 21 1.33 -7.84 -2.85
CA LEU A 21 1.82 -9.20 -2.62
C LEU A 21 1.10 -9.83 -1.43
N ASP A 22 0.71 -8.99 -0.47
CA ASP A 22 0.01 -9.48 0.72
C ASP A 22 -1.45 -9.80 0.40
N HIS A 23 -1.67 -10.40 -0.77
CA HIS A 23 -3.02 -10.77 -1.19
C HIS A 23 -3.95 -9.57 -1.08
N LEU A 24 -3.48 -8.41 -1.55
CA LEU A 24 -4.29 -7.19 -1.49
C LEU A 24 -3.70 -6.13 -2.41
N GLY A 1 -9.82 8.04 16.08
CA GLY A 1 -9.29 7.26 14.98
C GLY A 1 -8.40 6.13 15.46
N LYS A 2 -8.18 6.07 16.77
CA LYS A 2 -7.34 5.03 17.35
C LYS A 2 -8.04 3.67 17.28
N GLY A 3 -7.36 2.64 17.75
CA GLY A 3 -7.91 1.29 17.74
C GLY A 3 -7.14 0.35 17.15
N ARG A 4 -6.97 0.77 15.92
CA ARG A 4 -6.67 -0.16 15.03
C ARG A 4 -5.38 -0.86 15.37
N TRP A 5 -4.70 -0.25 16.33
CA TRP A 5 -3.42 -0.76 16.81
C TRP A 5 -3.47 -2.29 16.94
N LEU A 6 -4.70 -2.83 17.01
CA LEU A 6 -4.91 -4.27 17.13
C LEU A 6 -5.59 -4.83 15.88
N GLU A 7 -6.23 -3.98 15.08
CA GLU A 7 -6.90 -4.45 13.86
C GLU A 7 -5.87 -4.68 12.75
N ARG A 8 -4.59 -4.47 13.09
CA ARG A 8 -3.52 -4.67 12.12
C ARG A 8 -3.74 -3.79 10.89
N ILE A 9 -2.91 -2.77 10.73
CA ILE A 9 -3.03 -1.87 9.59
C ILE A 9 -2.83 -2.64 8.28
N GLY A 10 -1.85 -3.53 8.27
CA GLY A 10 -1.56 -4.33 7.08
C GLY A 10 -0.79 -3.54 6.04
N LYS A 11 -1.22 -2.30 5.80
CA LYS A 11 -0.56 -1.46 4.80
C LYS A 11 0.81 -1.01 5.30
N ALA A 12 1.85 -1.72 4.87
CA ALA A 12 3.21 -1.39 5.29
C ALA A 12 3.66 -0.09 4.63
N GLY A 13 2.74 0.56 3.93
CA GLY A 13 3.04 1.82 3.26
C GLY A 13 4.37 1.75 2.51
N GLY A 14 4.50 0.77 1.63
CA GLY A 14 5.72 0.62 0.86
C GLY A 14 5.55 -0.36 -0.28
N ILE A 15 5.00 -1.54 0.03
CA ILE A 15 4.78 -2.57 -0.99
C ILE A 15 3.60 -3.46 -0.61
N ILE A 16 2.44 -2.83 -0.50
CA ILE A 16 1.20 -3.54 -0.14
C ILE A 16 0.03 -2.94 -0.92
N ILE A 17 -0.09 -1.62 -0.89
CA ILE A 17 -1.17 -0.94 -1.59
C ILE A 17 -0.88 -0.95 -3.10
N GLY A 18 0.17 -1.66 -3.49
CA GLY A 18 0.54 -1.76 -4.89
C GLY A 18 1.53 -2.88 -5.13
N GLY A 19 2.48 -3.03 -4.22
CA GLY A 19 3.48 -4.08 -4.35
C GLY A 19 2.86 -5.46 -4.36
N ALA A 20 1.96 -5.71 -3.41
CA ALA A 20 1.30 -7.00 -3.32
C ALA A 20 0.24 -7.13 -4.41
N LEU A 21 -0.81 -6.33 -4.31
CA LEU A 21 -1.88 -6.38 -5.30
C LEU A 21 -2.56 -7.75 -5.28
N ASP A 22 -3.56 -7.90 -4.42
CA ASP A 22 -4.29 -9.15 -4.31
C ASP A 22 -5.66 -8.91 -3.68
N HIS A 23 -5.76 -9.10 -2.37
CA HIS A 23 -7.02 -8.90 -1.67
C HIS A 23 -7.25 -7.40 -1.43
N LEU A 24 -6.38 -6.58 -2.01
CA LEU A 24 -6.48 -5.13 -1.85
C LEU A 24 -5.65 -4.42 -2.92
N GLY A 1 -12.55 23.09 -3.98
CA GLY A 1 -12.62 22.12 -2.90
C GLY A 1 -11.31 21.40 -2.68
N LYS A 2 -10.30 22.14 -2.23
CA LYS A 2 -8.99 21.57 -2.00
C LYS A 2 -9.06 20.50 -0.91
N GLY A 3 -7.90 19.98 -0.51
CA GLY A 3 -7.84 18.95 0.52
C GLY A 3 -7.24 17.80 0.14
N ARG A 4 -7.93 17.37 -0.87
CA ARG A 4 -7.85 16.07 -1.14
C ARG A 4 -6.42 15.66 -1.43
N TRP A 5 -5.62 16.67 -1.62
CA TRP A 5 -4.20 16.49 -1.91
C TRP A 5 -3.61 15.38 -1.05
N LEU A 6 -4.31 15.06 0.05
CA LEU A 6 -3.87 14.02 0.98
C LEU A 6 -4.83 12.83 0.96
N GLU A 7 -6.06 13.02 0.46
CA GLU A 7 -7.01 11.91 0.42
C GLU A 7 -6.45 10.76 -0.41
N ARG A 8 -5.63 11.10 -1.41
CA ARG A 8 -5.03 10.09 -2.27
C ARG A 8 -4.09 9.19 -1.48
N ILE A 9 -3.46 8.26 -2.19
CA ILE A 9 -2.51 7.34 -1.56
C ILE A 9 -1.80 6.49 -2.61
N GLY A 10 -0.49 6.40 -2.50
CA GLY A 10 0.29 5.62 -3.45
C GLY A 10 1.66 5.27 -2.89
N LYS A 11 1.84 5.51 -1.58
CA LYS A 11 3.10 5.21 -0.92
C LYS A 11 3.27 3.71 -0.76
N ALA A 12 2.16 2.98 -0.85
CA ALA A 12 2.18 1.53 -0.71
C ALA A 12 2.70 1.14 0.67
N GLY A 13 2.97 2.14 1.52
CA GLY A 13 3.46 1.89 2.87
C GLY A 13 4.34 0.67 2.95
N GLY A 14 5.41 0.66 2.16
CA GLY A 14 6.32 -0.48 2.11
C GLY A 14 5.79 -1.53 1.16
N ILE A 15 5.65 -1.13 -0.11
CA ILE A 15 5.14 -2.01 -1.16
C ILE A 15 4.03 -2.92 -0.64
N ILE A 16 2.88 -2.31 -0.34
CA ILE A 16 1.72 -3.06 0.17
C ILE A 16 0.55 -2.88 -0.81
N ILE A 17 0.14 -1.64 -1.04
CA ILE A 17 -0.96 -1.37 -1.97
C ILE A 17 -0.47 -1.62 -3.40
N GLY A 18 0.57 -0.90 -3.79
CA GLY A 18 1.13 -1.05 -5.11
C GLY A 18 1.75 -2.42 -5.30
N GLY A 19 2.48 -2.87 -4.29
CA GLY A 19 3.12 -4.18 -4.35
C GLY A 19 2.10 -5.29 -4.31
N ALA A 20 1.07 -5.13 -3.49
CA ALA A 20 0.02 -6.14 -3.36
C ALA A 20 0.63 -7.53 -3.16
N LEU A 21 1.48 -7.64 -2.13
CA LEU A 21 2.13 -8.92 -1.84
C LEU A 21 1.10 -9.93 -1.36
N ASP A 22 0.56 -10.71 -2.29
CA ASP A 22 -0.44 -11.72 -1.95
C ASP A 22 -1.61 -11.08 -1.21
N HIS A 23 -1.99 -9.87 -1.63
CA HIS A 23 -3.09 -9.15 -1.01
C HIS A 23 -3.07 -9.30 0.51
N LEU A 24 -1.89 -9.11 1.09
CA LEU A 24 -1.74 -9.22 2.54
C LEU A 24 -2.58 -8.17 3.25
N GLY A 1 -18.09 -8.88 12.79
CA GLY A 1 -16.87 -9.35 13.41
C GLY A 1 -15.67 -8.49 13.04
N LYS A 2 -14.64 -8.54 13.87
CA LYS A 2 -13.43 -7.76 13.61
C LYS A 2 -12.66 -8.35 12.43
N GLY A 3 -11.75 -9.28 12.72
CA GLY A 3 -10.95 -9.92 11.69
C GLY A 3 -9.80 -9.29 11.36
N ARG A 4 -10.14 -8.12 10.91
CA ARG A 4 -9.27 -7.52 10.12
C ARG A 4 -7.95 -7.29 10.81
N TRP A 5 -8.01 -7.51 12.10
CA TRP A 5 -6.83 -7.36 12.96
C TRP A 5 -5.60 -7.95 12.26
N LEU A 6 -5.88 -8.90 11.34
CA LEU A 6 -4.83 -9.55 10.57
C LEU A 6 -4.70 -8.92 9.18
N GLU A 7 -5.81 -8.36 8.67
CA GLU A 7 -5.79 -7.72 7.34
C GLU A 7 -5.49 -6.23 7.47
N ARG A 8 -4.57 -5.90 8.37
CA ARG A 8 -4.19 -4.51 8.57
C ARG A 8 -3.44 -3.97 7.36
N ILE A 9 -4.17 -3.38 6.43
CA ILE A 9 -3.57 -2.83 5.22
C ILE A 9 -2.48 -1.82 5.59
N GLY A 10 -1.23 -2.18 5.32
CA GLY A 10 -0.09 -1.31 5.63
C GLY A 10 1.10 -2.09 6.13
N LYS A 11 1.36 -3.23 5.49
CA LYS A 11 2.49 -4.07 5.88
C LYS A 11 3.75 -3.23 5.97
N ALA A 12 3.83 -2.19 5.13
CA ALA A 12 4.99 -1.31 5.11
C ALA A 12 4.64 0.01 4.44
N GLY A 13 3.44 0.08 3.87
CA GLY A 13 2.99 1.28 3.20
C GLY A 13 3.94 1.68 2.08
N GLY A 14 4.56 0.68 1.46
CA GLY A 14 5.50 0.93 0.37
C GLY A 14 5.57 -0.26 -0.57
N ILE A 15 4.95 -1.37 -0.17
CA ILE A 15 4.93 -2.57 -0.98
C ILE A 15 3.74 -3.44 -0.59
N ILE A 16 2.60 -2.80 -0.39
CA ILE A 16 1.38 -3.51 -0.01
C ILE A 16 0.15 -2.77 -0.55
N ILE A 17 0.27 -1.45 -0.68
CA ILE A 17 -0.83 -0.63 -1.19
C ILE A 17 -0.90 -0.75 -2.71
N GLY A 18 -0.13 -1.68 -3.27
CA GLY A 18 -0.12 -1.87 -4.71
C GLY A 18 0.92 -2.90 -5.13
N GLY A 19 1.91 -3.13 -4.26
CA GLY A 19 2.96 -4.08 -4.55
C GLY A 19 2.42 -5.50 -4.67
N ALA A 20 1.48 -5.84 -3.82
CA ALA A 20 0.88 -7.18 -3.84
C ALA A 20 1.97 -8.24 -3.78
N LEU A 21 3.18 -7.82 -3.43
CA LEU A 21 4.31 -8.75 -3.33
C LEU A 21 4.45 -9.54 -4.62
N ASP A 22 3.73 -9.13 -5.66
CA ASP A 22 3.78 -9.82 -6.94
C ASP A 22 5.02 -9.40 -7.74
N HIS A 23 6.07 -9.02 -7.02
CA HIS A 23 7.31 -8.60 -7.67
C HIS A 23 7.02 -7.55 -8.74
N LEU A 24 5.96 -6.78 -8.53
CA LEU A 24 5.58 -5.75 -9.50
C LEU A 24 6.78 -4.85 -9.82
N GLY A 1 1.25 -5.16 27.99
CA GLY A 1 0.80 -3.79 27.88
C GLY A 1 -0.09 -3.58 26.67
N LYS A 2 -1.40 -3.68 26.88
CA LYS A 2 -2.35 -3.50 25.78
C LYS A 2 -2.09 -2.20 25.06
N GLY A 3 -2.91 -1.91 24.05
CA GLY A 3 -2.76 -0.69 23.27
C GLY A 3 -2.89 -0.86 21.93
N ARG A 4 -1.96 -1.71 21.60
CA ARG A 4 -1.57 -1.69 20.34
C ARG A 4 -2.72 -1.98 19.41
N TRP A 5 -3.79 -2.43 20.02
CA TRP A 5 -5.01 -2.77 19.29
C TRP A 5 -5.32 -1.70 18.24
N LEU A 6 -4.70 -0.53 18.41
CA LEU A 6 -4.88 0.60 17.49
C LEU A 6 -3.56 0.92 16.77
N GLU A 7 -2.43 0.46 17.33
CA GLU A 7 -1.13 0.74 16.70
C GLU A 7 -0.81 -0.32 15.65
N ARG A 8 -1.62 -1.37 15.60
CA ARG A 8 -1.41 -2.44 14.63
C ARG A 8 -1.61 -1.90 13.21
N ILE A 9 -0.78 -2.38 12.29
CA ILE A 9 -0.88 -1.95 10.90
C ILE A 9 -0.04 -2.86 10.00
N GLY A 10 -0.70 -3.49 9.03
CA GLY A 10 -0.01 -4.39 8.10
C GLY A 10 0.50 -3.65 6.88
N LYS A 11 -0.01 -2.45 6.66
CA LYS A 11 0.42 -1.65 5.51
C LYS A 11 1.82 -1.09 5.73
N ALA A 12 2.79 -1.65 5.01
CA ALA A 12 4.17 -1.20 5.13
C ALA A 12 4.34 0.12 4.38
N GLY A 13 3.23 0.66 3.88
CA GLY A 13 3.26 1.91 3.15
C GLY A 13 4.42 1.98 2.18
N GLY A 14 4.63 0.90 1.43
CA GLY A 14 5.73 0.87 0.48
C GLY A 14 5.62 -0.30 -0.49
N ILE A 15 5.03 -1.40 -0.04
CA ILE A 15 4.87 -2.58 -0.91
C ILE A 15 3.70 -3.45 -0.46
N ILE A 16 2.52 -2.83 -0.38
CA ILE A 16 1.31 -3.54 0.02
C ILE A 16 0.13 -3.02 -0.81
N ILE A 17 -0.12 -1.71 -0.73
CA ILE A 17 -1.22 -1.10 -1.46
C ILE A 17 -0.93 -1.06 -2.96
N GLY A 18 0.06 -1.82 -3.40
CA GLY A 18 0.42 -1.84 -4.81
C GLY A 18 1.51 -2.85 -5.10
N GLY A 19 2.33 -3.16 -4.10
CA GLY A 19 3.41 -4.10 -4.27
C GLY A 19 2.90 -5.52 -4.41
N ALA A 20 1.71 -5.78 -3.87
CA ALA A 20 1.11 -7.11 -3.94
C ALA A 20 0.54 -7.37 -5.33
N LEU A 21 1.17 -6.79 -6.35
CA LEU A 21 0.70 -6.97 -7.73
C LEU A 21 -0.79 -6.69 -7.83
N ASP A 22 -1.19 -5.46 -7.52
CA ASP A 22 -2.60 -5.09 -7.59
C ASP A 22 -3.44 -6.03 -6.74
N HIS A 23 -2.87 -6.51 -5.65
CA HIS A 23 -3.57 -7.42 -4.76
C HIS A 23 -4.05 -8.65 -5.52
N LEU A 24 -3.11 -9.35 -6.16
CA LEU A 24 -3.44 -10.54 -6.92
C LEU A 24 -2.19 -11.34 -7.24
N GLY A 1 -13.91 19.18 7.66
CA GLY A 1 -13.51 18.23 8.70
C GLY A 1 -12.18 17.58 8.37
N LYS A 2 -11.25 17.67 9.32
CA LYS A 2 -9.93 17.08 9.13
C LYS A 2 -10.02 15.56 9.07
N GLY A 3 -8.87 14.90 8.93
CA GLY A 3 -8.82 13.46 8.86
C GLY A 3 -8.23 12.94 7.76
N ARG A 4 -8.90 13.43 6.75
CA ARG A 4 -8.81 12.74 5.62
C ARG A 4 -7.40 12.64 5.12
N TRP A 5 -6.57 13.43 5.76
CA TRP A 5 -5.14 13.49 5.43
C TRP A 5 -4.59 12.07 5.19
N LEU A 6 -5.33 11.07 5.70
CA LEU A 6 -4.94 9.67 5.54
C LEU A 6 -5.95 8.92 4.67
N GLU A 7 -7.15 9.46 4.50
CA GLU A 7 -8.17 8.79 3.68
C GLU A 7 -7.57 8.35 2.36
N ARG A 8 -6.64 9.14 1.83
CA ARG A 8 -6.00 8.83 0.56
C ARG A 8 -4.90 7.79 0.76
N ILE A 9 -5.30 6.56 1.04
CA ILE A 9 -4.34 5.49 1.25
C ILE A 9 -3.66 5.12 -0.07
N GLY A 10 -2.34 5.25 -0.10
CA GLY A 10 -1.58 4.94 -1.31
C GLY A 10 -0.10 5.16 -1.11
N LYS A 11 0.31 5.38 0.14
CA LYS A 11 1.71 5.60 0.45
C LYS A 11 2.51 4.31 0.28
N ALA A 12 1.86 3.28 -0.25
CA ALA A 12 2.50 1.98 -0.45
C ALA A 12 2.72 1.26 0.87
N GLY A 13 2.71 2.01 1.98
CA GLY A 13 2.91 1.41 3.28
C GLY A 13 4.03 0.40 3.27
N GLY A 14 5.04 0.65 2.43
CA GLY A 14 6.17 -0.25 2.30
C GLY A 14 5.95 -1.27 1.20
N ILE A 15 5.42 -0.81 0.08
CA ILE A 15 5.15 -1.69 -1.05
C ILE A 15 4.11 -2.73 -0.64
N ILE A 16 2.91 -2.24 -0.35
CA ILE A 16 1.80 -3.09 0.06
C ILE A 16 0.63 -2.88 -0.90
N ILE A 17 0.28 -1.62 -1.12
CA ILE A 17 -0.80 -1.31 -2.05
C ILE A 17 -0.33 -1.67 -3.45
N GLY A 18 0.95 -1.39 -3.71
CA GLY A 18 1.55 -1.71 -4.99
C GLY A 18 2.02 -3.16 -4.99
N GLY A 19 2.64 -3.57 -3.89
CA GLY A 19 3.11 -4.93 -3.77
C GLY A 19 2.01 -5.94 -3.99
N ALA A 20 0.84 -5.66 -3.39
CA ALA A 20 -0.30 -6.55 -3.53
C ALA A 20 -0.55 -6.90 -5.00
N LEU A 21 -0.40 -5.89 -5.86
CA LEU A 21 -0.61 -6.10 -7.30
C LEU A 21 0.56 -6.87 -7.90
N ASP A 22 1.74 -6.71 -7.31
CA ASP A 22 2.94 -7.39 -7.80
C ASP A 22 2.94 -8.85 -7.35
N HIS A 23 1.85 -9.56 -7.60
CA HIS A 23 1.74 -10.96 -7.22
C HIS A 23 2.32 -11.22 -5.83
N LEU A 24 1.84 -10.47 -4.84
CA LEU A 24 2.32 -10.63 -3.47
C LEU A 24 1.41 -9.87 -2.50
N GLY A 1 -8.15 8.86 17.44
CA GLY A 1 -9.16 8.36 16.53
C GLY A 1 -8.82 6.97 16.02
N LYS A 2 -9.83 6.28 15.49
CA LYS A 2 -9.64 4.92 14.97
C LYS A 2 -9.06 4.97 13.57
N GLY A 3 -7.95 5.69 13.40
CA GLY A 3 -7.30 5.81 12.11
C GLY A 3 -7.05 4.62 11.49
N ARG A 4 -6.27 3.97 12.30
CA ARG A 4 -5.53 3.02 11.76
C ARG A 4 -6.37 1.96 11.11
N TRP A 5 -7.64 2.05 11.40
CA TRP A 5 -8.63 1.12 10.87
C TRP A 5 -8.35 0.81 9.40
N LEU A 6 -7.58 1.71 8.77
CA LEU A 6 -7.21 1.56 7.36
C LEU A 6 -5.68 1.47 7.21
N GLU A 7 -4.94 1.85 8.26
CA GLU A 7 -3.47 1.80 8.21
C GLU A 7 -2.97 0.42 8.66
N ARG A 8 -3.91 -0.44 9.05
CA ARG A 8 -3.55 -1.78 9.50
C ARG A 8 -2.93 -2.58 8.36
N ILE A 9 -3.66 -2.70 7.25
CA ILE A 9 -3.17 -3.44 6.10
C ILE A 9 -1.83 -2.91 5.63
N GLY A 10 -1.51 -1.69 6.04
CA GLY A 10 -0.25 -1.06 5.65
C GLY A 10 0.95 -1.81 6.19
N LYS A 11 1.28 -2.93 5.56
CA LYS A 11 2.43 -3.72 5.98
C LYS A 11 3.66 -2.81 6.03
N ALA A 12 3.70 -1.85 5.12
CA ALA A 12 4.82 -0.92 5.05
C ALA A 12 4.43 0.32 4.24
N GLY A 13 3.20 0.32 3.73
CA GLY A 13 2.72 1.43 2.94
C GLY A 13 3.70 1.82 1.86
N GLY A 14 4.42 0.84 1.32
CA GLY A 14 5.40 1.07 0.28
C GLY A 14 5.58 -0.15 -0.60
N ILE A 15 5.02 -1.27 -0.15
CA ILE A 15 5.11 -2.52 -0.89
C ILE A 15 3.96 -3.44 -0.49
N ILE A 16 2.77 -2.86 -0.37
CA ILE A 16 1.59 -3.63 0.02
C ILE A 16 0.33 -2.98 -0.58
N ILE A 17 0.34 -1.65 -0.66
CA ILE A 17 -0.80 -0.92 -1.20
C ILE A 17 -0.80 -1.01 -2.73
N GLY A 18 0.14 -1.78 -3.28
CA GLY A 18 0.23 -1.95 -4.71
C GLY A 18 1.16 -3.09 -5.08
N GLY A 19 2.25 -3.24 -4.33
CA GLY A 19 3.20 -4.30 -4.60
C GLY A 19 2.52 -5.66 -4.68
N ALA A 20 1.54 -5.87 -3.81
CA ALA A 20 0.81 -7.14 -3.80
C ALA A 20 0.10 -7.36 -5.13
N LEU A 21 -0.80 -6.45 -5.46
CA LEU A 21 -1.57 -6.55 -6.71
C LEU A 21 -2.31 -7.89 -6.75
N ASP A 22 -3.61 -7.84 -6.46
CA ASP A 22 -4.44 -9.04 -6.48
C ASP A 22 -5.91 -8.67 -6.66
N HIS A 23 -6.34 -7.61 -5.98
CA HIS A 23 -7.73 -7.16 -6.07
C HIS A 23 -7.87 -5.75 -5.52
N LEU A 24 -6.81 -5.25 -4.89
CA LEU A 24 -6.83 -3.91 -4.32
C LEU A 24 -7.18 -2.89 -5.40
N GLY A 1 -16.99 10.80 3.40
CA GLY A 1 -16.21 10.91 2.17
C GLY A 1 -15.06 11.88 2.32
N LYS A 2 -15.35 13.09 2.79
CA LYS A 2 -14.32 14.10 2.97
C LYS A 2 -13.25 13.61 3.94
N GLY A 3 -12.28 14.47 4.21
CA GLY A 3 -11.20 14.13 5.12
C GLY A 3 -10.12 13.54 4.54
N ARG A 4 -10.57 12.44 4.01
CA ARG A 4 -9.67 11.49 3.81
C ARG A 4 -8.59 11.94 2.86
N TRP A 5 -8.87 13.08 2.26
CA TRP A 5 -7.96 13.70 1.31
C TRP A 5 -6.51 13.60 1.79
N LEU A 6 -6.36 13.35 3.10
CA LEU A 6 -5.04 13.21 3.73
C LEU A 6 -4.83 11.78 4.22
N GLU A 7 -5.93 11.03 4.43
CA GLU A 7 -5.83 9.65 4.91
C GLU A 7 -5.76 8.68 3.72
N ARG A 8 -5.45 9.22 2.54
CA ARG A 8 -5.36 8.39 1.35
C ARG A 8 -4.44 7.19 1.60
N ILE A 9 -5.04 6.02 1.76
CA ILE A 9 -4.27 4.80 2.00
C ILE A 9 -3.18 4.64 0.94
N GLY A 10 -3.44 5.19 -0.24
CA GLY A 10 -2.47 5.10 -1.33
C GLY A 10 -1.14 5.73 -0.96
N LYS A 11 -0.19 4.88 -0.57
CA LYS A 11 1.14 5.36 -0.18
C LYS A 11 2.19 4.28 -0.44
N ALA A 12 1.74 3.11 -0.87
CA ALA A 12 2.66 2.02 -1.12
C ALA A 12 3.45 1.74 0.15
N GLY A 13 2.74 1.76 1.28
CA GLY A 13 3.35 1.52 2.58
C GLY A 13 4.42 0.45 2.53
N GLY A 14 5.64 0.86 2.22
CA GLY A 14 6.73 -0.09 2.12
C GLY A 14 6.36 -1.27 1.24
N ILE A 15 5.76 -0.97 0.10
CA ILE A 15 5.33 -2.01 -0.83
C ILE A 15 4.29 -2.91 -0.18
N ILE A 16 3.03 -2.47 -0.23
CA ILE A 16 1.93 -3.24 0.35
C ILE A 16 0.68 -3.11 -0.51
N ILE A 17 0.23 -1.87 -0.73
CA ILE A 17 -0.94 -1.63 -1.57
C ILE A 17 -0.49 -1.52 -3.02
N GLY A 18 0.75 -1.06 -3.19
CA GLY A 18 1.32 -0.91 -4.51
C GLY A 18 1.71 -2.26 -5.08
N GLY A 19 2.57 -2.98 -4.36
CA GLY A 19 3.02 -4.28 -4.80
C GLY A 19 1.95 -5.34 -4.62
N ALA A 20 1.23 -5.27 -3.49
CA ALA A 20 0.17 -6.25 -3.22
C ALA A 20 0.70 -7.66 -3.39
N LEU A 21 2.04 -7.81 -3.34
CA LEU A 21 2.71 -9.10 -3.49
C LEU A 21 1.88 -10.11 -4.31
N ASP A 22 1.45 -9.68 -5.48
CA ASP A 22 0.65 -10.54 -6.35
C ASP A 22 0.49 -9.90 -7.73
N HIS A 23 -0.29 -8.84 -7.80
CA HIS A 23 -0.51 -8.14 -9.07
C HIS A 23 0.78 -7.49 -9.56
N LEU A 24 1.84 -7.65 -8.78
CA LEU A 24 3.14 -7.07 -9.14
C LEU A 24 3.50 -7.46 -10.57
N GLY A 1 7.50 -8.12 23.95
CA GLY A 1 7.49 -6.84 23.24
C GLY A 1 6.42 -6.80 22.17
N LYS A 2 5.16 -6.87 22.59
CA LYS A 2 4.04 -6.83 21.66
C LYS A 2 3.78 -5.41 21.18
N GLY A 3 4.78 -4.80 20.55
CA GLY A 3 4.64 -3.45 20.05
C GLY A 3 3.57 -3.23 19.26
N ARG A 4 3.68 -4.07 18.28
CA ARG A 4 3.03 -3.76 17.16
C ARG A 4 1.54 -3.65 17.39
N TRP A 5 1.17 -4.10 18.57
CA TRP A 5 -0.23 -4.09 18.99
C TRP A 5 -0.92 -2.80 18.54
N LEU A 6 -0.10 -1.76 18.29
CA LEU A 6 -0.60 -0.47 17.84
C LEU A 6 -0.31 -0.29 16.35
N GLU A 7 0.76 -0.93 15.85
CA GLU A 7 1.11 -0.83 14.43
C GLU A 7 0.46 -1.96 13.64
N ARG A 8 -0.73 -2.37 14.07
CA ARG A 8 -1.45 -3.44 13.38
C ARG A 8 -1.76 -3.06 11.95
N ILE A 9 -1.53 -1.79 11.61
CA ILE A 9 -1.81 -1.32 10.26
C ILE A 9 -1.21 -2.28 9.22
N GLY A 10 -2.09 -2.93 8.48
CA GLY A 10 -1.66 -3.87 7.46
C GLY A 10 -0.89 -3.20 6.35
N LYS A 11 -1.20 -1.93 6.09
CA LYS A 11 -0.51 -1.18 5.04
C LYS A 11 0.93 -0.89 5.44
N ALA A 12 1.85 -1.67 4.90
CA ALA A 12 3.27 -1.48 5.21
C ALA A 12 3.76 -0.15 4.62
N GLY A 13 2.86 0.57 3.97
CA GLY A 13 3.20 1.83 3.35
C GLY A 13 4.50 1.77 2.58
N GLY A 14 4.60 0.79 1.69
CA GLY A 14 5.80 0.62 0.89
C GLY A 14 5.60 -0.35 -0.27
N ILE A 15 5.02 -1.51 0.04
CA ILE A 15 4.78 -2.52 -0.99
C ILE A 15 3.60 -3.41 -0.61
N ILE A 16 2.42 -2.79 -0.48
CA ILE A 16 1.20 -3.51 -0.12
C ILE A 16 0.02 -2.94 -0.91
N ILE A 17 -0.10 -1.62 -0.91
CA ILE A 17 -1.18 -0.96 -1.64
C ILE A 17 -0.87 -0.95 -3.14
N GLY A 18 0.18 -1.66 -3.52
CA GLY A 18 0.57 -1.73 -4.92
C GLY A 18 1.57 -2.85 -5.18
N GLY A 19 2.43 -3.10 -4.19
CA GLY A 19 3.44 -4.14 -4.33
C GLY A 19 2.81 -5.52 -4.35
N ALA A 20 1.90 -5.78 -3.41
CA ALA A 20 1.23 -7.07 -3.34
C ALA A 20 0.32 -7.27 -4.55
N LEU A 21 -0.81 -6.55 -4.55
CA LEU A 21 -1.76 -6.65 -5.65
C LEU A 21 -2.39 -8.05 -5.66
N ASP A 22 -3.43 -8.23 -4.85
CA ASP A 22 -4.12 -9.51 -4.77
C ASP A 22 -5.53 -9.31 -4.19
N HIS A 23 -5.65 -9.48 -2.88
CA HIS A 23 -6.94 -9.31 -2.21
C HIS A 23 -7.25 -7.82 -2.07
N LEU A 24 -6.22 -7.03 -1.81
CA LEU A 24 -6.39 -5.59 -1.66
C LEU A 24 -7.51 -5.28 -0.66
N GLY A 1 -13.68 -9.32 21.24
CA GLY A 1 -12.40 -8.73 21.55
C GLY A 1 -11.96 -7.73 20.51
N LYS A 2 -12.85 -6.80 20.18
CA LYS A 2 -12.55 -5.78 19.18
C LYS A 2 -11.47 -4.84 19.69
N GLY A 3 -11.62 -3.54 19.41
CA GLY A 3 -10.61 -2.59 19.82
C GLY A 3 -9.32 -2.98 19.49
N ARG A 4 -9.35 -2.80 18.23
CA ARG A 4 -8.28 -2.69 17.48
C ARG A 4 -8.59 -3.05 16.04
N TRP A 5 -9.75 -3.62 15.85
CA TRP A 5 -10.18 -4.02 14.50
C TRP A 5 -9.87 -2.91 13.50
N LEU A 6 -9.68 -1.70 14.03
CA LEU A 6 -9.37 -0.53 13.23
C LEU A 6 -7.88 -0.21 13.31
N GLU A 7 -7.21 -0.67 14.37
CA GLU A 7 -5.78 -0.41 14.51
C GLU A 7 -4.99 -1.16 13.44
N ARG A 8 -5.54 -2.29 12.99
CA ARG A 8 -4.87 -3.08 11.96
C ARG A 8 -5.00 -2.40 10.60
N ILE A 9 -4.13 -1.44 10.35
CA ILE A 9 -4.15 -0.71 9.08
C ILE A 9 -3.81 -1.65 7.93
N GLY A 10 -2.94 -2.63 8.20
CA GLY A 10 -2.53 -3.58 7.18
C GLY A 10 -1.58 -2.98 6.17
N LYS A 11 -1.82 -1.72 5.83
CA LYS A 11 -0.97 -1.03 4.86
C LYS A 11 0.39 -0.71 5.47
N ALA A 12 1.35 -1.60 5.24
CA ALA A 12 2.70 -1.40 5.77
C ALA A 12 3.30 -0.11 5.22
N GLY A 13 2.58 0.54 4.32
CA GLY A 13 3.05 1.77 3.73
C GLY A 13 4.42 1.60 3.10
N GLY A 14 4.56 0.55 2.30
CA GLY A 14 5.84 0.27 1.63
C GLY A 14 5.63 -0.34 0.26
N ILE A 15 5.02 -1.52 0.22
CA ILE A 15 4.76 -2.20 -1.05
C ILE A 15 3.58 -3.16 -0.91
N ILE A 16 2.54 -2.69 -0.24
CA ILE A 16 1.33 -3.47 -0.01
C ILE A 16 0.25 -3.01 -1.00
N ILE A 17 -0.07 -1.72 -0.95
CA ILE A 17 -1.09 -1.16 -1.83
C ILE A 17 -0.57 -1.02 -3.25
N GLY A 18 0.52 -1.74 -3.56
CA GLY A 18 1.11 -1.70 -4.88
C GLY A 18 1.84 -2.99 -5.23
N GLY A 19 2.66 -3.46 -4.29
CA GLY A 19 3.41 -4.68 -4.50
C GLY A 19 2.52 -5.91 -4.45
N ALA A 20 1.57 -5.90 -3.51
CA ALA A 20 0.65 -7.03 -3.37
C ALA A 20 -0.02 -7.34 -4.70
N LEU A 21 -0.90 -6.43 -5.13
CA LEU A 21 -1.61 -6.62 -6.39
C LEU A 21 -2.47 -7.89 -6.31
N ASP A 22 -3.64 -7.77 -5.70
CA ASP A 22 -4.56 -8.89 -5.55
C ASP A 22 -5.97 -8.40 -5.25
N HIS A 23 -6.64 -7.87 -6.27
CA HIS A 23 -7.99 -7.36 -6.10
C HIS A 23 -8.04 -6.29 -5.02
N LEU A 24 -6.85 -5.90 -4.54
CA LEU A 24 -6.77 -4.88 -3.50
C LEU A 24 -5.31 -4.45 -3.29
N GLY A 1 -7.11 -8.46 25.83
CA GLY A 1 -6.90 -9.35 24.72
C GLY A 1 -6.77 -8.61 23.40
N LYS A 2 -7.62 -8.96 22.45
CA LYS A 2 -7.58 -8.31 21.14
C LYS A 2 -7.90 -6.82 21.28
N GLY A 3 -8.79 -6.31 20.42
CA GLY A 3 -9.12 -4.90 20.46
C GLY A 3 -8.00 -4.10 20.35
N ARG A 4 -7.70 -4.27 19.12
CA ARG A 4 -6.94 -3.44 18.44
C ARG A 4 -6.37 -4.13 17.22
N TRP A 5 -6.52 -5.43 17.19
CA TRP A 5 -6.02 -6.24 16.07
C TRP A 5 -6.36 -5.54 14.75
N LEU A 6 -7.37 -4.67 14.81
CA LEU A 6 -7.82 -3.91 13.65
C LEU A 6 -7.28 -2.48 13.69
N GLU A 7 -6.90 -2.01 14.88
CA GLU A 7 -6.36 -0.65 15.00
C GLU A 7 -5.03 -0.53 14.28
N ARG A 8 -4.30 -1.63 14.22
CA ARG A 8 -3.00 -1.65 13.55
C ARG A 8 -3.16 -1.45 12.05
N ILE A 9 -2.39 -0.52 11.49
CA ILE A 9 -2.47 -0.25 10.06
C ILE A 9 -1.80 -1.38 9.27
N GLY A 10 -2.56 -2.00 8.38
CA GLY A 10 -2.04 -3.09 7.58
C GLY A 10 -1.09 -2.60 6.51
N LYS A 11 -1.35 -1.39 6.02
CA LYS A 11 -0.50 -0.80 4.99
C LYS A 11 0.87 -0.47 5.55
N ALA A 12 1.87 -1.28 5.22
CA ALA A 12 3.23 -1.05 5.70
C ALA A 12 3.81 0.19 5.05
N GLY A 13 3.02 0.85 4.22
CA GLY A 13 3.47 2.05 3.54
C GLY A 13 4.83 1.85 2.88
N GLY A 14 4.89 0.90 1.95
CA GLY A 14 6.14 0.62 1.26
C GLY A 14 5.92 -0.21 0.01
N ILE A 15 5.38 -1.41 0.17
CA ILE A 15 5.12 -2.29 -0.96
C ILE A 15 4.02 -3.29 -0.61
N ILE A 16 2.85 -2.76 -0.27
CA ILE A 16 1.69 -3.57 0.10
C ILE A 16 0.52 -3.21 -0.82
N ILE A 17 0.08 -1.96 -0.73
CA ILE A 17 -1.03 -1.52 -1.57
C ILE A 17 -0.61 -1.60 -3.04
N GLY A 18 0.65 -1.28 -3.31
CA GLY A 18 1.20 -1.33 -4.65
C GLY A 18 1.87 -2.67 -4.93
N GLY A 19 2.50 -3.23 -3.90
CA GLY A 19 3.17 -4.51 -4.05
C GLY A 19 2.19 -5.67 -4.19
N ALA A 20 1.00 -5.50 -3.63
CA ALA A 20 -0.02 -6.54 -3.70
C ALA A 20 -0.47 -6.76 -5.15
N LEU A 21 -0.40 -5.70 -5.95
CA LEU A 21 -0.81 -5.80 -7.35
C LEU A 21 -2.23 -6.36 -7.46
N ASP A 22 -2.35 -7.57 -8.01
CA ASP A 22 -3.66 -8.20 -8.17
C ASP A 22 -4.62 -7.27 -8.91
N HIS A 23 -5.30 -6.41 -8.16
CA HIS A 23 -6.24 -5.47 -8.76
C HIS A 23 -6.63 -4.39 -7.76
N LEU A 24 -5.64 -3.88 -7.03
CA LEU A 24 -5.89 -2.84 -6.04
C LEU A 24 -4.57 -2.31 -5.48
N GLY A 1 -20.08 7.89 -5.43
CA GLY A 1 -18.87 8.63 -5.14
C GLY A 1 -17.63 7.82 -5.40
N LYS A 2 -17.02 7.31 -4.32
CA LYS A 2 -15.81 6.51 -4.45
C LYS A 2 -14.74 7.27 -5.21
N GLY A 3 -13.98 6.56 -6.05
CA GLY A 3 -12.92 7.20 -6.80
C GLY A 3 -12.04 7.91 -6.03
N ARG A 4 -11.46 6.98 -5.38
CA ARG A 4 -10.28 7.15 -4.81
C ARG A 4 -10.01 6.03 -3.81
N TRP A 5 -11.05 5.27 -3.54
CA TRP A 5 -10.95 4.16 -2.60
C TRP A 5 -9.65 3.38 -2.86
N LEU A 6 -9.10 3.57 -4.06
CA LEU A 6 -7.86 2.92 -4.47
C LEU A 6 -6.72 3.95 -4.57
N GLU A 7 -7.06 5.24 -4.70
CA GLU A 7 -6.05 6.29 -4.80
C GLU A 7 -5.97 7.07 -3.49
N ARG A 8 -6.55 6.49 -2.44
CA ARG A 8 -6.52 7.12 -1.12
C ARG A 8 -5.14 6.99 -0.50
N ILE A 9 -4.81 5.79 -0.03
CA ILE A 9 -3.51 5.53 0.59
C ILE A 9 -2.47 5.23 -0.49
N GLY A 10 -2.81 5.56 -1.74
CA GLY A 10 -1.91 5.32 -2.85
C GLY A 10 -0.51 5.84 -2.57
N LYS A 11 0.31 5.00 -1.95
CA LYS A 11 1.69 5.37 -1.63
C LYS A 11 2.56 4.11 -1.50
N ALA A 12 1.95 2.96 -1.69
CA ALA A 12 2.69 1.70 -1.57
C ALA A 12 3.37 1.66 -0.21
N GLY A 13 2.56 1.76 0.85
CA GLY A 13 3.10 1.75 2.21
C GLY A 13 4.13 0.66 2.39
N GLY A 14 5.38 0.99 2.09
CA GLY A 14 6.45 0.02 2.21
C GLY A 14 6.19 -1.19 1.34
N ILE A 15 5.72 -0.94 0.13
CA ILE A 15 5.42 -2.00 -0.82
C ILE A 15 4.34 -2.92 -0.26
N ILE A 16 3.10 -2.41 -0.23
CA ILE A 16 1.96 -3.19 0.26
C ILE A 16 0.78 -3.03 -0.69
N ILE A 17 0.12 -1.89 -0.65
CA ILE A 17 -1.00 -1.67 -1.55
C ILE A 17 -0.48 -1.58 -2.98
N GLY A 18 0.81 -1.27 -3.10
CA GLY A 18 1.45 -1.17 -4.41
C GLY A 18 1.86 -2.53 -4.93
N GLY A 19 2.63 -3.26 -4.13
CA GLY A 19 3.08 -4.58 -4.53
C GLY A 19 1.94 -5.58 -4.56
N ALA A 20 1.10 -5.57 -3.53
CA ALA A 20 -0.03 -6.49 -3.46
C ALA A 20 -0.85 -6.42 -4.74
N LEU A 21 -1.12 -5.20 -5.19
CA LEU A 21 -1.90 -5.00 -6.42
C LEU A 21 -3.35 -5.48 -6.20
N ASP A 22 -4.25 -4.51 -6.06
CA ASP A 22 -5.66 -4.84 -5.85
C ASP A 22 -5.83 -5.86 -4.73
N HIS A 23 -4.91 -5.85 -3.77
CA HIS A 23 -4.97 -6.78 -2.65
C HIS A 23 -5.08 -8.22 -3.16
N LEU A 24 -4.28 -8.54 -4.18
CA LEU A 24 -4.31 -9.88 -4.75
C LEU A 24 -3.14 -10.07 -5.71
#